data_2Q37
# 
_entry.id   2Q37 
# 
_audit_conform.dict_name       mmcif_pdbx.dic 
_audit_conform.dict_version    5.398 
_audit_conform.dict_location   http://mmcif.pdb.org/dictionaries/ascii/mmcif_pdbx.dic 
# 
loop_
_database_2.database_id 
_database_2.database_code 
_database_2.pdbx_database_accession 
_database_2.pdbx_DOI 
PDB   2Q37         pdb_00002q37 10.2210/pdb2q37/pdb 
RCSB  RCSB043091   ?            ?                   
WWPDB D_1000043091 ?            ?                   
# 
loop_
_pdbx_audit_revision_history.ordinal 
_pdbx_audit_revision_history.data_content_type 
_pdbx_audit_revision_history.major_revision 
_pdbx_audit_revision_history.minor_revision 
_pdbx_audit_revision_history.revision_date 
1 'Structure model' 1 0 2007-06-12 
2 'Structure model' 1 1 2008-05-01 
3 'Structure model' 1 2 2011-07-13 
4 'Structure model' 1 3 2024-10-30 
# 
_pdbx_audit_revision_details.ordinal             1 
_pdbx_audit_revision_details.revision_ordinal    1 
_pdbx_audit_revision_details.data_content_type   'Structure model' 
_pdbx_audit_revision_details.provider            repository 
_pdbx_audit_revision_details.type                'Initial release' 
_pdbx_audit_revision_details.description         ? 
_pdbx_audit_revision_details.details             ? 
# 
loop_
_pdbx_audit_revision_group.ordinal 
_pdbx_audit_revision_group.revision_ordinal 
_pdbx_audit_revision_group.data_content_type 
_pdbx_audit_revision_group.group 
1 2 'Structure model' 'Version format compliance' 
2 3 'Structure model' 'Version format compliance' 
3 4 'Structure model' 'Data collection'           
4 4 'Structure model' 'Database references'       
5 4 'Structure model' 'Derived calculations'      
6 4 'Structure model' 'Structure summary'         
# 
loop_
_pdbx_audit_revision_category.ordinal 
_pdbx_audit_revision_category.revision_ordinal 
_pdbx_audit_revision_category.data_content_type 
_pdbx_audit_revision_category.category 
1 4 'Structure model' chem_comp_atom            
2 4 'Structure model' chem_comp_bond            
3 4 'Structure model' database_2                
4 4 'Structure model' pdbx_entry_details        
5 4 'Structure model' pdbx_modification_feature 
6 4 'Structure model' struct_conn               
7 4 'Structure model' struct_ref_seq_dif        
8 4 'Structure model' struct_site               
# 
loop_
_pdbx_audit_revision_item.ordinal 
_pdbx_audit_revision_item.revision_ordinal 
_pdbx_audit_revision_item.data_content_type 
_pdbx_audit_revision_item.item 
1 4 'Structure model' '_database_2.pdbx_DOI'                
2 4 'Structure model' '_database_2.pdbx_database_accession' 
3 4 'Structure model' '_struct_conn.pdbx_leaving_atom_flag' 
4 4 'Structure model' '_struct_ref_seq_dif.details'         
5 4 'Structure model' '_struct_site.pdbx_auth_asym_id'      
6 4 'Structure model' '_struct_site.pdbx_auth_comp_id'      
7 4 'Structure model' '_struct_site.pdbx_auth_seq_id'       
# 
_pdbx_database_status.status_code                     REL 
_pdbx_database_status.entry_id                        2Q37 
_pdbx_database_status.recvd_initial_deposition_date   2007-05-30 
_pdbx_database_status.deposit_site                    RCSB 
_pdbx_database_status.process_site                    RCSB 
_pdbx_database_status.status_code_sf                  REL 
_pdbx_database_status.status_code_mr                  ? 
_pdbx_database_status.SG_entry                        ? 
_pdbx_database_status.pdb_format_compatible           Y 
_pdbx_database_status.status_code_cs                  ? 
_pdbx_database_status.status_code_nmr_data            ? 
_pdbx_database_status.methods_development_category    ? 
# 
_audit_author.name           'Kim, K.' 
_audit_author.pdbx_ordinal   1 
# 
_citation.id                        primary 
_citation.title                     'Structural and functional basis for (s)-allantoin formation in the ureide pathway.' 
_citation.journal_abbrev            J.Biol.Chem. 
_citation.journal_volume            282 
_citation.page_first                23457 
_citation.page_last                 23464 
_citation.year                      2007 
_citation.journal_id_ASTM           JBCHA3 
_citation.country                   US 
_citation.journal_id_ISSN           0021-9258 
_citation.journal_id_CSD            0071 
_citation.book_publisher            ? 
_citation.pdbx_database_id_PubMed   17567580 
_citation.pdbx_database_id_DOI      10.1074/jbc.M703211200 
# 
loop_
_citation_author.citation_id 
_citation_author.name 
_citation_author.ordinal 
_citation_author.identifier_ORCID 
primary 'Kim, K.'  1 ? 
primary 'Park, J.' 2 ? 
primary 'Rhee, S.' 3 ? 
# 
loop_
_entity.id 
_entity.type 
_entity.src_method 
_entity.pdbx_description 
_entity.formula_weight 
_entity.pdbx_number_of_molecules 
_entity.pdbx_ec 
_entity.pdbx_mutation 
_entity.pdbx_fragment 
_entity.details 
1 polymer     man 'OHCU decarboxylase'                      20837.164 1  ? ? 'residues 1-161' ? 
2 non-polymer syn '1-[(4S)-2,5-DIOXOIMIDAZOLIDIN-4-YL]UREA' 158.115   1  ? ? ?                ? 
3 water       nat water                                     18.015    21 ? ? ?                ? 
# 
_entity_name_com.entity_id   1 
_entity_name_com.name        'Transthyretin-like protein' 
# 
_entity_poly.entity_id                      1 
_entity_poly.type                           'polypeptide(L)' 
_entity_poly.nstd_linkage                   no 
_entity_poly.nstd_monomer                   yes 
_entity_poly.pdbx_seq_one_letter_code       
;(MSE)GSSHHHHHSSGENLYFQGH(MSE)A(MSE)EIGEDEWKVCCGSSEFAKQ(MSE)STSGPLTSQEAIYTARDIWFN
QVNVTDWLEAFSAHPQIGNTPSPSINSDFARRSVSEQSTAFATTSASALQELAEWNVLYKKKFGFIFIICASGRTHAE
(MSE)LHALKERYENRPIVELEIAA(MSE)EQ(MSE)KITELR(MSE)AKLFSDK
;
_entity_poly.pdbx_seq_one_letter_code_can   
;MGSSHHHHHSSGENLYFQGHMAMEIGEDEWKVCCGSSEFAKQMSTSGPLTSQEAIYTARDIWFNQVNVTDWLEAFSAHPQ
IGNTPSPSINSDFARRSVSEQSTAFATTSASALQELAEWNVLYKKKFGFIFIICASGRTHAEMLHALKERYENRPIVELE
IAAMEQMKITELRMAKLFSDK
;
_entity_poly.pdbx_strand_id                 A 
_entity_poly.pdbx_target_identifier         ? 
# 
loop_
_pdbx_entity_nonpoly.entity_id 
_pdbx_entity_nonpoly.name 
_pdbx_entity_nonpoly.comp_id 
2 '1-[(4S)-2,5-DIOXOIMIDAZOLIDIN-4-YL]UREA' 3AL 
3 water                                     HOH 
# 
loop_
_entity_poly_seq.entity_id 
_entity_poly_seq.num 
_entity_poly_seq.mon_id 
_entity_poly_seq.hetero 
1 1   MSE n 
1 2   GLY n 
1 3   SER n 
1 4   SER n 
1 5   HIS n 
1 6   HIS n 
1 7   HIS n 
1 8   HIS n 
1 9   HIS n 
1 10  SER n 
1 11  SER n 
1 12  GLY n 
1 13  GLU n 
1 14  ASN n 
1 15  LEU n 
1 16  TYR n 
1 17  PHE n 
1 18  GLN n 
1 19  GLY n 
1 20  HIS n 
1 21  MSE n 
1 22  ALA n 
1 23  MSE n 
1 24  GLU n 
1 25  ILE n 
1 26  GLY n 
1 27  GLU n 
1 28  ASP n 
1 29  GLU n 
1 30  TRP n 
1 31  LYS n 
1 32  VAL n 
1 33  CYS n 
1 34  CYS n 
1 35  GLY n 
1 36  SER n 
1 37  SER n 
1 38  GLU n 
1 39  PHE n 
1 40  ALA n 
1 41  LYS n 
1 42  GLN n 
1 43  MSE n 
1 44  SER n 
1 45  THR n 
1 46  SER n 
1 47  GLY n 
1 48  PRO n 
1 49  LEU n 
1 50  THR n 
1 51  SER n 
1 52  GLN n 
1 53  GLU n 
1 54  ALA n 
1 55  ILE n 
1 56  TYR n 
1 57  THR n 
1 58  ALA n 
1 59  ARG n 
1 60  ASP n 
1 61  ILE n 
1 62  TRP n 
1 63  PHE n 
1 64  ASN n 
1 65  GLN n 
1 66  VAL n 
1 67  ASN n 
1 68  VAL n 
1 69  THR n 
1 70  ASP n 
1 71  TRP n 
1 72  LEU n 
1 73  GLU n 
1 74  ALA n 
1 75  PHE n 
1 76  SER n 
1 77  ALA n 
1 78  HIS n 
1 79  PRO n 
1 80  GLN n 
1 81  ILE n 
1 82  GLY n 
1 83  ASN n 
1 84  THR n 
1 85  PRO n 
1 86  SER n 
1 87  PRO n 
1 88  SER n 
1 89  ILE n 
1 90  ASN n 
1 91  SER n 
1 92  ASP n 
1 93  PHE n 
1 94  ALA n 
1 95  ARG n 
1 96  ARG n 
1 97  SER n 
1 98  VAL n 
1 99  SER n 
1 100 GLU n 
1 101 GLN n 
1 102 SER n 
1 103 THR n 
1 104 ALA n 
1 105 PHE n 
1 106 ALA n 
1 107 THR n 
1 108 THR n 
1 109 SER n 
1 110 ALA n 
1 111 SER n 
1 112 ALA n 
1 113 LEU n 
1 114 GLN n 
1 115 GLU n 
1 116 LEU n 
1 117 ALA n 
1 118 GLU n 
1 119 TRP n 
1 120 ASN n 
1 121 VAL n 
1 122 LEU n 
1 123 TYR n 
1 124 LYS n 
1 125 LYS n 
1 126 LYS n 
1 127 PHE n 
1 128 GLY n 
1 129 PHE n 
1 130 ILE n 
1 131 PHE n 
1 132 ILE n 
1 133 ILE n 
1 134 CYS n 
1 135 ALA n 
1 136 SER n 
1 137 GLY n 
1 138 ARG n 
1 139 THR n 
1 140 HIS n 
1 141 ALA n 
1 142 GLU n 
1 143 MSE n 
1 144 LEU n 
1 145 HIS n 
1 146 ALA n 
1 147 LEU n 
1 148 LYS n 
1 149 GLU n 
1 150 ARG n 
1 151 TYR n 
1 152 GLU n 
1 153 ASN n 
1 154 ARG n 
1 155 PRO n 
1 156 ILE n 
1 157 VAL n 
1 158 GLU n 
1 159 LEU n 
1 160 GLU n 
1 161 ILE n 
1 162 ALA n 
1 163 ALA n 
1 164 MSE n 
1 165 GLU n 
1 166 GLN n 
1 167 MSE n 
1 168 LYS n 
1 169 ILE n 
1 170 THR n 
1 171 GLU n 
1 172 LEU n 
1 173 ARG n 
1 174 MSE n 
1 175 ALA n 
1 176 LYS n 
1 177 LEU n 
1 178 PHE n 
1 179 SER n 
1 180 ASP n 
1 181 LYS n 
# 
_entity_src_gen.entity_id                          1 
_entity_src_gen.pdbx_src_id                        1 
_entity_src_gen.pdbx_alt_source_flag               sample 
_entity_src_gen.pdbx_seq_type                      ? 
_entity_src_gen.pdbx_beg_seq_num                   ? 
_entity_src_gen.pdbx_end_seq_num                   ? 
_entity_src_gen.gene_src_common_name               'thale cress' 
_entity_src_gen.gene_src_genus                     Arabidopsis 
_entity_src_gen.pdbx_gene_src_gene                 TTL 
_entity_src_gen.gene_src_species                   ? 
_entity_src_gen.gene_src_strain                    ? 
_entity_src_gen.gene_src_tissue                    ? 
_entity_src_gen.gene_src_tissue_fraction           ? 
_entity_src_gen.gene_src_details                   ? 
_entity_src_gen.pdbx_gene_src_fragment             ? 
_entity_src_gen.pdbx_gene_src_scientific_name      'Arabidopsis thaliana' 
_entity_src_gen.pdbx_gene_src_ncbi_taxonomy_id     3702 
_entity_src_gen.pdbx_gene_src_variant              ? 
_entity_src_gen.pdbx_gene_src_cell_line            ? 
_entity_src_gen.pdbx_gene_src_atcc                 ? 
_entity_src_gen.pdbx_gene_src_organ                ? 
_entity_src_gen.pdbx_gene_src_organelle            ? 
_entity_src_gen.pdbx_gene_src_cell                 ? 
_entity_src_gen.pdbx_gene_src_cellular_location    ? 
_entity_src_gen.host_org_common_name               ? 
_entity_src_gen.pdbx_host_org_scientific_name      'Escherichia coli BL21(DE3)' 
_entity_src_gen.pdbx_host_org_ncbi_taxonomy_id     469008 
_entity_src_gen.host_org_genus                     Escherichia 
_entity_src_gen.pdbx_host_org_gene                 ? 
_entity_src_gen.pdbx_host_org_organ                ? 
_entity_src_gen.host_org_species                   'Escherichia coli' 
_entity_src_gen.pdbx_host_org_tissue               ? 
_entity_src_gen.pdbx_host_org_tissue_fraction      ? 
_entity_src_gen.pdbx_host_org_strain               'BL21(DE3)' 
_entity_src_gen.pdbx_host_org_variant              ? 
_entity_src_gen.pdbx_host_org_cell_line            ? 
_entity_src_gen.pdbx_host_org_atcc                 ? 
_entity_src_gen.pdbx_host_org_culture_collection   ? 
_entity_src_gen.pdbx_host_org_cell                 ? 
_entity_src_gen.pdbx_host_org_organelle            ? 
_entity_src_gen.pdbx_host_org_cellular_location    ? 
_entity_src_gen.pdbx_host_org_vector_type          Plasmid 
_entity_src_gen.pdbx_host_org_vector               ? 
_entity_src_gen.host_org_details                   ? 
_entity_src_gen.expression_system_id               ? 
_entity_src_gen.plasmid_name                       pET28 
_entity_src_gen.plasmid_details                    ? 
_entity_src_gen.pdbx_description                   ? 
# 
loop_
_chem_comp.id 
_chem_comp.type 
_chem_comp.mon_nstd_flag 
_chem_comp.name 
_chem_comp.pdbx_synonyms 
_chem_comp.formula 
_chem_comp.formula_weight 
3AL non-polymer         . '1-[(4S)-2,5-DIOXOIMIDAZOLIDIN-4-YL]UREA' '(S)-ALLANTOIN' 'C4 H6 N4 O3'    158.115 
ALA 'L-peptide linking' y ALANINE                                   ?               'C3 H7 N O2'     89.093  
ARG 'L-peptide linking' y ARGININE                                  ?               'C6 H15 N4 O2 1' 175.209 
ASN 'L-peptide linking' y ASPARAGINE                                ?               'C4 H8 N2 O3'    132.118 
ASP 'L-peptide linking' y 'ASPARTIC ACID'                           ?               'C4 H7 N O4'     133.103 
CYS 'L-peptide linking' y CYSTEINE                                  ?               'C3 H7 N O2 S'   121.158 
GLN 'L-peptide linking' y GLUTAMINE                                 ?               'C5 H10 N2 O3'   146.144 
GLU 'L-peptide linking' y 'GLUTAMIC ACID'                           ?               'C5 H9 N O4'     147.129 
GLY 'peptide linking'   y GLYCINE                                   ?               'C2 H5 N O2'     75.067  
HIS 'L-peptide linking' y HISTIDINE                                 ?               'C6 H10 N3 O2 1' 156.162 
HOH non-polymer         . WATER                                     ?               'H2 O'           18.015  
ILE 'L-peptide linking' y ISOLEUCINE                                ?               'C6 H13 N O2'    131.173 
LEU 'L-peptide linking' y LEUCINE                                   ?               'C6 H13 N O2'    131.173 
LYS 'L-peptide linking' y LYSINE                                    ?               'C6 H15 N2 O2 1' 147.195 
MET 'L-peptide linking' y METHIONINE                                ?               'C5 H11 N O2 S'  149.211 
MSE 'L-peptide linking' n SELENOMETHIONINE                          ?               'C5 H11 N O2 Se' 196.106 
PHE 'L-peptide linking' y PHENYLALANINE                             ?               'C9 H11 N O2'    165.189 
PRO 'L-peptide linking' y PROLINE                                   ?               'C5 H9 N O2'     115.130 
SER 'L-peptide linking' y SERINE                                    ?               'C3 H7 N O3'     105.093 
THR 'L-peptide linking' y THREONINE                                 ?               'C4 H9 N O3'     119.119 
TRP 'L-peptide linking' y TRYPTOPHAN                                ?               'C11 H12 N2 O2'  204.225 
TYR 'L-peptide linking' y TYROSINE                                  ?               'C9 H11 N O3'    181.189 
VAL 'L-peptide linking' y VALINE                                    ?               'C5 H11 N O2'    117.146 
# 
loop_
_pdbx_poly_seq_scheme.asym_id 
_pdbx_poly_seq_scheme.entity_id 
_pdbx_poly_seq_scheme.seq_id 
_pdbx_poly_seq_scheme.mon_id 
_pdbx_poly_seq_scheme.ndb_seq_num 
_pdbx_poly_seq_scheme.pdb_seq_num 
_pdbx_poly_seq_scheme.auth_seq_num 
_pdbx_poly_seq_scheme.pdb_mon_id 
_pdbx_poly_seq_scheme.auth_mon_id 
_pdbx_poly_seq_scheme.pdb_strand_id 
_pdbx_poly_seq_scheme.pdb_ins_code 
_pdbx_poly_seq_scheme.hetero 
A 1 1   MSE 1   -19 ?   ?   ?   A . n 
A 1 2   GLY 2   -18 ?   ?   ?   A . n 
A 1 3   SER 3   -17 ?   ?   ?   A . n 
A 1 4   SER 4   -16 ?   ?   ?   A . n 
A 1 5   HIS 5   -15 ?   ?   ?   A . n 
A 1 6   HIS 6   -14 ?   ?   ?   A . n 
A 1 7   HIS 7   -13 ?   ?   ?   A . n 
A 1 8   HIS 8   -12 ?   ?   ?   A . n 
A 1 9   HIS 9   -11 ?   ?   ?   A . n 
A 1 10  SER 10  -10 ?   ?   ?   A . n 
A 1 11  SER 11  -9  ?   ?   ?   A . n 
A 1 12  GLY 12  -8  ?   ?   ?   A . n 
A 1 13  GLU 13  -7  ?   ?   ?   A . n 
A 1 14  ASN 14  -6  ?   ?   ?   A . n 
A 1 15  LEU 15  -5  ?   ?   ?   A . n 
A 1 16  TYR 16  -4  ?   ?   ?   A . n 
A 1 17  PHE 17  -3  ?   ?   ?   A . n 
A 1 18  GLN 18  -2  ?   ?   ?   A . n 
A 1 19  GLY 19  -1  ?   ?   ?   A . n 
A 1 20  HIS 20  0   ?   ?   ?   A . n 
A 1 21  MSE 21  1   ?   ?   ?   A . n 
A 1 22  ALA 22  2   ?   ?   ?   A . n 
A 1 23  MSE 23  3   ?   ?   ?   A . n 
A 1 24  GLU 24  4   ?   ?   ?   A . n 
A 1 25  ILE 25  5   ?   ?   ?   A . n 
A 1 26  GLY 26  6   6   GLY GLY A . n 
A 1 27  GLU 27  7   7   GLU GLU A . n 
A 1 28  ASP 28  8   8   ASP ASP A . n 
A 1 29  GLU 29  9   9   GLU GLU A . n 
A 1 30  TRP 30  10  10  TRP TRP A . n 
A 1 31  LYS 31  11  11  LYS LYS A . n 
A 1 32  VAL 32  12  12  VAL VAL A . n 
A 1 33  CYS 33  13  13  CYS CYS A . n 
A 1 34  CYS 34  14  14  CYS CYS A . n 
A 1 35  GLY 35  15  15  GLY GLY A . n 
A 1 36  SER 36  16  16  SER SER A . n 
A 1 37  SER 37  17  17  SER SER A . n 
A 1 38  GLU 38  18  18  GLU GLU A . n 
A 1 39  PHE 39  19  19  PHE PHE A . n 
A 1 40  ALA 40  20  20  ALA ALA A . n 
A 1 41  LYS 41  21  21  LYS LYS A . n 
A 1 42  GLN 42  22  22  GLN GLN A . n 
A 1 43  MSE 43  23  23  MSE MSE A . n 
A 1 44  SER 44  24  24  SER SER A . n 
A 1 45  THR 45  25  25  THR THR A . n 
A 1 46  SER 46  26  26  SER SER A . n 
A 1 47  GLY 47  27  27  GLY GLY A . n 
A 1 48  PRO 48  28  28  PRO PRO A . n 
A 1 49  LEU 49  29  29  LEU LEU A . n 
A 1 50  THR 50  30  30  THR THR A . n 
A 1 51  SER 51  31  31  SER SER A . n 
A 1 52  GLN 52  32  32  GLN GLN A . n 
A 1 53  GLU 53  33  33  GLU GLU A . n 
A 1 54  ALA 54  34  34  ALA ALA A . n 
A 1 55  ILE 55  35  35  ILE ILE A . n 
A 1 56  TYR 56  36  36  TYR TYR A . n 
A 1 57  THR 57  37  37  THR THR A . n 
A 1 58  ALA 58  38  38  ALA ALA A . n 
A 1 59  ARG 59  39  39  ARG ARG A . n 
A 1 60  ASP 60  40  40  ASP ASP A . n 
A 1 61  ILE 61  41  41  ILE ILE A . n 
A 1 62  TRP 62  42  42  TRP TRP A . n 
A 1 63  PHE 63  43  43  PHE PHE A . n 
A 1 64  ASN 64  44  44  ASN ASN A . n 
A 1 65  GLN 65  45  45  GLN GLN A . n 
A 1 66  VAL 66  46  46  VAL VAL A . n 
A 1 67  ASN 67  47  47  ASN ASN A . n 
A 1 68  VAL 68  48  48  VAL VAL A . n 
A 1 69  THR 69  49  49  THR THR A . n 
A 1 70  ASP 70  50  50  ASP ASP A . n 
A 1 71  TRP 71  51  51  TRP TRP A . n 
A 1 72  LEU 72  52  52  LEU LEU A . n 
A 1 73  GLU 73  53  53  GLU GLU A . n 
A 1 74  ALA 74  54  54  ALA ALA A . n 
A 1 75  PHE 75  55  55  PHE PHE A . n 
A 1 76  SER 76  56  56  SER SER A . n 
A 1 77  ALA 77  57  57  ALA ALA A . n 
A 1 78  HIS 78  58  58  HIS HIS A . n 
A 1 79  PRO 79  59  59  PRO PRO A . n 
A 1 80  GLN 80  60  60  GLN GLN A . n 
A 1 81  ILE 81  61  61  ILE ILE A . n 
A 1 82  GLY 82  62  62  GLY GLY A . n 
A 1 83  ASN 83  63  63  ASN ASN A . n 
A 1 84  THR 84  64  64  THR THR A . n 
A 1 85  PRO 85  65  65  PRO PRO A . n 
A 1 86  SER 86  66  ?   ?   ?   A . n 
A 1 87  PRO 87  67  ?   ?   ?   A . n 
A 1 88  SER 88  68  ?   ?   ?   A . n 
A 1 89  ILE 89  69  ?   ?   ?   A . n 
A 1 90  ASN 90  70  ?   ?   ?   A . n 
A 1 91  SER 91  71  ?   ?   ?   A . n 
A 1 92  ASP 92  72  ?   ?   ?   A . n 
A 1 93  PHE 93  73  ?   ?   ?   A . n 
A 1 94  ALA 94  74  ?   ?   ?   A . n 
A 1 95  ARG 95  75  ?   ?   ?   A . n 
A 1 96  ARG 96  76  ?   ?   ?   A . n 
A 1 97  SER 97  77  ?   ?   ?   A . n 
A 1 98  VAL 98  78  ?   ?   ?   A . n 
A 1 99  SER 99  79  79  SER SER A . n 
A 1 100 GLU 100 80  80  GLU GLU A . n 
A 1 101 GLN 101 81  81  GLN GLN A . n 
A 1 102 SER 102 82  82  SER SER A . n 
A 1 103 THR 103 83  83  THR THR A . n 
A 1 104 ALA 104 84  84  ALA ALA A . n 
A 1 105 PHE 105 85  85  PHE PHE A . n 
A 1 106 ALA 106 86  86  ALA ALA A . n 
A 1 107 THR 107 87  87  THR THR A . n 
A 1 108 THR 108 88  88  THR THR A . n 
A 1 109 SER 109 89  89  SER SER A . n 
A 1 110 ALA 110 90  90  ALA ALA A . n 
A 1 111 SER 111 91  91  SER SER A . n 
A 1 112 ALA 112 92  92  ALA ALA A . n 
A 1 113 LEU 113 93  93  LEU LEU A . n 
A 1 114 GLN 114 94  94  GLN GLN A . n 
A 1 115 GLU 115 95  95  GLU GLU A . n 
A 1 116 LEU 116 96  96  LEU LEU A . n 
A 1 117 ALA 117 97  97  ALA ALA A . n 
A 1 118 GLU 118 98  98  GLU GLU A . n 
A 1 119 TRP 119 99  99  TRP TRP A . n 
A 1 120 ASN 120 100 100 ASN ASN A . n 
A 1 121 VAL 121 101 101 VAL VAL A . n 
A 1 122 LEU 122 102 102 LEU LEU A . n 
A 1 123 TYR 123 103 103 TYR TYR A . n 
A 1 124 LYS 124 104 104 LYS LYS A . n 
A 1 125 LYS 125 105 105 LYS LYS A . n 
A 1 126 LYS 126 106 106 LYS LYS A . n 
A 1 127 PHE 127 107 107 PHE PHE A . n 
A 1 128 GLY 128 108 108 GLY GLY A . n 
A 1 129 PHE 129 109 109 PHE PHE A . n 
A 1 130 ILE 130 110 110 ILE ILE A . n 
A 1 131 PHE 131 111 111 PHE PHE A . n 
A 1 132 ILE 132 112 112 ILE ILE A . n 
A 1 133 ILE 133 113 113 ILE ILE A . n 
A 1 134 CYS 134 114 114 CYS CYS A . n 
A 1 135 ALA 135 115 115 ALA ALA A . n 
A 1 136 SER 136 116 116 SER SER A . n 
A 1 137 GLY 137 117 117 GLY GLY A . n 
A 1 138 ARG 138 118 118 ARG ARG A . n 
A 1 139 THR 139 119 119 THR THR A . n 
A 1 140 HIS 140 120 120 HIS HIS A . n 
A 1 141 ALA 141 121 121 ALA ALA A . n 
A 1 142 GLU 142 122 122 GLU GLU A . n 
A 1 143 MSE 143 123 123 MSE MSE A . n 
A 1 144 LEU 144 124 124 LEU LEU A . n 
A 1 145 HIS 145 125 125 HIS HIS A . n 
A 1 146 ALA 146 126 126 ALA ALA A . n 
A 1 147 LEU 147 127 127 LEU LEU A . n 
A 1 148 LYS 148 128 128 LYS LYS A . n 
A 1 149 GLU 149 129 129 GLU GLU A . n 
A 1 150 ARG 150 130 130 ARG ARG A . n 
A 1 151 TYR 151 131 131 TYR TYR A . n 
A 1 152 GLU 152 132 132 GLU GLU A . n 
A 1 153 ASN 153 133 133 ASN ASN A . n 
A 1 154 ARG 154 134 134 ARG ARG A . n 
A 1 155 PRO 155 135 135 PRO PRO A . n 
A 1 156 ILE 156 136 136 ILE ILE A . n 
A 1 157 VAL 157 137 137 VAL VAL A . n 
A 1 158 GLU 158 138 138 GLU GLU A . n 
A 1 159 LEU 159 139 139 LEU LEU A . n 
A 1 160 GLU 160 140 140 GLU GLU A . n 
A 1 161 ILE 161 141 141 ILE ILE A . n 
A 1 162 ALA 162 142 142 ALA ALA A . n 
A 1 163 ALA 163 143 143 ALA ALA A . n 
A 1 164 MSE 164 144 144 MSE MSE A . n 
A 1 165 GLU 165 145 145 GLU GLU A . n 
A 1 166 GLN 166 146 146 GLN GLN A . n 
A 1 167 MSE 167 147 147 MSE MSE A . n 
A 1 168 LYS 168 148 148 LYS LYS A . n 
A 1 169 ILE 169 149 149 ILE ILE A . n 
A 1 170 THR 170 150 150 THR THR A . n 
A 1 171 GLU 171 151 151 GLU GLU A . n 
A 1 172 LEU 172 152 152 LEU LEU A . n 
A 1 173 ARG 173 153 153 ARG ARG A . n 
A 1 174 MSE 174 154 154 MSE MSE A . n 
A 1 175 ALA 175 155 155 ALA ALA A . n 
A 1 176 LYS 176 156 156 LYS LYS A . n 
A 1 177 LEU 177 157 157 LEU LEU A . n 
A 1 178 PHE 178 158 158 PHE PHE A . n 
A 1 179 SER 179 159 159 SER SER A . n 
A 1 180 ASP 180 160 160 ASP ASP A . n 
A 1 181 LYS 181 161 ?   ?   ?   A . n 
# 
loop_
_pdbx_nonpoly_scheme.asym_id 
_pdbx_nonpoly_scheme.entity_id 
_pdbx_nonpoly_scheme.mon_id 
_pdbx_nonpoly_scheme.ndb_seq_num 
_pdbx_nonpoly_scheme.pdb_seq_num 
_pdbx_nonpoly_scheme.auth_seq_num 
_pdbx_nonpoly_scheme.pdb_mon_id 
_pdbx_nonpoly_scheme.auth_mon_id 
_pdbx_nonpoly_scheme.pdb_strand_id 
_pdbx_nonpoly_scheme.pdb_ins_code 
B 2 3AL 1  200 200 3AL 3AL A . 
C 3 HOH 1  201 1   HOH WAT A . 
C 3 HOH 2  202 2   HOH WAT A . 
C 3 HOH 3  203 3   HOH WAT A . 
C 3 HOH 4  204 4   HOH WAT A . 
C 3 HOH 5  205 5   HOH WAT A . 
C 3 HOH 6  206 6   HOH WAT A . 
C 3 HOH 7  207 7   HOH WAT A . 
C 3 HOH 8  208 8   HOH WAT A . 
C 3 HOH 9  209 9   HOH WAT A . 
C 3 HOH 10 210 10  HOH WAT A . 
C 3 HOH 11 211 11  HOH WAT A . 
C 3 HOH 12 212 12  HOH WAT A . 
C 3 HOH 13 213 13  HOH WAT A . 
C 3 HOH 14 214 14  HOH WAT A . 
C 3 HOH 15 215 15  HOH WAT A . 
C 3 HOH 16 216 16  HOH WAT A . 
C 3 HOH 17 217 17  HOH WAT A . 
C 3 HOH 18 218 18  HOH WAT A . 
C 3 HOH 19 219 19  HOH WAT A . 
C 3 HOH 20 220 20  HOH WAT A . 
C 3 HOH 21 221 21  HOH WAT A . 
# 
loop_
_software.name 
_software.classification 
_software.version 
_software.citation_id 
_software.pdbx_ordinal 
HKL-2000 'data collection' . ? 1 
SOLVE    phasing           . ? 2 
CNS      refinement        . ? 3 
HKL-2000 'data reduction'  . ? 4 
HKL-2000 'data scaling'    . ? 5 
# 
_cell.entry_id           2Q37 
_cell.length_a           73.582 
_cell.length_b           73.582 
_cell.length_c           69.647 
_cell.angle_alpha        90.00 
_cell.angle_beta         90.00 
_cell.angle_gamma        120.00 
_cell.Z_PDB              6 
_cell.pdbx_unique_axis   ? 
_cell.length_a_esd       ? 
_cell.length_b_esd       ? 
_cell.length_c_esd       ? 
_cell.angle_alpha_esd    ? 
_cell.angle_beta_esd     ? 
_cell.angle_gamma_esd    ? 
# 
_symmetry.entry_id                         2Q37 
_symmetry.space_group_name_H-M             'P 31 2 1' 
_symmetry.pdbx_full_space_group_name_H-M   ? 
_symmetry.cell_setting                     ? 
_symmetry.Int_Tables_number                152 
_symmetry.space_group_name_Hall            ? 
# 
_exptl.entry_id          2Q37 
_exptl.method            'X-RAY DIFFRACTION' 
_exptl.crystals_number   1 
# 
_exptl_crystal.id                    1 
_exptl_crystal.density_meas          ? 
_exptl_crystal.density_Matthews      2.94 
_exptl_crystal.density_percent_sol   58.15 
_exptl_crystal.description           ? 
_exptl_crystal.F_000                 ? 
_exptl_crystal.preparation           ? 
# 
_exptl_crystal_grow.crystal_id      1 
_exptl_crystal_grow.method          'VAPOR DIFFUSION, HANGING DROP' 
_exptl_crystal_grow.temp            295 
_exptl_crystal_grow.temp_details    ? 
_exptl_crystal_grow.pH              7.5 
_exptl_crystal_grow.pdbx_details    
'0.1 M HEPES (pH 7.5), 20 mM MgCl2, 16% polyacrylic acid 5100, VAPOR DIFFUSION, HANGING DROP, temperature 295K' 
_exptl_crystal_grow.pdbx_pH_range   . 
# 
loop_
_diffrn.id 
_diffrn.ambient_temp 
_diffrn.ambient_temp_details 
_diffrn.crystal_id 
1 100 ? 1 
2 ?   ? 1 
# 
_diffrn_detector.diffrn_id              1 
_diffrn_detector.detector               CCD 
_diffrn_detector.type                   'ADSC QUANTUM 210' 
_diffrn_detector.pdbx_collection_date   2007-01-19 
_diffrn_detector.details                ? 
# 
loop_
_diffrn_radiation.diffrn_id 
_diffrn_radiation.wavelength_id 
_diffrn_radiation.pdbx_monochromatic_or_laue_m_l 
_diffrn_radiation.monochromator 
_diffrn_radiation.pdbx_diffrn_protocol 
_diffrn_radiation.pdbx_scattering_type 
1 1 M 'Si 111 CHANNEL' MAD                 x-ray 
2 1 M 'Si 111 CHANNEL' 'SINGLE WAVELENGTH' x-ray 
# 
loop_
_diffrn_radiation_wavelength.id 
_diffrn_radiation_wavelength.wavelength 
_diffrn_radiation_wavelength.wt 
1 0.97948 1.0 
2 0.97961 1.0 
3 0.97181 1.0 
4 0.97956 1.0 
# 
_diffrn_source.diffrn_id                   1 
_diffrn_source.source                      SYNCHROTRON 
_diffrn_source.type                        'PAL/PLS BEAMLINE 4A' 
_diffrn_source.pdbx_synchrotron_site       PAL/PLS 
_diffrn_source.pdbx_synchrotron_beamline   4A 
_diffrn_source.pdbx_wavelength             ? 
_diffrn_source.pdbx_wavelength_list        '0.97948, 0.97961, 0.97181, 0.97956' 
# 
_reflns.entry_id                     2Q37 
_reflns.observed_criterion_sigma_F   0 
_reflns.observed_criterion_sigma_I   0 
_reflns.d_resolution_high            2.5 
_reflns.d_resolution_low             50 
_reflns.number_all                   7845 
_reflns.number_obs                   7843 
_reflns.percent_possible_obs         99.9 
_reflns.pdbx_Rmerge_I_obs            0.095 
_reflns.pdbx_Rsym_value              ? 
_reflns.pdbx_netI_over_sigmaI        ? 
_reflns.B_iso_Wilson_estimate        ? 
_reflns.pdbx_redundancy              9.4 
_reflns.R_free_details               ? 
_reflns.limit_h_max                  ? 
_reflns.limit_h_min                  ? 
_reflns.limit_k_max                  ? 
_reflns.limit_k_min                  ? 
_reflns.limit_l_max                  ? 
_reflns.limit_l_min                  ? 
_reflns.observed_criterion_F_max     ? 
_reflns.observed_criterion_F_min     ? 
_reflns.pdbx_chi_squared             ? 
_reflns.pdbx_scaling_rejects         ? 
_reflns.pdbx_diffrn_id               1,2 
_reflns.pdbx_ordinal                 1 
# 
_reflns_shell.d_res_high             2.5 
_reflns_shell.d_res_low              2.59 
_reflns_shell.percent_possible_all   100 
_reflns_shell.Rmerge_I_obs           0.479 
_reflns_shell.pdbx_Rsym_value        ? 
_reflns_shell.meanI_over_sigI_obs    ? 
_reflns_shell.pdbx_redundancy        9.4 
_reflns_shell.percent_possible_obs   ? 
_reflns_shell.number_unique_all      7845 
_reflns_shell.number_measured_all    ? 
_reflns_shell.number_measured_obs    ? 
_reflns_shell.number_unique_obs      ? 
_reflns_shell.pdbx_chi_squared       ? 
_reflns_shell.pdbx_diffrn_id         ? 
_reflns_shell.pdbx_ordinal           1 
# 
_refine.entry_id                                 2Q37 
_refine.ls_d_res_high                            2.5 
_refine.ls_d_res_low                             50 
_refine.pdbx_ls_sigma_F                          2.0 
_refine.pdbx_ls_sigma_I                          ? 
_refine.ls_number_reflns_all                     7843 
_refine.ls_number_reflns_obs                     7528 
_refine.ls_number_reflns_R_free                  748 
_refine.ls_percent_reflns_obs                    96 
_refine.ls_R_factor_all                          0.215 
_refine.ls_R_factor_obs                          0.215 
_refine.ls_R_factor_R_work                       0.215 
_refine.ls_R_factor_R_free                       0.259 
_refine.ls_redundancy_reflns_obs                 ? 
_refine.pdbx_data_cutoff_high_absF               ? 
_refine.pdbx_data_cutoff_low_absF                ? 
_refine.ls_number_parameters                     ? 
_refine.ls_number_restraints                     ? 
_refine.ls_percent_reflns_R_free                 ? 
_refine.ls_R_factor_R_free_error                 ? 
_refine.ls_R_factor_R_free_error_details         ? 
_refine.pdbx_method_to_determine_struct          MAD 
_refine.pdbx_starting_model                      ? 
_refine.pdbx_ls_cross_valid_method               ? 
_refine.pdbx_R_Free_selection_details            RANDOM 
_refine.pdbx_stereochem_target_val_spec_case     ? 
_refine.pdbx_stereochemistry_target_values       'Engh & Huber' 
_refine.solvent_model_details                    ? 
_refine.solvent_model_param_bsol                 ? 
_refine.solvent_model_param_ksol                 ? 
_refine.occupancy_max                            ? 
_refine.occupancy_min                            ? 
_refine.pdbx_isotropic_thermal_model             ? 
_refine.B_iso_mean                               ? 
_refine.aniso_B[1][1]                            ? 
_refine.aniso_B[1][2]                            ? 
_refine.aniso_B[1][3]                            ? 
_refine.aniso_B[2][2]                            ? 
_refine.aniso_B[2][3]                            ? 
_refine.aniso_B[3][3]                            ? 
_refine.details                                  ? 
_refine.B_iso_min                                ? 
_refine.B_iso_max                                ? 
_refine.correlation_coeff_Fo_to_Fc               ? 
_refine.correlation_coeff_Fo_to_Fc_free          ? 
_refine.pdbx_solvent_vdw_probe_radii             ? 
_refine.pdbx_solvent_ion_probe_radii             ? 
_refine.pdbx_solvent_shrinkage_radii             ? 
_refine.overall_SU_R_Cruickshank_DPI             ? 
_refine.overall_SU_R_free                        ? 
_refine.overall_SU_ML                            ? 
_refine.overall_SU_B                             ? 
_refine.pdbx_overall_ESU_R_Free                  ? 
_refine.pdbx_data_cutoff_high_rms_absF           ? 
_refine.pdbx_overall_ESU_R                       ? 
_refine.ls_wR_factor_R_free                      ? 
_refine.ls_wR_factor_R_work                      ? 
_refine.overall_FOM_free_R_set                   ? 
_refine.overall_FOM_work_R_set                   ? 
_refine.pdbx_refine_id                           'X-RAY DIFFRACTION' 
_refine.pdbx_diffrn_id                           1 
_refine.pdbx_TLS_residual_ADP_flag               ? 
_refine.pdbx_overall_phase_error                 ? 
_refine.pdbx_overall_SU_R_free_Cruickshank_DPI   ? 
_refine.pdbx_overall_SU_R_Blow_DPI               ? 
_refine.pdbx_overall_SU_R_free_Blow_DPI          ? 
# 
_refine_hist.pdbx_refine_id                   'X-RAY DIFFRACTION' 
_refine_hist.cycle_id                         LAST 
_refine_hist.pdbx_number_atoms_protein        1127 
_refine_hist.pdbx_number_atoms_nucleic_acid   0 
_refine_hist.pdbx_number_atoms_ligand         11 
_refine_hist.number_atoms_solvent             21 
_refine_hist.number_atoms_total               1159 
_refine_hist.d_res_high                       2.5 
_refine_hist.d_res_low                        50 
# 
loop_
_refine_ls_restr.type 
_refine_ls_restr.dev_ideal 
_refine_ls_restr.dev_ideal_target 
_refine_ls_restr.weight 
_refine_ls_restr.number 
_refine_ls_restr.pdbx_refine_id 
_refine_ls_restr.pdbx_restraint_function 
c_mcbond_it  1.461 ? ? ? 'X-RAY DIFFRACTION' ? 
c_scbond_it  2.470 ? ? ? 'X-RAY DIFFRACTION' ? 
c_mcangle_it 2.527 ? ? ? 'X-RAY DIFFRACTION' ? 
c_scangle_it 3.543 ? ? ? 'X-RAY DIFFRACTION' ? 
# 
_struct.entry_id                  2Q37 
_struct.title                     'Crystal structure of OHCU decarboxylase in the presence of (S)-allantoin' 
_struct.pdbx_model_details        ? 
_struct.pdbx_CASP_flag            ? 
_struct.pdbx_model_type_details   ? 
# 
_struct_keywords.entry_id        2Q37 
_struct_keywords.pdbx_keywords   'PLANT PROTEIN, LYASE' 
_struct_keywords.text            'OHCU, 2-oxo-4-hydroxy-4-carboxy-5-ureidoimidazoline, PLANT PROTEIN, LYASE' 
# 
loop_
_struct_asym.id 
_struct_asym.pdbx_blank_PDB_chainid_flag 
_struct_asym.pdbx_modified 
_struct_asym.entity_id 
_struct_asym.details 
A N N 1 ? 
B N N 2 ? 
C N N 3 ? 
# 
_struct_ref.id                         1 
_struct_ref.db_name                    UNP 
_struct_ref.db_code                    TTHL_ARATH 
_struct_ref.pdbx_db_accession          Q9LVM5 
_struct_ref.entity_id                  1 
_struct_ref.pdbx_seq_one_letter_code   
;MAMEIGEDEWKVCCGSSEFAKQMSTSGPLTSQEAIYTARDIWFNQVNVTDWLEAFSAHPQIGNTPSPSINSDFARRSVSE
QSTAFATTSASALQELAEWNVLYKKKFGFIFIICASGRTHAEMLHALKERYENRPIVELEIAAMEQMKITELRMAKLFSD
K
;
_struct_ref.pdbx_align_begin           1 
_struct_ref.pdbx_db_isoform            ? 
# 
_struct_ref_seq.align_id                      1 
_struct_ref_seq.ref_id                        1 
_struct_ref_seq.pdbx_PDB_id_code              2Q37 
_struct_ref_seq.pdbx_strand_id                A 
_struct_ref_seq.seq_align_beg                 21 
_struct_ref_seq.pdbx_seq_align_beg_ins_code   ? 
_struct_ref_seq.seq_align_end                 181 
_struct_ref_seq.pdbx_seq_align_end_ins_code   ? 
_struct_ref_seq.pdbx_db_accession             Q9LVM5 
_struct_ref_seq.db_align_beg                  1 
_struct_ref_seq.pdbx_db_align_beg_ins_code    ? 
_struct_ref_seq.db_align_end                  161 
_struct_ref_seq.pdbx_db_align_end_ins_code    ? 
_struct_ref_seq.pdbx_auth_seq_align_beg       1 
_struct_ref_seq.pdbx_auth_seq_align_end       161 
# 
loop_
_struct_ref_seq_dif.align_id 
_struct_ref_seq_dif.pdbx_pdb_id_code 
_struct_ref_seq_dif.mon_id 
_struct_ref_seq_dif.pdbx_pdb_strand_id 
_struct_ref_seq_dif.seq_num 
_struct_ref_seq_dif.pdbx_pdb_ins_code 
_struct_ref_seq_dif.pdbx_seq_db_name 
_struct_ref_seq_dif.pdbx_seq_db_accession_code 
_struct_ref_seq_dif.db_mon_id 
_struct_ref_seq_dif.pdbx_seq_db_seq_num 
_struct_ref_seq_dif.details 
_struct_ref_seq_dif.pdbx_auth_seq_num 
_struct_ref_seq_dif.pdbx_ordinal 
1 2Q37 MSE A 1   ? UNP Q9LVM5 ?   ?   'cloning artifact' -19 1  
1 2Q37 GLY A 2   ? UNP Q9LVM5 ?   ?   'cloning artifact' -18 2  
1 2Q37 SER A 3   ? UNP Q9LVM5 ?   ?   'cloning artifact' -17 3  
1 2Q37 SER A 4   ? UNP Q9LVM5 ?   ?   'cloning artifact' -16 4  
1 2Q37 HIS A 5   ? UNP Q9LVM5 ?   ?   'cloning artifact' -15 5  
1 2Q37 HIS A 6   ? UNP Q9LVM5 ?   ?   'cloning artifact' -14 6  
1 2Q37 HIS A 7   ? UNP Q9LVM5 ?   ?   'cloning artifact' -13 7  
1 2Q37 HIS A 8   ? UNP Q9LVM5 ?   ?   'cloning artifact' -12 8  
1 2Q37 HIS A 9   ? UNP Q9LVM5 ?   ?   'cloning artifact' -11 9  
1 2Q37 SER A 10  ? UNP Q9LVM5 ?   ?   'cloning artifact' -10 10 
1 2Q37 SER A 11  ? UNP Q9LVM5 ?   ?   'cloning artifact' -9  11 
1 2Q37 GLY A 12  ? UNP Q9LVM5 ?   ?   'cloning artifact' -8  12 
1 2Q37 GLU A 13  ? UNP Q9LVM5 ?   ?   'cloning artifact' -7  13 
1 2Q37 ASN A 14  ? UNP Q9LVM5 ?   ?   'cloning artifact' -6  14 
1 2Q37 LEU A 15  ? UNP Q9LVM5 ?   ?   'cloning artifact' -5  15 
1 2Q37 TYR A 16  ? UNP Q9LVM5 ?   ?   'cloning artifact' -4  16 
1 2Q37 PHE A 17  ? UNP Q9LVM5 ?   ?   'cloning artifact' -3  17 
1 2Q37 GLN A 18  ? UNP Q9LVM5 ?   ?   'cloning artifact' -2  18 
1 2Q37 GLY A 19  ? UNP Q9LVM5 ?   ?   'cloning artifact' -1  19 
1 2Q37 HIS A 20  ? UNP Q9LVM5 ?   ?   'cloning artifact' 0   20 
1 2Q37 MSE A 21  ? UNP Q9LVM5 MET 1   'modified residue' 1   21 
1 2Q37 MSE A 23  ? UNP Q9LVM5 MET 3   'modified residue' 3   22 
1 2Q37 MSE A 43  ? UNP Q9LVM5 MET 23  'modified residue' 23  23 
1 2Q37 MSE A 143 ? UNP Q9LVM5 MET 123 'modified residue' 123 24 
1 2Q37 MSE A 164 ? UNP Q9LVM5 MET 144 'modified residue' 144 25 
1 2Q37 MSE A 167 ? UNP Q9LVM5 MET 147 'modified residue' 147 26 
1 2Q37 MSE A 174 ? UNP Q9LVM5 MET 154 'modified residue' 154 27 
# 
_pdbx_struct_assembly.id                   1 
_pdbx_struct_assembly.details              author_defined_assembly 
_pdbx_struct_assembly.method_details       ? 
_pdbx_struct_assembly.oligomeric_details   dimeric 
_pdbx_struct_assembly.oligomeric_count     2 
# 
_pdbx_struct_assembly_gen.assembly_id       1 
_pdbx_struct_assembly_gen.oper_expression   1,2 
_pdbx_struct_assembly_gen.asym_id_list      A,B,C 
# 
loop_
_pdbx_struct_oper_list.id 
_pdbx_struct_oper_list.type 
_pdbx_struct_oper_list.name 
_pdbx_struct_oper_list.symmetry_operation 
_pdbx_struct_oper_list.matrix[1][1] 
_pdbx_struct_oper_list.matrix[1][2] 
_pdbx_struct_oper_list.matrix[1][3] 
_pdbx_struct_oper_list.vector[1] 
_pdbx_struct_oper_list.matrix[2][1] 
_pdbx_struct_oper_list.matrix[2][2] 
_pdbx_struct_oper_list.matrix[2][3] 
_pdbx_struct_oper_list.vector[2] 
_pdbx_struct_oper_list.matrix[3][1] 
_pdbx_struct_oper_list.matrix[3][2] 
_pdbx_struct_oper_list.matrix[3][3] 
_pdbx_struct_oper_list.vector[3] 
1 'identity operation'         1_555 x,y,z         1.0000000000 0.0000000000  0.0000000000  0.0000000000 0.0000000000  1.0000000000  0.0000000000 0.0000000000   0.0000000000  0.0000000000 1.0000000000  0.0000000000  
2 'crystal symmetry operation' 5_555 x-y,-y,-z+2/3 0.7759952994 -0.1586370141 -0.6104634248 8.4053938086 -0.1586370141 -0.9858300851 0.0545283509 -11.1990233138 -0.6104634248 0.0545283509 -0.7901652143 27.3636696887 
# 
_struct_biol.id        1 
_struct_biol.details   
'The biological assembly is a dimer generated from the monomer in the asymmetric unit by crystallographic symmetric operation.' 
# 
loop_
_struct_conf.conf_type_id 
_struct_conf.id 
_struct_conf.pdbx_PDB_helix_id 
_struct_conf.beg_label_comp_id 
_struct_conf.beg_label_asym_id 
_struct_conf.beg_label_seq_id 
_struct_conf.pdbx_beg_PDB_ins_code 
_struct_conf.end_label_comp_id 
_struct_conf.end_label_asym_id 
_struct_conf.end_label_seq_id 
_struct_conf.pdbx_end_PDB_ins_code 
_struct_conf.beg_auth_comp_id 
_struct_conf.beg_auth_asym_id 
_struct_conf.beg_auth_seq_id 
_struct_conf.end_auth_comp_id 
_struct_conf.end_auth_asym_id 
_struct_conf.end_auth_seq_id 
_struct_conf.pdbx_PDB_helix_class 
_struct_conf.details 
_struct_conf.pdbx_PDB_helix_length 
HELX_P HELX_P1 1 ASP A 28  ? VAL A 32  ? ASP A 8   VAL A 12  5 ? 5  
HELX_P HELX_P2 2 SER A 36  ? THR A 45  ? SER A 16  THR A 25  1 ? 10 
HELX_P HELX_P3 3 THR A 50  ? GLN A 65  ? THR A 30  GLN A 45  1 ? 16 
HELX_P HELX_P4 4 ASN A 67  ? ALA A 77  ? ASN A 47  ALA A 57  1 ? 11 
HELX_P HELX_P5 5 GLN A 101 ? ALA A 106 ? GLN A 81  ALA A 86  1 ? 6  
HELX_P HELX_P6 6 SER A 109 ? GLY A 128 ? SER A 89  GLY A 108 1 ? 20 
HELX_P HELX_P7 7 THR A 139 ? TYR A 151 ? THR A 119 TYR A 131 1 ? 13 
HELX_P HELX_P8 8 ARG A 154 ? SER A 179 ? ARG A 134 SER A 159 1 ? 26 
# 
_struct_conf_type.id          HELX_P 
_struct_conf_type.criteria    ? 
_struct_conf_type.reference   ? 
# 
loop_
_struct_conn.id 
_struct_conn.conn_type_id 
_struct_conn.pdbx_leaving_atom_flag 
_struct_conn.pdbx_PDB_id 
_struct_conn.ptnr1_label_asym_id 
_struct_conn.ptnr1_label_comp_id 
_struct_conn.ptnr1_label_seq_id 
_struct_conn.ptnr1_label_atom_id 
_struct_conn.pdbx_ptnr1_label_alt_id 
_struct_conn.pdbx_ptnr1_PDB_ins_code 
_struct_conn.pdbx_ptnr1_standard_comp_id 
_struct_conn.ptnr1_symmetry 
_struct_conn.ptnr2_label_asym_id 
_struct_conn.ptnr2_label_comp_id 
_struct_conn.ptnr2_label_seq_id 
_struct_conn.ptnr2_label_atom_id 
_struct_conn.pdbx_ptnr2_label_alt_id 
_struct_conn.pdbx_ptnr2_PDB_ins_code 
_struct_conn.ptnr1_auth_asym_id 
_struct_conn.ptnr1_auth_comp_id 
_struct_conn.ptnr1_auth_seq_id 
_struct_conn.ptnr2_auth_asym_id 
_struct_conn.ptnr2_auth_comp_id 
_struct_conn.ptnr2_auth_seq_id 
_struct_conn.ptnr2_symmetry 
_struct_conn.pdbx_ptnr3_label_atom_id 
_struct_conn.pdbx_ptnr3_label_seq_id 
_struct_conn.pdbx_ptnr3_label_comp_id 
_struct_conn.pdbx_ptnr3_label_asym_id 
_struct_conn.pdbx_ptnr3_label_alt_id 
_struct_conn.pdbx_ptnr3_PDB_ins_code 
_struct_conn.details 
_struct_conn.pdbx_dist_value 
_struct_conn.pdbx_value_order 
_struct_conn.pdbx_role 
covale1  covale both ? A GLN 42  C ? ? ? 1_555 A MSE 43  N ? ? A GLN 22  A MSE 23  1_555 ? ? ? ? ? ? ? 1.322 ? ? 
covale2  covale both ? A MSE 43  C ? ? ? 1_555 A SER 44  N ? ? A MSE 23  A SER 24  1_555 ? ? ? ? ? ? ? 1.334 ? ? 
covale3  covale both ? A GLU 142 C ? ? ? 1_555 A MSE 143 N ? ? A GLU 122 A MSE 123 1_555 ? ? ? ? ? ? ? 1.330 ? ? 
covale4  covale both ? A MSE 143 C ? ? ? 1_555 A LEU 144 N ? ? A MSE 123 A LEU 124 1_555 ? ? ? ? ? ? ? 1.332 ? ? 
covale5  covale both ? A ALA 163 C ? ? ? 1_555 A MSE 164 N ? ? A ALA 143 A MSE 144 1_555 ? ? ? ? ? ? ? 1.325 ? ? 
covale6  covale both ? A MSE 164 C ? ? ? 1_555 A GLU 165 N ? ? A MSE 144 A GLU 145 1_555 ? ? ? ? ? ? ? 1.330 ? ? 
covale7  covale both ? A GLN 166 C ? ? ? 1_555 A MSE 167 N ? ? A GLN 146 A MSE 147 1_555 ? ? ? ? ? ? ? 1.323 ? ? 
covale8  covale both ? A MSE 167 C ? ? ? 1_555 A LYS 168 N ? ? A MSE 147 A LYS 148 1_555 ? ? ? ? ? ? ? 1.328 ? ? 
covale9  covale both ? A ARG 173 C ? ? ? 1_555 A MSE 174 N ? ? A ARG 153 A MSE 154 1_555 ? ? ? ? ? ? ? 1.327 ? ? 
covale10 covale both ? A MSE 174 C ? ? ? 1_555 A ALA 175 N ? ? A MSE 154 A ALA 155 1_555 ? ? ? ? ? ? ? 1.325 ? ? 
# 
_struct_conn_type.id          covale 
_struct_conn_type.criteria    ? 
_struct_conn_type.reference   ? 
# 
loop_
_pdbx_modification_feature.ordinal 
_pdbx_modification_feature.label_comp_id 
_pdbx_modification_feature.label_asym_id 
_pdbx_modification_feature.label_seq_id 
_pdbx_modification_feature.label_alt_id 
_pdbx_modification_feature.modified_residue_label_comp_id 
_pdbx_modification_feature.modified_residue_label_asym_id 
_pdbx_modification_feature.modified_residue_label_seq_id 
_pdbx_modification_feature.modified_residue_label_alt_id 
_pdbx_modification_feature.auth_comp_id 
_pdbx_modification_feature.auth_asym_id 
_pdbx_modification_feature.auth_seq_id 
_pdbx_modification_feature.PDB_ins_code 
_pdbx_modification_feature.symmetry 
_pdbx_modification_feature.modified_residue_auth_comp_id 
_pdbx_modification_feature.modified_residue_auth_asym_id 
_pdbx_modification_feature.modified_residue_auth_seq_id 
_pdbx_modification_feature.modified_residue_PDB_ins_code 
_pdbx_modification_feature.modified_residue_symmetry 
_pdbx_modification_feature.comp_id_linking_atom 
_pdbx_modification_feature.modified_residue_id_linking_atom 
_pdbx_modification_feature.modified_residue_id 
_pdbx_modification_feature.ref_pcm_id 
_pdbx_modification_feature.ref_comp_id 
_pdbx_modification_feature.type 
_pdbx_modification_feature.category 
1 MSE A 43  ? . . . . MSE A 23  ? 1_555 . . . . . . . MET 1 MSE Selenomethionine 'Named protein modification' 
2 MSE A 143 ? . . . . MSE A 123 ? 1_555 . . . . . . . MET 1 MSE Selenomethionine 'Named protein modification' 
3 MSE A 164 ? . . . . MSE A 144 ? 1_555 . . . . . . . MET 1 MSE Selenomethionine 'Named protein modification' 
4 MSE A 167 ? . . . . MSE A 147 ? 1_555 . . . . . . . MET 1 MSE Selenomethionine 'Named protein modification' 
5 MSE A 174 ? . . . . MSE A 154 ? 1_555 . . . . . . . MET 1 MSE Selenomethionine 'Named protein modification' 
# 
_struct_site.id                   AC1 
_struct_site.pdbx_evidence_code   Software 
_struct_site.pdbx_auth_asym_id    A 
_struct_site.pdbx_auth_comp_id    3AL 
_struct_site.pdbx_auth_seq_id     200 
_struct_site.pdbx_auth_ins_code   ? 
_struct_site.pdbx_num_residues    10 
_struct_site.details              'BINDING SITE FOR RESIDUE 3AL A 200' 
# 
loop_
_struct_site_gen.id 
_struct_site_gen.site_id 
_struct_site_gen.pdbx_num_res 
_struct_site_gen.label_comp_id 
_struct_site_gen.label_asym_id 
_struct_site_gen.label_seq_id 
_struct_site_gen.pdbx_auth_ins_code 
_struct_site_gen.auth_comp_id 
_struct_site_gen.auth_asym_id 
_struct_site_gen.auth_seq_id 
_struct_site_gen.label_atom_id 
_struct_site_gen.label_alt_id 
_struct_site_gen.symmetry 
_struct_site_gen.details 
1  AC1 10 HIS A 78  ? HIS A 58  . ? 1_555 ? 
2  AC1 10 PRO A 79  ? PRO A 59  . ? 1_555 ? 
3  AC1 10 ILE A 81  ? ILE A 61  . ? 1_555 ? 
4  AC1 10 GLU A 100 ? GLU A 80  . ? 1_555 ? 
5  AC1 10 PHE A 131 ? PHE A 111 . ? 1_555 ? 
6  AC1 10 ILE A 132 ? ILE A 112 . ? 1_555 ? 
7  AC1 10 ILE A 133 ? ILE A 113 . ? 1_555 ? 
8  AC1 10 ALA A 135 ? ALA A 115 . ? 1_555 ? 
9  AC1 10 ILE A 169 ? ILE A 149 . ? 1_555 ? 
10 AC1 10 HOH C .   ? HOH A 214 . ? 1_555 ? 
# 
_pdbx_entry_details.entry_id                   2Q37 
_pdbx_entry_details.compound_details           ? 
_pdbx_entry_details.source_details             ? 
_pdbx_entry_details.nonpolymer_details         ? 
_pdbx_entry_details.sequence_details           ? 
_pdbx_entry_details.has_ligand_of_interest     ? 
_pdbx_entry_details.has_protein_modification   Y 
# 
loop_
_pdbx_validate_torsion.id 
_pdbx_validate_torsion.PDB_model_num 
_pdbx_validate_torsion.auth_comp_id 
_pdbx_validate_torsion.auth_asym_id 
_pdbx_validate_torsion.auth_seq_id 
_pdbx_validate_torsion.PDB_ins_code 
_pdbx_validate_torsion.label_alt_id 
_pdbx_validate_torsion.phi 
_pdbx_validate_torsion.psi 
1 1 GLU A 7   ? ? 161.65  104.84 
2 1 ASP A 8   ? ? -58.77  25.54  
3 1 CYS A 14  ? ? 158.59  105.44 
4 1 THR A 25  ? ? -105.63 57.02  
5 1 PRO A 28  ? ? -29.92  132.36 
6 1 THR A 30  ? ? -56.85  176.17 
7 1 SER A 116 ? ? 179.85  -68.27 
# 
loop_
_pdbx_struct_mod_residue.id 
_pdbx_struct_mod_residue.label_asym_id 
_pdbx_struct_mod_residue.label_comp_id 
_pdbx_struct_mod_residue.label_seq_id 
_pdbx_struct_mod_residue.auth_asym_id 
_pdbx_struct_mod_residue.auth_comp_id 
_pdbx_struct_mod_residue.auth_seq_id 
_pdbx_struct_mod_residue.PDB_ins_code 
_pdbx_struct_mod_residue.parent_comp_id 
_pdbx_struct_mod_residue.details 
1 A MSE 43  A MSE 23  ? MET SELENOMETHIONINE 
2 A MSE 143 A MSE 123 ? MET SELENOMETHIONINE 
3 A MSE 164 A MSE 144 ? MET SELENOMETHIONINE 
4 A MSE 167 A MSE 147 ? MET SELENOMETHIONINE 
5 A MSE 174 A MSE 154 ? MET SELENOMETHIONINE 
# 
loop_
_pdbx_unobs_or_zero_occ_residues.id 
_pdbx_unobs_or_zero_occ_residues.PDB_model_num 
_pdbx_unobs_or_zero_occ_residues.polymer_flag 
_pdbx_unobs_or_zero_occ_residues.occupancy_flag 
_pdbx_unobs_or_zero_occ_residues.auth_asym_id 
_pdbx_unobs_or_zero_occ_residues.auth_comp_id 
_pdbx_unobs_or_zero_occ_residues.auth_seq_id 
_pdbx_unobs_or_zero_occ_residues.PDB_ins_code 
_pdbx_unobs_or_zero_occ_residues.label_asym_id 
_pdbx_unobs_or_zero_occ_residues.label_comp_id 
_pdbx_unobs_or_zero_occ_residues.label_seq_id 
1  1 Y 1 A MSE -19 ? A MSE 1   
2  1 Y 1 A GLY -18 ? A GLY 2   
3  1 Y 1 A SER -17 ? A SER 3   
4  1 Y 1 A SER -16 ? A SER 4   
5  1 Y 1 A HIS -15 ? A HIS 5   
6  1 Y 1 A HIS -14 ? A HIS 6   
7  1 Y 1 A HIS -13 ? A HIS 7   
8  1 Y 1 A HIS -12 ? A HIS 8   
9  1 Y 1 A HIS -11 ? A HIS 9   
10 1 Y 1 A SER -10 ? A SER 10  
11 1 Y 1 A SER -9  ? A SER 11  
12 1 Y 1 A GLY -8  ? A GLY 12  
13 1 Y 1 A GLU -7  ? A GLU 13  
14 1 Y 1 A ASN -6  ? A ASN 14  
15 1 Y 1 A LEU -5  ? A LEU 15  
16 1 Y 1 A TYR -4  ? A TYR 16  
17 1 Y 1 A PHE -3  ? A PHE 17  
18 1 Y 1 A GLN -2  ? A GLN 18  
19 1 Y 1 A GLY -1  ? A GLY 19  
20 1 Y 1 A HIS 0   ? A HIS 20  
21 1 Y 1 A MSE 1   ? A MSE 21  
22 1 Y 1 A ALA 2   ? A ALA 22  
23 1 Y 1 A MSE 3   ? A MSE 23  
24 1 Y 1 A GLU 4   ? A GLU 24  
25 1 Y 1 A ILE 5   ? A ILE 25  
26 1 Y 1 A SER 66  ? A SER 86  
27 1 Y 1 A PRO 67  ? A PRO 87  
28 1 Y 1 A SER 68  ? A SER 88  
29 1 Y 1 A ILE 69  ? A ILE 89  
30 1 Y 1 A ASN 70  ? A ASN 90  
31 1 Y 1 A SER 71  ? A SER 91  
32 1 Y 1 A ASP 72  ? A ASP 92  
33 1 Y 1 A PHE 73  ? A PHE 93  
34 1 Y 1 A ALA 74  ? A ALA 94  
35 1 Y 1 A ARG 75  ? A ARG 95  
36 1 Y 1 A ARG 76  ? A ARG 96  
37 1 Y 1 A SER 77  ? A SER 97  
38 1 Y 1 A VAL 78  ? A VAL 98  
39 1 Y 1 A LYS 161 ? A LYS 181 
# 
loop_
_chem_comp_atom.comp_id 
_chem_comp_atom.atom_id 
_chem_comp_atom.type_symbol 
_chem_comp_atom.pdbx_aromatic_flag 
_chem_comp_atom.pdbx_stereo_config 
_chem_comp_atom.pdbx_ordinal 
3AL C4   C  N S 1   
3AL C5   C  N N 2   
3AL O5   O  N N 3   
3AL N7   N  N N 4   
3AL C8   C  N N 5   
3AL O8   O  N N 6   
3AL N9   N  N N 7   
3AL N3   N  N N 8   
3AL C2   C  N N 9   
3AL N1   N  N N 10  
3AL O2   O  N N 11  
3AL H4   H  N N 12  
3AL HN7  H  N N 13  
3AL HN9  H  N N 14  
3AL HN3  H  N N 15  
3AL HN11 H  N N 16  
3AL HN12 H  N N 17  
ALA N    N  N N 18  
ALA CA   C  N S 19  
ALA C    C  N N 20  
ALA O    O  N N 21  
ALA CB   C  N N 22  
ALA OXT  O  N N 23  
ALA H    H  N N 24  
ALA H2   H  N N 25  
ALA HA   H  N N 26  
ALA HB1  H  N N 27  
ALA HB2  H  N N 28  
ALA HB3  H  N N 29  
ALA HXT  H  N N 30  
ARG N    N  N N 31  
ARG CA   C  N S 32  
ARG C    C  N N 33  
ARG O    O  N N 34  
ARG CB   C  N N 35  
ARG CG   C  N N 36  
ARG CD   C  N N 37  
ARG NE   N  N N 38  
ARG CZ   C  N N 39  
ARG NH1  N  N N 40  
ARG NH2  N  N N 41  
ARG OXT  O  N N 42  
ARG H    H  N N 43  
ARG H2   H  N N 44  
ARG HA   H  N N 45  
ARG HB2  H  N N 46  
ARG HB3  H  N N 47  
ARG HG2  H  N N 48  
ARG HG3  H  N N 49  
ARG HD2  H  N N 50  
ARG HD3  H  N N 51  
ARG HE   H  N N 52  
ARG HH11 H  N N 53  
ARG HH12 H  N N 54  
ARG HH21 H  N N 55  
ARG HH22 H  N N 56  
ARG HXT  H  N N 57  
ASN N    N  N N 58  
ASN CA   C  N S 59  
ASN C    C  N N 60  
ASN O    O  N N 61  
ASN CB   C  N N 62  
ASN CG   C  N N 63  
ASN OD1  O  N N 64  
ASN ND2  N  N N 65  
ASN OXT  O  N N 66  
ASN H    H  N N 67  
ASN H2   H  N N 68  
ASN HA   H  N N 69  
ASN HB2  H  N N 70  
ASN HB3  H  N N 71  
ASN HD21 H  N N 72  
ASN HD22 H  N N 73  
ASN HXT  H  N N 74  
ASP N    N  N N 75  
ASP CA   C  N S 76  
ASP C    C  N N 77  
ASP O    O  N N 78  
ASP CB   C  N N 79  
ASP CG   C  N N 80  
ASP OD1  O  N N 81  
ASP OD2  O  N N 82  
ASP OXT  O  N N 83  
ASP H    H  N N 84  
ASP H2   H  N N 85  
ASP HA   H  N N 86  
ASP HB2  H  N N 87  
ASP HB3  H  N N 88  
ASP HD2  H  N N 89  
ASP HXT  H  N N 90  
CYS N    N  N N 91  
CYS CA   C  N R 92  
CYS C    C  N N 93  
CYS O    O  N N 94  
CYS CB   C  N N 95  
CYS SG   S  N N 96  
CYS OXT  O  N N 97  
CYS H    H  N N 98  
CYS H2   H  N N 99  
CYS HA   H  N N 100 
CYS HB2  H  N N 101 
CYS HB3  H  N N 102 
CYS HG   H  N N 103 
CYS HXT  H  N N 104 
GLN N    N  N N 105 
GLN CA   C  N S 106 
GLN C    C  N N 107 
GLN O    O  N N 108 
GLN CB   C  N N 109 
GLN CG   C  N N 110 
GLN CD   C  N N 111 
GLN OE1  O  N N 112 
GLN NE2  N  N N 113 
GLN OXT  O  N N 114 
GLN H    H  N N 115 
GLN H2   H  N N 116 
GLN HA   H  N N 117 
GLN HB2  H  N N 118 
GLN HB3  H  N N 119 
GLN HG2  H  N N 120 
GLN HG3  H  N N 121 
GLN HE21 H  N N 122 
GLN HE22 H  N N 123 
GLN HXT  H  N N 124 
GLU N    N  N N 125 
GLU CA   C  N S 126 
GLU C    C  N N 127 
GLU O    O  N N 128 
GLU CB   C  N N 129 
GLU CG   C  N N 130 
GLU CD   C  N N 131 
GLU OE1  O  N N 132 
GLU OE2  O  N N 133 
GLU OXT  O  N N 134 
GLU H    H  N N 135 
GLU H2   H  N N 136 
GLU HA   H  N N 137 
GLU HB2  H  N N 138 
GLU HB3  H  N N 139 
GLU HG2  H  N N 140 
GLU HG3  H  N N 141 
GLU HE2  H  N N 142 
GLU HXT  H  N N 143 
GLY N    N  N N 144 
GLY CA   C  N N 145 
GLY C    C  N N 146 
GLY O    O  N N 147 
GLY OXT  O  N N 148 
GLY H    H  N N 149 
GLY H2   H  N N 150 
GLY HA2  H  N N 151 
GLY HA3  H  N N 152 
GLY HXT  H  N N 153 
HIS N    N  N N 154 
HIS CA   C  N S 155 
HIS C    C  N N 156 
HIS O    O  N N 157 
HIS CB   C  N N 158 
HIS CG   C  Y N 159 
HIS ND1  N  Y N 160 
HIS CD2  C  Y N 161 
HIS CE1  C  Y N 162 
HIS NE2  N  Y N 163 
HIS OXT  O  N N 164 
HIS H    H  N N 165 
HIS H2   H  N N 166 
HIS HA   H  N N 167 
HIS HB2  H  N N 168 
HIS HB3  H  N N 169 
HIS HD1  H  N N 170 
HIS HD2  H  N N 171 
HIS HE1  H  N N 172 
HIS HE2  H  N N 173 
HIS HXT  H  N N 174 
HOH O    O  N N 175 
HOH H1   H  N N 176 
HOH H2   H  N N 177 
ILE N    N  N N 178 
ILE CA   C  N S 179 
ILE C    C  N N 180 
ILE O    O  N N 181 
ILE CB   C  N S 182 
ILE CG1  C  N N 183 
ILE CG2  C  N N 184 
ILE CD1  C  N N 185 
ILE OXT  O  N N 186 
ILE H    H  N N 187 
ILE H2   H  N N 188 
ILE HA   H  N N 189 
ILE HB   H  N N 190 
ILE HG12 H  N N 191 
ILE HG13 H  N N 192 
ILE HG21 H  N N 193 
ILE HG22 H  N N 194 
ILE HG23 H  N N 195 
ILE HD11 H  N N 196 
ILE HD12 H  N N 197 
ILE HD13 H  N N 198 
ILE HXT  H  N N 199 
LEU N    N  N N 200 
LEU CA   C  N S 201 
LEU C    C  N N 202 
LEU O    O  N N 203 
LEU CB   C  N N 204 
LEU CG   C  N N 205 
LEU CD1  C  N N 206 
LEU CD2  C  N N 207 
LEU OXT  O  N N 208 
LEU H    H  N N 209 
LEU H2   H  N N 210 
LEU HA   H  N N 211 
LEU HB2  H  N N 212 
LEU HB3  H  N N 213 
LEU HG   H  N N 214 
LEU HD11 H  N N 215 
LEU HD12 H  N N 216 
LEU HD13 H  N N 217 
LEU HD21 H  N N 218 
LEU HD22 H  N N 219 
LEU HD23 H  N N 220 
LEU HXT  H  N N 221 
LYS N    N  N N 222 
LYS CA   C  N S 223 
LYS C    C  N N 224 
LYS O    O  N N 225 
LYS CB   C  N N 226 
LYS CG   C  N N 227 
LYS CD   C  N N 228 
LYS CE   C  N N 229 
LYS NZ   N  N N 230 
LYS OXT  O  N N 231 
LYS H    H  N N 232 
LYS H2   H  N N 233 
LYS HA   H  N N 234 
LYS HB2  H  N N 235 
LYS HB3  H  N N 236 
LYS HG2  H  N N 237 
LYS HG3  H  N N 238 
LYS HD2  H  N N 239 
LYS HD3  H  N N 240 
LYS HE2  H  N N 241 
LYS HE3  H  N N 242 
LYS HZ1  H  N N 243 
LYS HZ2  H  N N 244 
LYS HZ3  H  N N 245 
LYS HXT  H  N N 246 
MET N    N  N N 247 
MET CA   C  N S 248 
MET C    C  N N 249 
MET O    O  N N 250 
MET CB   C  N N 251 
MET CG   C  N N 252 
MET SD   S  N N 253 
MET CE   C  N N 254 
MET OXT  O  N N 255 
MET H    H  N N 256 
MET H2   H  N N 257 
MET HA   H  N N 258 
MET HB2  H  N N 259 
MET HB3  H  N N 260 
MET HG2  H  N N 261 
MET HG3  H  N N 262 
MET HE1  H  N N 263 
MET HE2  H  N N 264 
MET HE3  H  N N 265 
MET HXT  H  N N 266 
MSE N    N  N N 267 
MSE CA   C  N S 268 
MSE C    C  N N 269 
MSE O    O  N N 270 
MSE OXT  O  N N 271 
MSE CB   C  N N 272 
MSE CG   C  N N 273 
MSE SE   SE N N 274 
MSE CE   C  N N 275 
MSE H    H  N N 276 
MSE H2   H  N N 277 
MSE HA   H  N N 278 
MSE HXT  H  N N 279 
MSE HB2  H  N N 280 
MSE HB3  H  N N 281 
MSE HG2  H  N N 282 
MSE HG3  H  N N 283 
MSE HE1  H  N N 284 
MSE HE2  H  N N 285 
MSE HE3  H  N N 286 
PHE N    N  N N 287 
PHE CA   C  N S 288 
PHE C    C  N N 289 
PHE O    O  N N 290 
PHE CB   C  N N 291 
PHE CG   C  Y N 292 
PHE CD1  C  Y N 293 
PHE CD2  C  Y N 294 
PHE CE1  C  Y N 295 
PHE CE2  C  Y N 296 
PHE CZ   C  Y N 297 
PHE OXT  O  N N 298 
PHE H    H  N N 299 
PHE H2   H  N N 300 
PHE HA   H  N N 301 
PHE HB2  H  N N 302 
PHE HB3  H  N N 303 
PHE HD1  H  N N 304 
PHE HD2  H  N N 305 
PHE HE1  H  N N 306 
PHE HE2  H  N N 307 
PHE HZ   H  N N 308 
PHE HXT  H  N N 309 
PRO N    N  N N 310 
PRO CA   C  N S 311 
PRO C    C  N N 312 
PRO O    O  N N 313 
PRO CB   C  N N 314 
PRO CG   C  N N 315 
PRO CD   C  N N 316 
PRO OXT  O  N N 317 
PRO H    H  N N 318 
PRO HA   H  N N 319 
PRO HB2  H  N N 320 
PRO HB3  H  N N 321 
PRO HG2  H  N N 322 
PRO HG3  H  N N 323 
PRO HD2  H  N N 324 
PRO HD3  H  N N 325 
PRO HXT  H  N N 326 
SER N    N  N N 327 
SER CA   C  N S 328 
SER C    C  N N 329 
SER O    O  N N 330 
SER CB   C  N N 331 
SER OG   O  N N 332 
SER OXT  O  N N 333 
SER H    H  N N 334 
SER H2   H  N N 335 
SER HA   H  N N 336 
SER HB2  H  N N 337 
SER HB3  H  N N 338 
SER HG   H  N N 339 
SER HXT  H  N N 340 
THR N    N  N N 341 
THR CA   C  N S 342 
THR C    C  N N 343 
THR O    O  N N 344 
THR CB   C  N R 345 
THR OG1  O  N N 346 
THR CG2  C  N N 347 
THR OXT  O  N N 348 
THR H    H  N N 349 
THR H2   H  N N 350 
THR HA   H  N N 351 
THR HB   H  N N 352 
THR HG1  H  N N 353 
THR HG21 H  N N 354 
THR HG22 H  N N 355 
THR HG23 H  N N 356 
THR HXT  H  N N 357 
TRP N    N  N N 358 
TRP CA   C  N S 359 
TRP C    C  N N 360 
TRP O    O  N N 361 
TRP CB   C  N N 362 
TRP CG   C  Y N 363 
TRP CD1  C  Y N 364 
TRP CD2  C  Y N 365 
TRP NE1  N  Y N 366 
TRP CE2  C  Y N 367 
TRP CE3  C  Y N 368 
TRP CZ2  C  Y N 369 
TRP CZ3  C  Y N 370 
TRP CH2  C  Y N 371 
TRP OXT  O  N N 372 
TRP H    H  N N 373 
TRP H2   H  N N 374 
TRP HA   H  N N 375 
TRP HB2  H  N N 376 
TRP HB3  H  N N 377 
TRP HD1  H  N N 378 
TRP HE1  H  N N 379 
TRP HE3  H  N N 380 
TRP HZ2  H  N N 381 
TRP HZ3  H  N N 382 
TRP HH2  H  N N 383 
TRP HXT  H  N N 384 
TYR N    N  N N 385 
TYR CA   C  N S 386 
TYR C    C  N N 387 
TYR O    O  N N 388 
TYR CB   C  N N 389 
TYR CG   C  Y N 390 
TYR CD1  C  Y N 391 
TYR CD2  C  Y N 392 
TYR CE1  C  Y N 393 
TYR CE2  C  Y N 394 
TYR CZ   C  Y N 395 
TYR OH   O  N N 396 
TYR OXT  O  N N 397 
TYR H    H  N N 398 
TYR H2   H  N N 399 
TYR HA   H  N N 400 
TYR HB2  H  N N 401 
TYR HB3  H  N N 402 
TYR HD1  H  N N 403 
TYR HD2  H  N N 404 
TYR HE1  H  N N 405 
TYR HE2  H  N N 406 
TYR HH   H  N N 407 
TYR HXT  H  N N 408 
VAL N    N  N N 409 
VAL CA   C  N S 410 
VAL C    C  N N 411 
VAL O    O  N N 412 
VAL CB   C  N N 413 
VAL CG1  C  N N 414 
VAL CG2  C  N N 415 
VAL OXT  O  N N 416 
VAL H    H  N N 417 
VAL H2   H  N N 418 
VAL HA   H  N N 419 
VAL HB   H  N N 420 
VAL HG11 H  N N 421 
VAL HG12 H  N N 422 
VAL HG13 H  N N 423 
VAL HG21 H  N N 424 
VAL HG22 H  N N 425 
VAL HG23 H  N N 426 
VAL HXT  H  N N 427 
# 
loop_
_chem_comp_bond.comp_id 
_chem_comp_bond.atom_id_1 
_chem_comp_bond.atom_id_2 
_chem_comp_bond.value_order 
_chem_comp_bond.pdbx_aromatic_flag 
_chem_comp_bond.pdbx_stereo_config 
_chem_comp_bond.pdbx_ordinal 
3AL C4  C5   sing N N 1   
3AL C4  N9   sing N N 2   
3AL C4  N3   sing N N 3   
3AL C4  H4   sing N N 4   
3AL C5  O5   doub N N 5   
3AL C5  N7   sing N N 6   
3AL N7  C8   sing N N 7   
3AL N7  HN7  sing N N 8   
3AL C8  O8   doub N N 9   
3AL C8  N9   sing N N 10  
3AL N9  HN9  sing N N 11  
3AL N3  C2   sing N N 12  
3AL N3  HN3  sing N N 13  
3AL C2  N1   sing N N 14  
3AL C2  O2   doub N N 15  
3AL N1  HN11 sing N N 16  
3AL N1  HN12 sing N N 17  
ALA N   CA   sing N N 18  
ALA N   H    sing N N 19  
ALA N   H2   sing N N 20  
ALA CA  C    sing N N 21  
ALA CA  CB   sing N N 22  
ALA CA  HA   sing N N 23  
ALA C   O    doub N N 24  
ALA C   OXT  sing N N 25  
ALA CB  HB1  sing N N 26  
ALA CB  HB2  sing N N 27  
ALA CB  HB3  sing N N 28  
ALA OXT HXT  sing N N 29  
ARG N   CA   sing N N 30  
ARG N   H    sing N N 31  
ARG N   H2   sing N N 32  
ARG CA  C    sing N N 33  
ARG CA  CB   sing N N 34  
ARG CA  HA   sing N N 35  
ARG C   O    doub N N 36  
ARG C   OXT  sing N N 37  
ARG CB  CG   sing N N 38  
ARG CB  HB2  sing N N 39  
ARG CB  HB3  sing N N 40  
ARG CG  CD   sing N N 41  
ARG CG  HG2  sing N N 42  
ARG CG  HG3  sing N N 43  
ARG CD  NE   sing N N 44  
ARG CD  HD2  sing N N 45  
ARG CD  HD3  sing N N 46  
ARG NE  CZ   sing N N 47  
ARG NE  HE   sing N N 48  
ARG CZ  NH1  sing N N 49  
ARG CZ  NH2  doub N N 50  
ARG NH1 HH11 sing N N 51  
ARG NH1 HH12 sing N N 52  
ARG NH2 HH21 sing N N 53  
ARG NH2 HH22 sing N N 54  
ARG OXT HXT  sing N N 55  
ASN N   CA   sing N N 56  
ASN N   H    sing N N 57  
ASN N   H2   sing N N 58  
ASN CA  C    sing N N 59  
ASN CA  CB   sing N N 60  
ASN CA  HA   sing N N 61  
ASN C   O    doub N N 62  
ASN C   OXT  sing N N 63  
ASN CB  CG   sing N N 64  
ASN CB  HB2  sing N N 65  
ASN CB  HB3  sing N N 66  
ASN CG  OD1  doub N N 67  
ASN CG  ND2  sing N N 68  
ASN ND2 HD21 sing N N 69  
ASN ND2 HD22 sing N N 70  
ASN OXT HXT  sing N N 71  
ASP N   CA   sing N N 72  
ASP N   H    sing N N 73  
ASP N   H2   sing N N 74  
ASP CA  C    sing N N 75  
ASP CA  CB   sing N N 76  
ASP CA  HA   sing N N 77  
ASP C   O    doub N N 78  
ASP C   OXT  sing N N 79  
ASP CB  CG   sing N N 80  
ASP CB  HB2  sing N N 81  
ASP CB  HB3  sing N N 82  
ASP CG  OD1  doub N N 83  
ASP CG  OD2  sing N N 84  
ASP OD2 HD2  sing N N 85  
ASP OXT HXT  sing N N 86  
CYS N   CA   sing N N 87  
CYS N   H    sing N N 88  
CYS N   H2   sing N N 89  
CYS CA  C    sing N N 90  
CYS CA  CB   sing N N 91  
CYS CA  HA   sing N N 92  
CYS C   O    doub N N 93  
CYS C   OXT  sing N N 94  
CYS CB  SG   sing N N 95  
CYS CB  HB2  sing N N 96  
CYS CB  HB3  sing N N 97  
CYS SG  HG   sing N N 98  
CYS OXT HXT  sing N N 99  
GLN N   CA   sing N N 100 
GLN N   H    sing N N 101 
GLN N   H2   sing N N 102 
GLN CA  C    sing N N 103 
GLN CA  CB   sing N N 104 
GLN CA  HA   sing N N 105 
GLN C   O    doub N N 106 
GLN C   OXT  sing N N 107 
GLN CB  CG   sing N N 108 
GLN CB  HB2  sing N N 109 
GLN CB  HB3  sing N N 110 
GLN CG  CD   sing N N 111 
GLN CG  HG2  sing N N 112 
GLN CG  HG3  sing N N 113 
GLN CD  OE1  doub N N 114 
GLN CD  NE2  sing N N 115 
GLN NE2 HE21 sing N N 116 
GLN NE2 HE22 sing N N 117 
GLN OXT HXT  sing N N 118 
GLU N   CA   sing N N 119 
GLU N   H    sing N N 120 
GLU N   H2   sing N N 121 
GLU CA  C    sing N N 122 
GLU CA  CB   sing N N 123 
GLU CA  HA   sing N N 124 
GLU C   O    doub N N 125 
GLU C   OXT  sing N N 126 
GLU CB  CG   sing N N 127 
GLU CB  HB2  sing N N 128 
GLU CB  HB3  sing N N 129 
GLU CG  CD   sing N N 130 
GLU CG  HG2  sing N N 131 
GLU CG  HG3  sing N N 132 
GLU CD  OE1  doub N N 133 
GLU CD  OE2  sing N N 134 
GLU OE2 HE2  sing N N 135 
GLU OXT HXT  sing N N 136 
GLY N   CA   sing N N 137 
GLY N   H    sing N N 138 
GLY N   H2   sing N N 139 
GLY CA  C    sing N N 140 
GLY CA  HA2  sing N N 141 
GLY CA  HA3  sing N N 142 
GLY C   O    doub N N 143 
GLY C   OXT  sing N N 144 
GLY OXT HXT  sing N N 145 
HIS N   CA   sing N N 146 
HIS N   H    sing N N 147 
HIS N   H2   sing N N 148 
HIS CA  C    sing N N 149 
HIS CA  CB   sing N N 150 
HIS CA  HA   sing N N 151 
HIS C   O    doub N N 152 
HIS C   OXT  sing N N 153 
HIS CB  CG   sing N N 154 
HIS CB  HB2  sing N N 155 
HIS CB  HB3  sing N N 156 
HIS CG  ND1  sing Y N 157 
HIS CG  CD2  doub Y N 158 
HIS ND1 CE1  doub Y N 159 
HIS ND1 HD1  sing N N 160 
HIS CD2 NE2  sing Y N 161 
HIS CD2 HD2  sing N N 162 
HIS CE1 NE2  sing Y N 163 
HIS CE1 HE1  sing N N 164 
HIS NE2 HE2  sing N N 165 
HIS OXT HXT  sing N N 166 
HOH O   H1   sing N N 167 
HOH O   H2   sing N N 168 
ILE N   CA   sing N N 169 
ILE N   H    sing N N 170 
ILE N   H2   sing N N 171 
ILE CA  C    sing N N 172 
ILE CA  CB   sing N N 173 
ILE CA  HA   sing N N 174 
ILE C   O    doub N N 175 
ILE C   OXT  sing N N 176 
ILE CB  CG1  sing N N 177 
ILE CB  CG2  sing N N 178 
ILE CB  HB   sing N N 179 
ILE CG1 CD1  sing N N 180 
ILE CG1 HG12 sing N N 181 
ILE CG1 HG13 sing N N 182 
ILE CG2 HG21 sing N N 183 
ILE CG2 HG22 sing N N 184 
ILE CG2 HG23 sing N N 185 
ILE CD1 HD11 sing N N 186 
ILE CD1 HD12 sing N N 187 
ILE CD1 HD13 sing N N 188 
ILE OXT HXT  sing N N 189 
LEU N   CA   sing N N 190 
LEU N   H    sing N N 191 
LEU N   H2   sing N N 192 
LEU CA  C    sing N N 193 
LEU CA  CB   sing N N 194 
LEU CA  HA   sing N N 195 
LEU C   O    doub N N 196 
LEU C   OXT  sing N N 197 
LEU CB  CG   sing N N 198 
LEU CB  HB2  sing N N 199 
LEU CB  HB3  sing N N 200 
LEU CG  CD1  sing N N 201 
LEU CG  CD2  sing N N 202 
LEU CG  HG   sing N N 203 
LEU CD1 HD11 sing N N 204 
LEU CD1 HD12 sing N N 205 
LEU CD1 HD13 sing N N 206 
LEU CD2 HD21 sing N N 207 
LEU CD2 HD22 sing N N 208 
LEU CD2 HD23 sing N N 209 
LEU OXT HXT  sing N N 210 
LYS N   CA   sing N N 211 
LYS N   H    sing N N 212 
LYS N   H2   sing N N 213 
LYS CA  C    sing N N 214 
LYS CA  CB   sing N N 215 
LYS CA  HA   sing N N 216 
LYS C   O    doub N N 217 
LYS C   OXT  sing N N 218 
LYS CB  CG   sing N N 219 
LYS CB  HB2  sing N N 220 
LYS CB  HB3  sing N N 221 
LYS CG  CD   sing N N 222 
LYS CG  HG2  sing N N 223 
LYS CG  HG3  sing N N 224 
LYS CD  CE   sing N N 225 
LYS CD  HD2  sing N N 226 
LYS CD  HD3  sing N N 227 
LYS CE  NZ   sing N N 228 
LYS CE  HE2  sing N N 229 
LYS CE  HE3  sing N N 230 
LYS NZ  HZ1  sing N N 231 
LYS NZ  HZ2  sing N N 232 
LYS NZ  HZ3  sing N N 233 
LYS OXT HXT  sing N N 234 
MET N   CA   sing N N 235 
MET N   H    sing N N 236 
MET N   H2   sing N N 237 
MET CA  C    sing N N 238 
MET CA  CB   sing N N 239 
MET CA  HA   sing N N 240 
MET C   O    doub N N 241 
MET C   OXT  sing N N 242 
MET CB  CG   sing N N 243 
MET CB  HB2  sing N N 244 
MET CB  HB3  sing N N 245 
MET CG  SD   sing N N 246 
MET CG  HG2  sing N N 247 
MET CG  HG3  sing N N 248 
MET SD  CE   sing N N 249 
MET CE  HE1  sing N N 250 
MET CE  HE2  sing N N 251 
MET CE  HE3  sing N N 252 
MET OXT HXT  sing N N 253 
MSE N   CA   sing N N 254 
MSE N   H    sing N N 255 
MSE N   H2   sing N N 256 
MSE CA  C    sing N N 257 
MSE CA  CB   sing N N 258 
MSE CA  HA   sing N N 259 
MSE C   O    doub N N 260 
MSE C   OXT  sing N N 261 
MSE OXT HXT  sing N N 262 
MSE CB  CG   sing N N 263 
MSE CB  HB2  sing N N 264 
MSE CB  HB3  sing N N 265 
MSE CG  SE   sing N N 266 
MSE CG  HG2  sing N N 267 
MSE CG  HG3  sing N N 268 
MSE SE  CE   sing N N 269 
MSE CE  HE1  sing N N 270 
MSE CE  HE2  sing N N 271 
MSE CE  HE3  sing N N 272 
PHE N   CA   sing N N 273 
PHE N   H    sing N N 274 
PHE N   H2   sing N N 275 
PHE CA  C    sing N N 276 
PHE CA  CB   sing N N 277 
PHE CA  HA   sing N N 278 
PHE C   O    doub N N 279 
PHE C   OXT  sing N N 280 
PHE CB  CG   sing N N 281 
PHE CB  HB2  sing N N 282 
PHE CB  HB3  sing N N 283 
PHE CG  CD1  doub Y N 284 
PHE CG  CD2  sing Y N 285 
PHE CD1 CE1  sing Y N 286 
PHE CD1 HD1  sing N N 287 
PHE CD2 CE2  doub Y N 288 
PHE CD2 HD2  sing N N 289 
PHE CE1 CZ   doub Y N 290 
PHE CE1 HE1  sing N N 291 
PHE CE2 CZ   sing Y N 292 
PHE CE2 HE2  sing N N 293 
PHE CZ  HZ   sing N N 294 
PHE OXT HXT  sing N N 295 
PRO N   CA   sing N N 296 
PRO N   CD   sing N N 297 
PRO N   H    sing N N 298 
PRO CA  C    sing N N 299 
PRO CA  CB   sing N N 300 
PRO CA  HA   sing N N 301 
PRO C   O    doub N N 302 
PRO C   OXT  sing N N 303 
PRO CB  CG   sing N N 304 
PRO CB  HB2  sing N N 305 
PRO CB  HB3  sing N N 306 
PRO CG  CD   sing N N 307 
PRO CG  HG2  sing N N 308 
PRO CG  HG3  sing N N 309 
PRO CD  HD2  sing N N 310 
PRO CD  HD3  sing N N 311 
PRO OXT HXT  sing N N 312 
SER N   CA   sing N N 313 
SER N   H    sing N N 314 
SER N   H2   sing N N 315 
SER CA  C    sing N N 316 
SER CA  CB   sing N N 317 
SER CA  HA   sing N N 318 
SER C   O    doub N N 319 
SER C   OXT  sing N N 320 
SER CB  OG   sing N N 321 
SER CB  HB2  sing N N 322 
SER CB  HB3  sing N N 323 
SER OG  HG   sing N N 324 
SER OXT HXT  sing N N 325 
THR N   CA   sing N N 326 
THR N   H    sing N N 327 
THR N   H2   sing N N 328 
THR CA  C    sing N N 329 
THR CA  CB   sing N N 330 
THR CA  HA   sing N N 331 
THR C   O    doub N N 332 
THR C   OXT  sing N N 333 
THR CB  OG1  sing N N 334 
THR CB  CG2  sing N N 335 
THR CB  HB   sing N N 336 
THR OG1 HG1  sing N N 337 
THR CG2 HG21 sing N N 338 
THR CG2 HG22 sing N N 339 
THR CG2 HG23 sing N N 340 
THR OXT HXT  sing N N 341 
TRP N   CA   sing N N 342 
TRP N   H    sing N N 343 
TRP N   H2   sing N N 344 
TRP CA  C    sing N N 345 
TRP CA  CB   sing N N 346 
TRP CA  HA   sing N N 347 
TRP C   O    doub N N 348 
TRP C   OXT  sing N N 349 
TRP CB  CG   sing N N 350 
TRP CB  HB2  sing N N 351 
TRP CB  HB3  sing N N 352 
TRP CG  CD1  doub Y N 353 
TRP CG  CD2  sing Y N 354 
TRP CD1 NE1  sing Y N 355 
TRP CD1 HD1  sing N N 356 
TRP CD2 CE2  doub Y N 357 
TRP CD2 CE3  sing Y N 358 
TRP NE1 CE2  sing Y N 359 
TRP NE1 HE1  sing N N 360 
TRP CE2 CZ2  sing Y N 361 
TRP CE3 CZ3  doub Y N 362 
TRP CE3 HE3  sing N N 363 
TRP CZ2 CH2  doub Y N 364 
TRP CZ2 HZ2  sing N N 365 
TRP CZ3 CH2  sing Y N 366 
TRP CZ3 HZ3  sing N N 367 
TRP CH2 HH2  sing N N 368 
TRP OXT HXT  sing N N 369 
TYR N   CA   sing N N 370 
TYR N   H    sing N N 371 
TYR N   H2   sing N N 372 
TYR CA  C    sing N N 373 
TYR CA  CB   sing N N 374 
TYR CA  HA   sing N N 375 
TYR C   O    doub N N 376 
TYR C   OXT  sing N N 377 
TYR CB  CG   sing N N 378 
TYR CB  HB2  sing N N 379 
TYR CB  HB3  sing N N 380 
TYR CG  CD1  doub Y N 381 
TYR CG  CD2  sing Y N 382 
TYR CD1 CE1  sing Y N 383 
TYR CD1 HD1  sing N N 384 
TYR CD2 CE2  doub Y N 385 
TYR CD2 HD2  sing N N 386 
TYR CE1 CZ   doub Y N 387 
TYR CE1 HE1  sing N N 388 
TYR CE2 CZ   sing Y N 389 
TYR CE2 HE2  sing N N 390 
TYR CZ  OH   sing N N 391 
TYR OH  HH   sing N N 392 
TYR OXT HXT  sing N N 393 
VAL N   CA   sing N N 394 
VAL N   H    sing N N 395 
VAL N   H2   sing N N 396 
VAL CA  C    sing N N 397 
VAL CA  CB   sing N N 398 
VAL CA  HA   sing N N 399 
VAL C   O    doub N N 400 
VAL C   OXT  sing N N 401 
VAL CB  CG1  sing N N 402 
VAL CB  CG2  sing N N 403 
VAL CB  HB   sing N N 404 
VAL CG1 HG11 sing N N 405 
VAL CG1 HG12 sing N N 406 
VAL CG1 HG13 sing N N 407 
VAL CG2 HG21 sing N N 408 
VAL CG2 HG22 sing N N 409 
VAL CG2 HG23 sing N N 410 
VAL OXT HXT  sing N N 411 
# 
_atom_sites.entry_id                    2Q37 
_atom_sites.fract_transf_matrix[1][1]   0.01132013 
_atom_sites.fract_transf_matrix[1][2]   0.00406391 
_atom_sites.fract_transf_matrix[1][3]   -0.01007904 
_atom_sites.fract_transf_matrix[2][1]   -0.00297263 
_atom_sites.fract_transf_matrix[2][2]   0.01041627 
_atom_sites.fract_transf_matrix[2][3]   -0.01135495 
_atom_sites.fract_transf_matrix[3][1]   0.00396138 
_atom_sites.fract_transf_matrix[3][2]   0.01067087 
_atom_sites.fract_transf_matrix[3][3]   0.00875169 
_atom_sites.fract_transf_vector[1]      0.463908 
_atom_sites.fract_transf_vector[2]      0.226176 
_atom_sites.fract_transf_vector[3]      0.256695 
# 
loop_
_atom_type.symbol 
C  
N  
O  
S  
SE 
# 
loop_
_atom_site.group_PDB 
_atom_site.id 
_atom_site.type_symbol 
_atom_site.label_atom_id 
_atom_site.label_alt_id 
_atom_site.label_comp_id 
_atom_site.label_asym_id 
_atom_site.label_entity_id 
_atom_site.label_seq_id 
_atom_site.pdbx_PDB_ins_code 
_atom_site.Cartn_x 
_atom_site.Cartn_y 
_atom_site.Cartn_z 
_atom_site.occupancy 
_atom_site.B_iso_or_equiv 
_atom_site.pdbx_formal_charge 
_atom_site.auth_seq_id 
_atom_site.auth_comp_id 
_atom_site.auth_asym_id 
_atom_site.auth_atom_id 
_atom_site.pdbx_PDB_model_num 
ATOM   1    N  N   . GLY A 1 26  ? -0.278  20.103  4.980   1.00 104.04 ? 6   GLY A N   1 
ATOM   2    C  CA  . GLY A 1 26  ? -0.677  20.617  3.634   1.00 104.19 ? 6   GLY A CA  1 
ATOM   3    C  C   . GLY A 1 26  ? -2.146  20.390  3.318   1.00 103.97 ? 6   GLY A C   1 
ATOM   4    O  O   . GLY A 1 26  ? -2.711  21.069  2.457   1.00 103.91 ? 6   GLY A O   1 
ATOM   5    N  N   . GLU A 1 27  ? -2.758  19.440  4.028   1.00 103.40 ? 7   GLU A N   1 
ATOM   6    C  CA  . GLU A 1 27  ? -4.170  19.074  3.857   1.00 103.22 ? 7   GLU A CA  1 
ATOM   7    C  C   . GLU A 1 27  ? -4.399  17.691  4.475   1.00 102.47 ? 7   GLU A C   1 
ATOM   8    O  O   . GLU A 1 27  ? -4.011  16.680  3.886   1.00 102.99 ? 7   GLU A O   1 
ATOM   9    C  CB  . GLU A 1 27  ? -4.541  19.042  2.362   1.00 104.15 ? 7   GLU A CB  1 
ATOM   10   C  CG  . GLU A 1 27  ? -5.927  18.457  2.026   1.00 105.31 ? 7   GLU A CG  1 
ATOM   11   C  CD  . GLU A 1 27  ? -7.091  19.245  2.625   1.00 105.96 ? 7   GLU A CD  1 
ATOM   12   O  OE1 . GLU A 1 27  ? -7.221  20.455  2.329   1.00 105.79 ? 7   GLU A OE1 1 
ATOM   13   O  OE2 . GLU A 1 27  ? -7.882  18.648  3.389   1.00 106.12 ? 7   GLU A OE2 1 
ATOM   14   N  N   . ASP A 1 28  ? -5.033  17.644  5.648   1.00 101.23 ? 8   ASP A N   1 
ATOM   15   C  CA  . ASP A 1 28  ? -5.285  16.374  6.341   1.00 99.87  ? 8   ASP A CA  1 
ATOM   16   C  C   . ASP A 1 28  ? -6.109  15.343  5.559   1.00 98.43  ? 8   ASP A C   1 
ATOM   17   O  O   . ASP A 1 28  ? -6.778  14.491  6.150   1.00 97.75  ? 8   ASP A O   1 
ATOM   18   C  CB  . ASP A 1 28  ? -5.944  16.620  7.702   1.00 100.96 ? 8   ASP A CB  1 
ATOM   19   C  CG  . ASP A 1 28  ? -7.293  17.303  7.587   1.00 102.62 ? 8   ASP A CG  1 
ATOM   20   O  OD1 . ASP A 1 28  ? -7.321  18.523  7.306   1.00 103.21 ? 8   ASP A OD1 1 
ATOM   21   O  OD2 . ASP A 1 28  ? -8.325  16.616  7.769   1.00 102.81 ? 8   ASP A OD2 1 
ATOM   22   N  N   . GLU A 1 29  ? -6.068  15.437  4.232   1.00 96.64  ? 9   GLU A N   1 
ATOM   23   C  CA  . GLU A 1 29  ? -6.752  14.488  3.364   1.00 94.16  ? 9   GLU A CA  1 
ATOM   24   C  C   . GLU A 1 29  ? -5.759  13.360  3.158   1.00 92.41  ? 9   GLU A C   1 
ATOM   25   O  O   . GLU A 1 29  ? -5.856  12.585  2.205   1.00 91.96  ? 9   GLU A O   1 
ATOM   26   C  CB  . GLU A 1 29  ? -7.091  15.124  2.016   1.00 95.02  ? 9   GLU A CB  1 
ATOM   27   C  CG  . GLU A 1 29  ? -8.430  15.831  1.990   1.00 96.16  ? 9   GLU A CG  1 
ATOM   28   C  CD  . GLU A 1 29  ? -9.556  14.929  2.461   1.00 96.98  ? 9   GLU A CD  1 
ATOM   29   O  OE1 . GLU A 1 29  ? -9.611  14.631  3.677   1.00 98.04  ? 9   GLU A OE1 1 
ATOM   30   O  OE2 . GLU A 1 29  ? -10.378 14.508  1.616   1.00 96.10  ? 9   GLU A OE2 1 
ATOM   31   N  N   . TRP A 1 30  ? -4.791  13.302  4.072   1.00 90.08  ? 10  TRP A N   1 
ATOM   32   C  CA  . TRP A 1 30  ? -3.743  12.298  4.054   1.00 87.32  ? 10  TRP A CA  1 
ATOM   33   C  C   . TRP A 1 30  ? -4.263  10.923  4.454   1.00 86.55  ? 10  TRP A C   1 
ATOM   34   O  O   . TRP A 1 30  ? -3.638  9.914   4.135   1.00 86.38  ? 10  TRP A O   1 
ATOM   35   C  CB  . TRP A 1 30  ? -2.618  12.681  5.010   1.00 86.02  ? 10  TRP A CB  1 
ATOM   36   C  CG  . TRP A 1 30  ? -1.919  13.969  4.714   1.00 83.63  ? 10  TRP A CG  1 
ATOM   37   C  CD1 . TRP A 1 30  ? -2.146  15.173  5.307   1.00 83.37  ? 10  TRP A CD1 1 
ATOM   38   C  CD2 . TRP A 1 30  ? -0.803  14.160  3.834   1.00 82.43  ? 10  TRP A CD2 1 
ATOM   39   N  NE1 . TRP A 1 30  ? -1.233  16.103  4.864   1.00 82.76  ? 10  TRP A NE1 1 
ATOM   40   C  CE2 . TRP A 1 30  ? -0.397  15.507  3.958   1.00 82.05  ? 10  TRP A CE2 1 
ATOM   41   C  CE3 . TRP A 1 30  ? -0.101  13.320  2.955   1.00 81.25  ? 10  TRP A CE3 1 
ATOM   42   C  CZ2 . TRP A 1 30  ? 0.680   16.039  3.239   1.00 80.67  ? 10  TRP A CZ2 1 
ATOM   43   C  CZ3 . TRP A 1 30  ? 0.972   13.849  2.240   1.00 79.78  ? 10  TRP A CZ3 1 
ATOM   44   C  CH2 . TRP A 1 30  ? 1.350   15.196  2.388   1.00 79.88  ? 10  TRP A CH2 1 
ATOM   45   N  N   . LYS A 1 31  ? -5.385  10.877  5.171   1.00 85.31  ? 11  LYS A N   1 
ATOM   46   C  CA  . LYS A 1 31  ? -5.956  9.595   5.577   1.00 84.68  ? 11  LYS A CA  1 
ATOM   47   C  C   . LYS A 1 31  ? -6.262  8.812   4.301   1.00 85.22  ? 11  LYS A C   1 
ATOM   48   O  O   . LYS A 1 31  ? -6.353  7.579   4.313   1.00 85.45  ? 11  LYS A O   1 
ATOM   49   C  CB  . LYS A 1 31  ? -7.238  9.796   6.392   1.00 83.64  ? 11  LYS A CB  1 
ATOM   50   C  CG  . LYS A 1 31  ? -7.799  8.513   7.034   1.00 82.10  ? 11  LYS A CG  1 
ATOM   51   C  CD  . LYS A 1 31  ? -6.880  7.969   8.130   1.00 80.45  ? 11  LYS A CD  1 
ATOM   52   C  CE  . LYS A 1 31  ? -7.508  6.803   8.898   1.00 79.48  ? 11  LYS A CE  1 
ATOM   53   N  NZ  . LYS A 1 31  ? -7.687  5.566   8.080   1.00 79.47  ? 11  LYS A NZ  1 
ATOM   54   N  N   . VAL A 1 32  ? -6.420  9.552   3.204   1.00 85.93  ? 12  VAL A N   1 
ATOM   55   C  CA  . VAL A 1 32  ? -6.685  8.983   1.885   1.00 86.07  ? 12  VAL A CA  1 
ATOM   56   C  C   . VAL A 1 32  ? -5.343  8.651   1.207   1.00 86.81  ? 12  VAL A C   1 
ATOM   57   O  O   . VAL A 1 32  ? -5.240  7.687   0.449   1.00 87.99  ? 12  VAL A O   1 
ATOM   58   C  CB  . VAL A 1 32  ? -7.474  9.984   1.009   1.00 86.21  ? 12  VAL A CB  1 
ATOM   59   C  CG1 . VAL A 1 32  ? -7.801  9.348   -0.337  1.00 86.04  ? 12  VAL A CG1 1 
ATOM   60   C  CG2 . VAL A 1 32  ? -8.750  10.423  1.730   1.00 84.99  ? 12  VAL A CG2 1 
ATOM   61   N  N   . CYS A 1 33  ? -4.320  9.456   1.493   1.00 86.33  ? 13  CYS A N   1 
ATOM   62   C  CA  . CYS A 1 33  ? -2.982  9.248   0.947   1.00 84.87  ? 13  CYS A CA  1 
ATOM   63   C  C   . CYS A 1 33  ? -2.142  8.365   1.856   1.00 84.06  ? 13  CYS A C   1 
ATOM   64   O  O   . CYS A 1 33  ? -0.916  8.403   1.786   1.00 84.19  ? 13  CYS A O   1 
ATOM   65   C  CB  . CYS A 1 33  ? -2.256  10.577  0.767   1.00 84.59  ? 13  CYS A CB  1 
ATOM   66   S  SG  . CYS A 1 33  ? -2.717  11.445  -0.723  1.00 88.38  ? 13  CYS A SG  1 
ATOM   67   N  N   . CYS A 1 34  ? -2.806  7.590   2.712   1.00 82.68  ? 14  CYS A N   1 
ATOM   68   C  CA  . CYS A 1 34  ? -2.145  6.674   3.656   1.00 81.61  ? 14  CYS A CA  1 
ATOM   69   C  C   . CYS A 1 34  ? -3.134  6.384   4.791   1.00 80.09  ? 14  CYS A C   1 
ATOM   70   O  O   . CYS A 1 34  ? -3.370  7.234   5.652   1.00 80.20  ? 14  CYS A O   1 
ATOM   71   C  CB  . CYS A 1 34  ? -0.857  7.303   4.229   1.00 82.72  ? 14  CYS A CB  1 
ATOM   72   S  SG  . CYS A 1 34  ? 0.452   6.120   4.759   1.00 83.97  ? 14  CYS A SG  1 
ATOM   73   N  N   . GLY A 1 35  ? -3.710  5.185   4.781   1.00 77.31  ? 15  GLY A N   1 
ATOM   74   C  CA  . GLY A 1 35  ? -4.681  4.810   5.795   1.00 74.76  ? 15  GLY A CA  1 
ATOM   75   C  C   . GLY A 1 35  ? -4.266  4.962   7.249   1.00 73.57  ? 15  GLY A C   1 
ATOM   76   O  O   . GLY A 1 35  ? -5.023  4.592   8.151   1.00 72.86  ? 15  GLY A O   1 
ATOM   77   N  N   . SER A 1 36  ? -3.069  5.496   7.486   1.00 72.64  ? 16  SER A N   1 
ATOM   78   C  CA  . SER A 1 36  ? -2.574  5.690   8.848   1.00 71.40  ? 16  SER A CA  1 
ATOM   79   C  C   . SER A 1 36  ? -3.009  7.042   9.408   1.00 71.08  ? 16  SER A C   1 
ATOM   80   O  O   . SER A 1 36  ? -2.644  8.100   8.882   1.00 70.06  ? 16  SER A O   1 
ATOM   81   C  CB  . SER A 1 36  ? -1.043  5.593   8.886   1.00 70.82  ? 16  SER A CB  1 
ATOM   82   O  OG  . SER A 1 36  ? -0.547  5.890   10.181  1.00 68.42  ? 16  SER A OG  1 
ATOM   83   N  N   . SER A 1 37  ? -3.796  6.992   10.480  1.00 70.43  ? 17  SER A N   1 
ATOM   84   C  CA  . SER A 1 37  ? -4.288  8.196   11.138  1.00 68.94  ? 17  SER A CA  1 
ATOM   85   C  C   . SER A 1 37  ? -3.109  8.999   11.671  1.00 68.56  ? 17  SER A C   1 
ATOM   86   O  O   . SER A 1 37  ? -3.052  10.220  11.510  1.00 69.25  ? 17  SER A O   1 
ATOM   87   C  CB  . SER A 1 37  ? -5.216  7.814   12.289  1.00 67.95  ? 17  SER A CB  1 
ATOM   88   O  OG  . SER A 1 37  ? -6.307  7.030   11.828  1.00 68.38  ? 17  SER A OG  1 
ATOM   89   N  N   . GLU A 1 38  ? -2.166  8.293   12.293  1.00 68.11  ? 18  GLU A N   1 
ATOM   90   C  CA  . GLU A 1 38  ? -0.976  8.903   12.872  1.00 67.67  ? 18  GLU A CA  1 
ATOM   91   C  C   . GLU A 1 38  ? -0.116  9.592   11.814  1.00 67.99  ? 18  GLU A C   1 
ATOM   92   O  O   . GLU A 1 38  ? 0.343   10.714  12.011  1.00 67.77  ? 18  GLU A O   1 
ATOM   93   C  CB  . GLU A 1 38  ? -0.153  7.840   13.606  1.00 67.25  ? 18  GLU A CB  1 
ATOM   94   C  CG  . GLU A 1 38  ? 0.972   8.413   14.443  1.00 67.92  ? 18  GLU A CG  1 
ATOM   95   C  CD  . GLU A 1 38  ? 0.509   9.588   15.297  1.00 68.12  ? 18  GLU A CD  1 
ATOM   96   O  OE1 . GLU A 1 38  ? -0.546  9.469   15.967  1.00 65.71  ? 18  GLU A OE1 1 
ATOM   97   O  OE2 . GLU A 1 38  ? 1.205   10.628  15.293  1.00 66.87  ? 18  GLU A OE2 1 
ATOM   98   N  N   . PHE A 1 39  ? 0.103   8.915   10.692  1.00 68.57  ? 19  PHE A N   1 
ATOM   99   C  CA  . PHE A 1 39  ? 0.901   9.480   9.611   1.00 69.15  ? 19  PHE A CA  1 
ATOM   100  C  C   . PHE A 1 39  ? 0.213   10.744  9.084   1.00 70.49  ? 19  PHE A C   1 
ATOM   101  O  O   . PHE A 1 39  ? 0.864   11.767  8.840   1.00 70.01  ? 19  PHE A O   1 
ATOM   102  C  CB  . PHE A 1 39  ? 1.082   8.446   8.486   1.00 66.78  ? 19  PHE A CB  1 
ATOM   103  C  CG  . PHE A 1 39  ? 1.636   9.022   7.217   1.00 66.02  ? 19  PHE A CG  1 
ATOM   104  C  CD1 . PHE A 1 39  ? 0.792   9.635   6.286   1.00 65.40  ? 19  PHE A CD1 1 
ATOM   105  C  CD2 . PHE A 1 39  ? 3.007   9.000   6.966   1.00 65.98  ? 19  PHE A CD2 1 
ATOM   106  C  CE1 . PHE A 1 39  ? 1.302   10.223  5.122   1.00 64.85  ? 19  PHE A CE1 1 
ATOM   107  C  CE2 . PHE A 1 39  ? 3.532   9.586   5.803   1.00 66.10  ? 19  PHE A CE2 1 
ATOM   108  C  CZ  . PHE A 1 39  ? 2.674   10.198  4.880   1.00 65.27  ? 19  PHE A CZ  1 
ATOM   109  N  N   . ALA A 1 40  ? -1.105  10.667  8.915   1.00 72.15  ? 20  ALA A N   1 
ATOM   110  C  CA  . ALA A 1 40  ? -1.879  11.806  8.430   1.00 73.87  ? 20  ALA A CA  1 
ATOM   111  C  C   . ALA A 1 40  ? -1.721  12.950  9.423   1.00 74.99  ? 20  ALA A C   1 
ATOM   112  O  O   . ALA A 1 40  ? -1.420  14.079  9.039   1.00 75.08  ? 20  ALA A O   1 
ATOM   113  C  CB  . ALA A 1 40  ? -3.361  11.426  8.290   1.00 73.34  ? 20  ALA A CB  1 
ATOM   114  N  N   . LYS A 1 41  ? -1.913  12.640  10.701  1.00 75.72  ? 21  LYS A N   1 
ATOM   115  C  CA  . LYS A 1 41  ? -1.796  13.624  11.766  1.00 76.97  ? 21  LYS A CA  1 
ATOM   116  C  C   . LYS A 1 41  ? -0.437  14.334  11.759  1.00 77.14  ? 21  LYS A C   1 
ATOM   117  O  O   . LYS A 1 41  ? -0.362  15.561  11.676  1.00 76.83  ? 21  LYS A O   1 
ATOM   118  C  CB  . LYS A 1 41  ? -2.007  12.941  13.120  1.00 78.61  ? 21  LYS A CB  1 
ATOM   119  C  CG  . LYS A 1 41  ? -2.061  13.900  14.307  1.00 80.33  ? 21  LYS A CG  1 
ATOM   120  C  CD  . LYS A 1 41  ? -2.180  13.160  15.644  1.00 82.44  ? 21  LYS A CD  1 
ATOM   121  C  CE  . LYS A 1 41  ? -3.346  12.160  15.664  1.00 84.27  ? 21  LYS A CE  1 
ATOM   122  N  NZ  . LYS A 1 41  ? -4.669  12.765  15.339  1.00 85.04  ? 21  LYS A NZ  1 
ATOM   123  N  N   . GLN A 1 42  ? 0.635   13.555  11.846  1.00 77.42  ? 22  GLN A N   1 
ATOM   124  C  CA  . GLN A 1 42  ? 1.978   14.115  11.873  1.00 77.95  ? 22  GLN A CA  1 
ATOM   125  C  C   . GLN A 1 42  ? 2.302   14.920  10.631  1.00 79.14  ? 22  GLN A C   1 
ATOM   126  O  O   . GLN A 1 42  ? 3.125   15.832  10.665  1.00 78.48  ? 22  GLN A O   1 
ATOM   127  C  CB  . GLN A 1 42  ? 3.009   13.003  12.058  1.00 76.72  ? 22  GLN A CB  1 
ATOM   128  C  CG  . GLN A 1 42  ? 2.979   12.381  13.444  1.00 75.99  ? 22  GLN A CG  1 
ATOM   129  C  CD  . GLN A 1 42  ? 4.090   11.374  13.660  1.00 74.91  ? 22  GLN A CD  1 
ATOM   130  O  OE1 . GLN A 1 42  ? 5.259   11.673  13.423  1.00 74.51  ? 22  GLN A OE1 1 
ATOM   131  N  NE2 . GLN A 1 42  ? 3.730   10.175  14.117  1.00 73.86  ? 22  GLN A NE2 1 
HETATM 132  N  N   . MSE A 1 43  ? 1.651   14.586  9.531   1.00 81.24  ? 23  MSE A N   1 
HETATM 133  C  CA  . MSE A 1 43  ? 1.896   15.304  8.296   1.00 84.46  ? 23  MSE A CA  1 
HETATM 134  C  C   . MSE A 1 43  ? 1.073   16.601  8.276   1.00 85.10  ? 23  MSE A C   1 
HETATM 135  O  O   . MSE A 1 43  ? 1.542   17.631  7.783   1.00 85.35  ? 23  MSE A O   1 
HETATM 136  C  CB  . MSE A 1 43  ? 1.539   14.418  7.100   1.00 86.61  ? 23  MSE A CB  1 
HETATM 137  C  CG  . MSE A 1 43  ? 2.390   14.654  5.848   1.00 89.37  ? 23  MSE A CG  1 
HETATM 138  SE SE  . MSE A 1 43  ? 4.226   13.980  5.934   1.00 93.18  ? 23  MSE A SE  1 
HETATM 139  C  CE  . MSE A 1 43  ? 4.817   14.567  4.181   1.00 90.78  ? 23  MSE A CE  1 
ATOM   140  N  N   . SER A 1 44  ? -0.145  16.549  8.819   1.00 85.32  ? 24  SER A N   1 
ATOM   141  C  CA  . SER A 1 44  ? -1.027  17.718  8.864   1.00 85.63  ? 24  SER A CA  1 
ATOM   142  C  C   . SER A 1 44  ? -0.331  18.895  9.522   1.00 86.77  ? 24  SER A C   1 
ATOM   143  O  O   . SER A 1 44  ? -0.556  20.051  9.153   1.00 87.74  ? 24  SER A O   1 
ATOM   144  C  CB  . SER A 1 44  ? -2.314  17.411  9.643   1.00 84.56  ? 24  SER A CB  1 
ATOM   145  O  OG  . SER A 1 44  ? -3.296  16.803  8.823   1.00 83.54  ? 24  SER A OG  1 
ATOM   146  N  N   . THR A 1 45  ? 0.515   18.596  10.501  1.00 87.36  ? 25  THR A N   1 
ATOM   147  C  CA  . THR A 1 45  ? 1.237   19.634  11.223  1.00 87.51  ? 25  THR A CA  1 
ATOM   148  C  C   . THR A 1 45  ? 2.701   19.691  10.812  1.00 88.12  ? 25  THR A C   1 
ATOM   149  O  O   . THR A 1 45  ? 3.602   19.563  11.644  1.00 88.68  ? 25  THR A O   1 
ATOM   150  C  CB  . THR A 1 45  ? 1.160   19.404  12.733  1.00 87.00  ? 25  THR A CB  1 
ATOM   151  O  OG1 . THR A 1 45  ? 1.919   18.237  13.075  1.00 86.32  ? 25  THR A OG1 1 
ATOM   152  C  CG2 . THR A 1 45  ? -0.292  19.208  13.158  1.00 87.29  ? 25  THR A CG2 1 
ATOM   153  N  N   . SER A 1 46  ? 2.932   19.881  9.519   1.00 88.21  ? 26  SER A N   1 
ATOM   154  C  CA  . SER A 1 46  ? 4.280   19.973  8.989   1.00 88.32  ? 26  SER A CA  1 
ATOM   155  C  C   . SER A 1 46  ? 4.403   21.301  8.247   1.00 88.63  ? 26  SER A C   1 
ATOM   156  O  O   . SER A 1 46  ? 3.508   21.676  7.485   1.00 88.81  ? 26  SER A O   1 
ATOM   157  C  CB  . SER A 1 46  ? 4.553   18.806  8.034   1.00 88.00  ? 26  SER A CB  1 
ATOM   158  O  OG  . SER A 1 46  ? 4.350   17.554  8.671   1.00 87.12  ? 26  SER A OG  1 
ATOM   159  N  N   . GLY A 1 47  ? 5.497   22.018  8.488   1.00 88.89  ? 27  GLY A N   1 
ATOM   160  C  CA  . GLY A 1 47  ? 5.705   23.290  7.817   1.00 89.59  ? 27  GLY A CA  1 
ATOM   161  C  C   . GLY A 1 47  ? 5.767   23.070  6.317   1.00 89.87  ? 27  GLY A C   1 
ATOM   162  O  O   . GLY A 1 47  ? 6.768   22.563  5.812   1.00 90.14  ? 27  GLY A O   1 
ATOM   163  N  N   . PRO A 1 48  ? 4.715   23.453  5.571   1.00 89.81  ? 28  PRO A N   1 
ATOM   164  C  CA  . PRO A 1 48  ? 4.657   23.283  4.114   1.00 89.07  ? 28  PRO A CA  1 
ATOM   165  C  C   . PRO A 1 48  ? 6.000   23.329  3.380   1.00 87.89  ? 28  PRO A C   1 
ATOM   166  O  O   . PRO A 1 48  ? 6.828   24.211  3.620   1.00 87.70  ? 28  PRO A O   1 
ATOM   167  C  CB  . PRO A 1 48  ? 3.716   24.404  3.684   1.00 89.81  ? 28  PRO A CB  1 
ATOM   168  C  CG  . PRO A 1 48  ? 2.723   24.418  4.811   1.00 90.53  ? 28  PRO A CG  1 
ATOM   169  C  CD  . PRO A 1 48  ? 3.617   24.323  6.038   1.00 89.92  ? 28  PRO A CD  1 
ATOM   170  N  N   . LEU A 1 49  ? 6.212   22.356  2.498   1.00 86.55  ? 29  LEU A N   1 
ATOM   171  C  CA  . LEU A 1 49  ? 7.435   22.284  1.704   1.00 84.91  ? 29  LEU A CA  1 
ATOM   172  C  C   . LEU A 1 49  ? 7.121   21.820  0.293   1.00 82.49  ? 29  LEU A C   1 
ATOM   173  O  O   . LEU A 1 49  ? 5.995   21.416  -0.003  1.00 81.27  ? 29  LEU A O   1 
ATOM   174  C  CB  . LEU A 1 49  ? 8.465   21.332  2.330   1.00 86.94  ? 29  LEU A CB  1 
ATOM   175  C  CG  . LEU A 1 49  ? 9.644   21.932  3.115   1.00 88.09  ? 29  LEU A CG  1 
ATOM   176  C  CD1 . LEU A 1 49  ? 10.083  23.241  2.464   1.00 87.81  ? 29  LEU A CD1 1 
ATOM   177  C  CD2 . LEU A 1 49  ? 9.248   22.177  4.565   1.00 88.82  ? 29  LEU A CD2 1 
ATOM   178  N  N   . THR A 1 50  ? 8.126   21.878  -0.574  1.00 80.16  ? 30  THR A N   1 
ATOM   179  C  CA  . THR A 1 50  ? 7.959   21.476  -1.960  1.00 77.64  ? 30  THR A CA  1 
ATOM   180  C  C   . THR A 1 50  ? 7.462   20.048  -2.094  1.00 76.88  ? 30  THR A C   1 
ATOM   181  O  O   . THR A 1 50  ? 7.295   19.332  -1.104  1.00 76.64  ? 30  THR A O   1 
ATOM   182  C  CB  . THR A 1 50  ? 9.271   21.620  -2.738  1.00 76.78  ? 30  THR A CB  1 
ATOM   183  O  OG1 . THR A 1 50  ? 10.358  21.147  -1.932  1.00 74.53  ? 30  THR A OG1 1 
ATOM   184  C  CG2 . THR A 1 50  ? 9.496   23.074  -3.119  1.00 76.22  ? 30  THR A CG2 1 
ATOM   185  N  N   . SER A 1 51  ? 7.212   19.642  -3.331  1.00 75.43  ? 31  SER A N   1 
ATOM   186  C  CA  . SER A 1 51  ? 6.737   18.296  -3.590  1.00 73.49  ? 31  SER A CA  1 
ATOM   187  C  C   . SER A 1 51  ? 7.853   17.300  -3.281  1.00 72.14  ? 31  SER A C   1 
ATOM   188  O  O   . SER A 1 51  ? 7.591   16.122  -3.052  1.00 71.63  ? 31  SER A O   1 
ATOM   189  C  CB  . SER A 1 51  ? 6.308   18.158  -5.052  1.00 72.73  ? 31  SER A CB  1 
ATOM   190  O  OG  . SER A 1 51  ? 5.793   16.862  -5.306  1.00 72.19  ? 31  SER A OG  1 
ATOM   191  N  N   . GLN A 1 52  ? 9.092   17.786  -3.257  1.00 69.94  ? 32  GLN A N   1 
ATOM   192  C  CA  . GLN A 1 52  ? 10.240  16.929  -2.999  1.00 67.75  ? 32  GLN A CA  1 
ATOM   193  C  C   . GLN A 1 52  ? 10.542  16.739  -1.527  1.00 66.35  ? 32  GLN A C   1 
ATOM   194  O  O   . GLN A 1 52  ? 10.834  15.629  -1.093  1.00 65.67  ? 32  GLN A O   1 
ATOM   195  C  CB  . GLN A 1 52  ? 11.481  17.483  -3.678  1.00 68.73  ? 32  GLN A CB  1 
ATOM   196  C  CG  . GLN A 1 52  ? 12.599  16.478  -3.741  1.00 69.92  ? 32  GLN A CG  1 
ATOM   197  C  CD  . GLN A 1 52  ? 12.261  15.325  -4.658  1.00 71.31  ? 32  GLN A CD  1 
ATOM   198  O  OE1 . GLN A 1 52  ? 12.119  15.506  -5.871  1.00 72.78  ? 32  GLN A OE1 1 
ATOM   199  N  NE2 . GLN A 1 52  ? 12.120  14.131  -4.088  1.00 70.63  ? 32  GLN A NE2 1 
ATOM   200  N  N   . GLU A 1 53  ? 10.494  17.822  -0.759  1.00 64.59  ? 33  GLU A N   1 
ATOM   201  C  CA  . GLU A 1 53  ? 10.765  17.728  0.670   1.00 62.85  ? 33  GLU A CA  1 
ATOM   202  C  C   . GLU A 1 53  ? 9.626   16.991  1.370   1.00 59.20  ? 33  GLU A C   1 
ATOM   203  O  O   . GLU A 1 53  ? 9.824   16.348  2.400   1.00 57.24  ? 33  GLU A O   1 
ATOM   204  C  CB  . GLU A 1 53  ? 10.939  19.125  1.274   1.00 66.25  ? 33  GLU A CB  1 
ATOM   205  C  CG  . GLU A 1 53  ? 12.344  19.702  1.146   1.00 70.93  ? 33  GLU A CG  1 
ATOM   206  C  CD  . GLU A 1 53  ? 12.377  21.207  1.408   1.00 75.15  ? 33  GLU A CD  1 
ATOM   207  O  OE1 . GLU A 1 53  ? 11.747  21.949  0.619   1.00 76.86  ? 33  GLU A OE1 1 
ATOM   208  O  OE2 . GLU A 1 53  ? 13.020  21.646  2.394   1.00 76.00  ? 33  GLU A OE2 1 
ATOM   209  N  N   . ALA A 1 54  ? 8.434   17.091  0.794   1.00 55.49  ? 34  ALA A N   1 
ATOM   210  C  CA  . ALA A 1 54  ? 7.267   16.433  1.353   1.00 52.19  ? 34  ALA A CA  1 
ATOM   211  C  C   . ALA A 1 54  ? 7.462   14.923  1.277   1.00 51.26  ? 34  ALA A C   1 
ATOM   212  O  O   . ALA A 1 54  ? 7.084   14.201  2.193   1.00 50.52  ? 34  ALA A O   1 
ATOM   213  C  CB  . ALA A 1 54  ? 6.026   16.842  0.587   1.00 50.74  ? 34  ALA A CB  1 
ATOM   214  N  N   . ILE A 1 55  ? 8.050   14.451  0.180   1.00 50.05  ? 35  ILE A N   1 
ATOM   215  C  CA  . ILE A 1 55  ? 8.301   13.027  -0.009  1.00 48.71  ? 35  ILE A CA  1 
ATOM   216  C  C   . ILE A 1 55  ? 9.238   12.524  1.095   1.00 48.57  ? 35  ILE A C   1 
ATOM   217  O  O   . ILE A 1 55  ? 8.916   11.568  1.809   1.00 47.97  ? 35  ILE A O   1 
ATOM   218  C  CB  . ILE A 1 55  ? 8.960   12.747  -1.390  1.00 49.05  ? 35  ILE A CB  1 
ATOM   219  C  CG1 . ILE A 1 55  ? 8.078   13.288  -2.522  1.00 48.99  ? 35  ILE A CG1 1 
ATOM   220  C  CG2 . ILE A 1 55  ? 9.171   11.238  -1.584  1.00 46.90  ? 35  ILE A CG2 1 
ATOM   221  C  CD1 . ILE A 1 55  ? 6.910   12.395  -2.918  1.00 48.75  ? 35  ILE A CD1 1 
ATOM   222  N  N   . TYR A 1 56  ? 10.390  13.183  1.231   1.00 48.13  ? 36  TYR A N   1 
ATOM   223  C  CA  . TYR A 1 56  ? 11.397  12.826  2.228   1.00 47.48  ? 36  TYR A CA  1 
ATOM   224  C  C   . TYR A 1 56  ? 10.893  12.884  3.672   1.00 47.05  ? 36  TYR A C   1 
ATOM   225  O  O   . TYR A 1 56  ? 11.285  12.070  4.514   1.00 47.84  ? 36  TYR A O   1 
ATOM   226  C  CB  . TYR A 1 56  ? 12.617  13.740  2.100   1.00 48.57  ? 36  TYR A CB  1 
ATOM   227  C  CG  . TYR A 1 56  ? 13.238  13.768  0.726   1.00 49.06  ? 36  TYR A CG  1 
ATOM   228  C  CD1 . TYR A 1 56  ? 13.128  12.677  -0.132  1.00 48.54  ? 36  TYR A CD1 1 
ATOM   229  C  CD2 . TYR A 1 56  ? 13.945  14.890  0.287   1.00 49.62  ? 36  TYR A CD2 1 
ATOM   230  C  CE1 . TYR A 1 56  ? 13.698  12.698  -1.393  1.00 49.24  ? 36  TYR A CE1 1 
ATOM   231  C  CE2 . TYR A 1 56  ? 14.525  14.925  -0.976  1.00 48.89  ? 36  TYR A CE2 1 
ATOM   232  C  CZ  . TYR A 1 56  ? 14.395  13.825  -1.810  1.00 50.05  ? 36  TYR A CZ  1 
ATOM   233  O  OH  . TYR A 1 56  ? 14.952  13.848  -3.065  1.00 49.99  ? 36  TYR A OH  1 
ATOM   234  N  N   . THR A 1 57  ? 10.039  13.854  3.965   1.00 43.82  ? 37  THR A N   1 
ATOM   235  C  CA  . THR A 1 57  ? 9.504   13.991  5.307   1.00 42.08  ? 37  THR A CA  1 
ATOM   236  C  C   . THR A 1 57  ? 8.465   12.900  5.555   1.00 42.04  ? 37  THR A C   1 
ATOM   237  O  O   . THR A 1 57  ? 8.200   12.511  6.698   1.00 42.14  ? 37  THR A O   1 
ATOM   238  C  CB  . THR A 1 57  ? 8.859   15.373  5.477   1.00 41.56  ? 37  THR A CB  1 
ATOM   239  O  OG1 . THR A 1 57  ? 9.864   16.374  5.284   1.00 42.39  ? 37  THR A OG1 1 
ATOM   240  C  CG2 . THR A 1 57  ? 8.229   15.523  6.856   1.00 38.64  ? 37  THR A CG2 1 
ATOM   241  N  N   . ALA A 1 58  ? 7.880   12.403  4.473   1.00 39.80  ? 38  ALA A N   1 
ATOM   242  C  CA  . ALA A 1 58  ? 6.868   11.374  4.583   1.00 38.39  ? 38  ALA A CA  1 
ATOM   243  C  C   . ALA A 1 58  ? 7.557   10.052  4.887   1.00 38.19  ? 38  ALA A C   1 
ATOM   244  O  O   . ALA A 1 58  ? 7.151   9.318   5.785   1.00 36.45  ? 38  ALA A O   1 
ATOM   245  C  CB  . ALA A 1 58  ? 6.076   11.282  3.288   1.00 35.31  ? 38  ALA A CB  1 
ATOM   246  N  N   . ARG A 1 59  ? 8.615   9.760   4.145   1.00 37.77  ? 39  ARG A N   1 
ATOM   247  C  CA  . ARG A 1 59  ? 9.336   8.526   4.358   1.00 39.49  ? 39  ARG A CA  1 
ATOM   248  C  C   . ARG A 1 59  ? 9.934   8.418   5.757   1.00 41.30  ? 39  ARG A C   1 
ATOM   249  O  O   . ARG A 1 59  ? 9.906   7.347   6.360   1.00 41.07  ? 39  ARG A O   1 
ATOM   250  C  CB  . ARG A 1 59  ? 10.451  8.383   3.338   1.00 38.70  ? 39  ARG A CB  1 
ATOM   251  C  CG  . ARG A 1 59  ? 9.977   8.218   1.925   1.00 37.68  ? 39  ARG A CG  1 
ATOM   252  C  CD  . ARG A 1 59  ? 11.188  8.028   1.049   1.00 38.76  ? 39  ARG A CD  1 
ATOM   253  N  NE  . ARG A 1 59  ? 10.868  7.846   -0.359  1.00 38.07  ? 39  ARG A NE  1 
ATOM   254  C  CZ  . ARG A 1 59  ? 11.588  8.363   -1.345  1.00 37.74  ? 39  ARG A CZ  1 
ATOM   255  N  NH1 . ARG A 1 59  ? 12.660  9.098   -1.080  1.00 39.12  ? 39  ARG A NH1 1 
ATOM   256  N  NH2 . ARG A 1 59  ? 11.247  8.142   -2.595  1.00 36.65  ? 39  ARG A NH2 1 
ATOM   257  N  N   . ASP A 1 60  ? 10.479  9.514   6.281   1.00 42.62  ? 40  ASP A N   1 
ATOM   258  C  CA  . ASP A 1 60  ? 11.088  9.446   7.601   1.00 43.00  ? 40  ASP A CA  1 
ATOM   259  C  C   . ASP A 1 60  ? 10.038  9.213   8.671   1.00 42.19  ? 40  ASP A C   1 
ATOM   260  O  O   . ASP A 1 60  ? 10.247  8.426   9.595   1.00 43.42  ? 40  ASP A O   1 
ATOM   261  C  CB  . ASP A 1 60  ? 11.891  10.712  7.911   1.00 45.76  ? 40  ASP A CB  1 
ATOM   262  C  CG  . ASP A 1 60  ? 12.778  10.548  9.142   1.00 49.62  ? 40  ASP A CG  1 
ATOM   263  O  OD1 . ASP A 1 60  ? 13.895  9.986   8.994   1.00 51.15  ? 40  ASP A OD1 1 
ATOM   264  O  OD2 . ASP A 1 60  ? 12.353  10.956  10.256  1.00 50.14  ? 40  ASP A OD2 1 
ATOM   265  N  N   . ILE A 1 61  ? 8.906   9.887   8.550   1.00 39.47  ? 41  ILE A N   1 
ATOM   266  C  CA  . ILE A 1 61  ? 7.844   9.702   9.514   1.00 38.12  ? 41  ILE A CA  1 
ATOM   267  C  C   . ILE A 1 61  ? 7.319   8.257   9.431   1.00 37.70  ? 41  ILE A C   1 
ATOM   268  O  O   . ILE A 1 61  ? 7.125   7.584   10.450  1.00 38.61  ? 41  ILE A O   1 
ATOM   269  C  CB  . ILE A 1 61  ? 6.698   10.668  9.231   1.00 38.26  ? 41  ILE A CB  1 
ATOM   270  C  CG1 . ILE A 1 61  ? 7.157   12.092  9.529   1.00 39.92  ? 41  ILE A CG1 1 
ATOM   271  C  CG2 . ILE A 1 61  ? 5.460   10.282  10.046  1.00 38.77  ? 41  ILE A CG2 1 
ATOM   272  C  CD1 . ILE A 1 61  ? 6.142   13.159  9.130   1.00 39.91  ? 41  ILE A CD1 1 
ATOM   273  N  N   . TRP A 1 62  ? 7.114   7.784   8.211   1.00 33.87  ? 42  TRP A N   1 
ATOM   274  C  CA  . TRP A 1 62  ? 6.591   6.447   7.988   1.00 32.84  ? 42  TRP A CA  1 
ATOM   275  C  C   . TRP A 1 62  ? 7.519   5.345   8.494   1.00 33.70  ? 42  TRP A C   1 
ATOM   276  O  O   . TRP A 1 62  ? 7.078   4.426   9.183   1.00 33.78  ? 42  TRP A O   1 
ATOM   277  C  CB  . TRP A 1 62  ? 6.302   6.257   6.493   1.00 29.51  ? 42  TRP A CB  1 
ATOM   278  C  CG  . TRP A 1 62  ? 5.821   4.905   6.144   1.00 26.54  ? 42  TRP A CG  1 
ATOM   279  C  CD1 . TRP A 1 62  ? 6.528   3.923   5.510   1.00 23.77  ? 42  TRP A CD1 1 
ATOM   280  C  CD2 . TRP A 1 62  ? 4.538   4.350   6.446   1.00 23.91  ? 42  TRP A CD2 1 
ATOM   281  N  NE1 . TRP A 1 62  ? 5.764   2.790   5.405   1.00 23.37  ? 42  TRP A NE1 1 
ATOM   282  C  CE2 . TRP A 1 62  ? 4.537   3.022   5.972   1.00 23.77  ? 42  TRP A CE2 1 
ATOM   283  C  CE3 . TRP A 1 62  ? 3.388   4.846   7.072   1.00 24.60  ? 42  TRP A CE3 1 
ATOM   284  C  CZ2 . TRP A 1 62  ? 3.429   2.176   6.104   1.00 24.97  ? 42  TRP A CZ2 1 
ATOM   285  C  CZ3 . TRP A 1 62  ? 2.281   4.010   7.202   1.00 25.05  ? 42  TRP A CZ3 1 
ATOM   286  C  CH2 . TRP A 1 62  ? 2.311   2.684   6.720   1.00 24.25  ? 42  TRP A CH2 1 
ATOM   287  N  N   . PHE A 1 63  ? 8.799   5.449   8.164   1.00 33.00  ? 43  PHE A N   1 
ATOM   288  C  CA  . PHE A 1 63  ? 9.780   4.455   8.577   1.00 34.26  ? 43  PHE A CA  1 
ATOM   289  C  C   . PHE A 1 63  ? 10.361  4.609   9.989   1.00 35.20  ? 43  PHE A C   1 
ATOM   290  O  O   . PHE A 1 63  ? 10.860  3.637   10.551  1.00 35.59  ? 43  PHE A O   1 
ATOM   291  C  CB  . PHE A 1 63  ? 10.931  4.404   7.570   1.00 30.91  ? 43  PHE A CB  1 
ATOM   292  C  CG  . PHE A 1 63  ? 10.563  3.770   6.265   1.00 32.39  ? 43  PHE A CG  1 
ATOM   293  C  CD1 . PHE A 1 63  ? 10.147  2.443   6.218   1.00 30.97  ? 43  PHE A CD1 1 
ATOM   294  C  CD2 . PHE A 1 63  ? 10.611  4.508   5.074   1.00 33.94  ? 43  PHE A CD2 1 
ATOM   295  C  CE1 . PHE A 1 63  ? 9.778   1.852   5.003   1.00 34.38  ? 43  PHE A CE1 1 
ATOM   296  C  CE2 . PHE A 1 63  ? 10.243  3.932   3.851   1.00 32.59  ? 43  PHE A CE2 1 
ATOM   297  C  CZ  . PHE A 1 63  ? 9.824   2.600   3.812   1.00 33.35  ? 43  PHE A CZ  1 
ATOM   298  N  N   . ASN A 1 64  ? 10.299  5.799   10.575  1.00 35.35  ? 44  ASN A N   1 
ATOM   299  C  CA  . ASN A 1 64  ? 10.879  5.959   11.900  1.00 36.90  ? 44  ASN A CA  1 
ATOM   300  C  C   . ASN A 1 64  ? 9.990   6.553   12.989  1.00 38.65  ? 44  ASN A C   1 
ATOM   301  O  O   . ASN A 1 64  ? 10.392  6.580   14.153  1.00 38.72  ? 44  ASN A O   1 
ATOM   302  C  CB  . ASN A 1 64  ? 12.153  6.797   11.806  1.00 37.48  ? 44  ASN A CB  1 
ATOM   303  C  CG  . ASN A 1 64  ? 13.040  6.377   10.665  1.00 38.17  ? 44  ASN A CG  1 
ATOM   304  O  OD1 . ASN A 1 64  ? 13.404  5.211   10.545  1.00 41.18  ? 44  ASN A OD1 1 
ATOM   305  N  ND2 . ASN A 1 64  ? 13.397  7.326   9.816   1.00 38.22  ? 44  ASN A ND2 1 
ATOM   306  N  N   . GLN A 1 65  ? 8.792   7.024   12.647  1.00 40.97  ? 45  GLN A N   1 
ATOM   307  C  CA  . GLN A 1 65  ? 7.935   7.620   13.673  1.00 42.47  ? 45  GLN A CA  1 
ATOM   308  C  C   . GLN A 1 65  ? 6.631   6.897   13.982  1.00 42.61  ? 45  GLN A C   1 
ATOM   309  O  O   . GLN A 1 65  ? 6.249   6.758   15.144  1.00 43.91  ? 45  GLN A O   1 
ATOM   310  C  CB  . GLN A 1 65  ? 7.636   9.081   13.332  1.00 43.99  ? 45  GLN A CB  1 
ATOM   311  C  CG  . GLN A 1 65  ? 8.864   9.961   13.324  1.00 48.78  ? 45  GLN A CG  1 
ATOM   312  C  CD  . GLN A 1 65  ? 9.814   9.639   14.474  1.00 53.81  ? 45  GLN A CD  1 
ATOM   313  O  OE1 . GLN A 1 65  ? 9.427   9.647   15.655  1.00 53.85  ? 45  GLN A OE1 1 
ATOM   314  N  NE2 . GLN A 1 65  ? 11.069  9.350   14.132  1.00 56.25  ? 45  GLN A NE2 1 
ATOM   315  N  N   . VAL A 1 66  ? 5.930   6.444   12.958  1.00 40.70  ? 46  VAL A N   1 
ATOM   316  C  CA  . VAL A 1 66  ? 4.694   5.746   13.203  1.00 40.43  ? 46  VAL A CA  1 
ATOM   317  C  C   . VAL A 1 66  ? 5.030   4.322   13.669  1.00 40.54  ? 46  VAL A C   1 
ATOM   318  O  O   . VAL A 1 66  ? 6.025   3.736   13.228  1.00 41.42  ? 46  VAL A O   1 
ATOM   319  C  CB  . VAL A 1 66  ? 3.841   5.732   11.927  1.00 41.67  ? 46  VAL A CB  1 
ATOM   320  C  CG1 . VAL A 1 66  ? 3.502   7.184   11.526  1.00 39.54  ? 46  VAL A CG1 1 
ATOM   321  C  CG2 . VAL A 1 66  ? 4.601   5.022   10.802  1.00 41.39  ? 46  VAL A CG2 1 
ATOM   322  N  N   . ASN A 1 67  ? 4.227   3.768   14.573  1.00 39.17  ? 47  ASN A N   1 
ATOM   323  C  CA  . ASN A 1 67  ? 4.509   2.421   15.059  1.00 39.43  ? 47  ASN A CA  1 
ATOM   324  C  C   . ASN A 1 67  ? 3.846   1.327   14.215  1.00 38.59  ? 47  ASN A C   1 
ATOM   325  O  O   . ASN A 1 67  ? 3.069   1.609   13.307  1.00 38.81  ? 47  ASN A O   1 
ATOM   326  C  CB  . ASN A 1 67  ? 4.114   2.274   16.540  1.00 38.16  ? 47  ASN A CB  1 
ATOM   327  C  CG  . ASN A 1 67  ? 2.631   2.494   16.790  1.00 39.01  ? 47  ASN A CG  1 
ATOM   328  O  OD1 . ASN A 1 67  ? 1.759   1.901   16.125  1.00 35.72  ? 47  ASN A OD1 1 
ATOM   329  N  ND2 . ASN A 1 67  ? 2.332   3.343   17.777  1.00 38.82  ? 47  ASN A ND2 1 
ATOM   330  N  N   . VAL A 1 68  ? 4.178   0.077   14.513  1.00 37.40  ? 48  VAL A N   1 
ATOM   331  C  CA  . VAL A 1 68  ? 3.653   -1.066  13.778  1.00 36.21  ? 48  VAL A CA  1 
ATOM   332  C  C   . VAL A 1 68  ? 2.136   -1.060  13.712  1.00 35.59  ? 48  VAL A C   1 
ATOM   333  O  O   . VAL A 1 68  ? 1.537   -1.478  12.722  1.00 33.39  ? 48  VAL A O   1 
ATOM   334  C  CB  . VAL A 1 68  ? 4.159   -2.366  14.412  1.00 35.63  ? 48  VAL A CB  1 
ATOM   335  C  CG1 . VAL A 1 68  ? 3.429   -3.561  13.841  1.00 34.18  ? 48  VAL A CG1 1 
ATOM   336  C  CG2 . VAL A 1 68  ? 5.677   -2.479  14.157  1.00 37.75  ? 48  VAL A CG2 1 
ATOM   337  N  N   . THR A 1 69  ? 1.518   -0.563  14.772  1.00 37.40  ? 49  THR A N   1 
ATOM   338  C  CA  . THR A 1 69  ? 0.055   -0.494  14.836  1.00 39.55  ? 49  THR A CA  1 
ATOM   339  C  C   . THR A 1 69  ? -0.499  0.432   13.746  1.00 39.05  ? 49  THR A C   1 
ATOM   340  O  O   . THR A 1 69  ? -1.560  0.174   13.176  1.00 38.21  ? 49  THR A O   1 
ATOM   341  C  CB  . THR A 1 69  ? -0.395  0.006   16.215  1.00 39.20  ? 49  THR A CB  1 
ATOM   342  O  OG1 . THR A 1 69  ? -0.094  -0.996  17.197  1.00 41.93  ? 49  THR A OG1 1 
ATOM   343  C  CG2 . THR A 1 69  ? -1.881  0.287   16.218  1.00 42.90  ? 49  THR A CG2 1 
ATOM   344  N  N   . ASP A 1 70  ? 0.233   1.509   13.469  1.00 38.18  ? 50  ASP A N   1 
ATOM   345  C  CA  . ASP A 1 70  ? -0.147  2.465   12.451  1.00 36.65  ? 50  ASP A CA  1 
ATOM   346  C  C   . ASP A 1 70  ? 0.033   1.835   11.068  1.00 36.68  ? 50  ASP A C   1 
ATOM   347  O  O   . ASP A 1 70  ? -0.773  2.072   10.169  1.00 36.07  ? 50  ASP A O   1 
ATOM   348  C  CB  . ASP A 1 70  ? 0.706   3.730   12.586  1.00 38.27  ? 50  ASP A CB  1 
ATOM   349  C  CG  . ASP A 1 70  ? 0.504   4.429   13.928  1.00 40.70  ? 50  ASP A CG  1 
ATOM   350  O  OD1 . ASP A 1 70  ? -0.672  4.481   14.394  1.00 36.75  ? 50  ASP A OD1 1 
ATOM   351  O  OD2 . ASP A 1 70  ? 1.517   4.930   14.501  1.00 38.73  ? 50  ASP A OD2 1 
ATOM   352  N  N   . TRP A 1 71  ? 1.090   1.035   10.897  1.00 34.50  ? 51  TRP A N   1 
ATOM   353  C  CA  . TRP A 1 71  ? 1.326   0.370   9.623   1.00 32.94  ? 51  TRP A CA  1 
ATOM   354  C  C   . TRP A 1 71  ? 0.125   -0.524  9.320   1.00 32.90  ? 51  TRP A C   1 
ATOM   355  O  O   . TRP A 1 71  ? -0.364  -0.581  8.184   1.00 29.35  ? 51  TRP A O   1 
ATOM   356  C  CB  . TRP A 1 71  ? 2.585   -0.516  9.675   1.00 31.08  ? 51  TRP A CB  1 
ATOM   357  C  CG  . TRP A 1 71  ? 3.909   0.202   9.529   1.00 27.71  ? 51  TRP A CG  1 
ATOM   358  C  CD1 . TRP A 1 71  ? 4.102   1.553   9.401   1.00 27.43  ? 51  TRP A CD1 1 
ATOM   359  C  CD2 . TRP A 1 71  ? 5.216   -0.392  9.520   1.00 22.97  ? 51  TRP A CD2 1 
ATOM   360  N  NE1 . TRP A 1 71  ? 5.443   1.831   9.318   1.00 24.71  ? 51  TRP A NE1 1 
ATOM   361  C  CE2 . TRP A 1 71  ? 6.150   0.660   9.390   1.00 23.60  ? 51  TRP A CE2 1 
ATOM   362  C  CE3 . TRP A 1 71  ? 5.686   -1.706  9.609   1.00 23.01  ? 51  TRP A CE3 1 
ATOM   363  C  CZ2 . TRP A 1 71  ? 7.534   0.439   9.350   1.00 24.07  ? 51  TRP A CZ2 1 
ATOM   364  C  CZ3 . TRP A 1 71  ? 7.062   -1.934  9.566   1.00 23.93  ? 51  TRP A CZ3 1 
ATOM   365  C  CH2 . TRP A 1 71  ? 7.972   -0.860  9.440   1.00 25.19  ? 51  TRP A CH2 1 
ATOM   366  N  N   . LEU A 1 72  ? -0.336  -1.230  10.348  1.00 34.96  ? 52  LEU A N   1 
ATOM   367  C  CA  . LEU A 1 72  ? -1.464  -2.158  10.210  1.00 37.01  ? 52  LEU A CA  1 
ATOM   368  C  C   . LEU A 1 72  ? -2.771  -1.452  9.861   1.00 38.88  ? 52  LEU A C   1 
ATOM   369  O  O   . LEU A 1 72  ? -3.578  -1.973  9.075   1.00 39.71  ? 52  LEU A O   1 
ATOM   370  C  CB  . LEU A 1 72  ? -1.645  -2.969  11.490  1.00 34.10  ? 52  LEU A CB  1 
ATOM   371  C  CG  . LEU A 1 72  ? -0.439  -3.832  11.880  1.00 35.95  ? 52  LEU A CG  1 
ATOM   372  C  CD1 . LEU A 1 72  ? -0.788  -4.635  13.157  1.00 31.76  ? 52  LEU A CD1 1 
ATOM   373  C  CD2 . LEU A 1 72  ? -0.049  -4.772  10.708  1.00 29.26  ? 52  LEU A CD2 1 
ATOM   374  N  N   . GLU A 1 73  ? -2.976  -0.270  10.435  1.00 38.05  ? 53  GLU A N   1 
ATOM   375  C  CA  . GLU A 1 73  ? -4.181  0.477   10.154  1.00 39.24  ? 53  GLU A CA  1 
ATOM   376  C  C   . GLU A 1 73  ? -4.158  0.875   8.689   1.00 39.32  ? 53  GLU A C   1 
ATOM   377  O  O   . GLU A 1 73  ? -5.159  0.709   7.971   1.00 40.32  ? 53  GLU A O   1 
ATOM   378  C  CB  . GLU A 1 73  ? -4.273  1.736   11.032  1.00 41.81  ? 53  GLU A CB  1 
ATOM   379  C  CG  . GLU A 1 73  ? -5.553  2.542   10.798  1.00 47.22  ? 53  GLU A CG  1 
ATOM   380  C  CD  . GLU A 1 73  ? -5.718  3.728   11.751  1.00 51.98  ? 53  GLU A CD  1 
ATOM   381  O  OE1 . GLU A 1 73  ? -4.751  4.514   11.930  1.00 53.77  ? 53  GLU A OE1 1 
ATOM   382  O  OE2 . GLU A 1 73  ? -6.833  3.885   12.307  1.00 54.18  ? 53  GLU A OE2 1 
ATOM   383  N  N   . ALA A 1 74  ? -3.009  1.374   8.237   1.00 35.62  ? 54  ALA A N   1 
ATOM   384  C  CA  . ALA A 1 74  ? -2.883  1.812   6.861   1.00 34.49  ? 54  ALA A CA  1 
ATOM   385  C  C   . ALA A 1 74  ? -3.059  0.703   5.828   1.00 35.42  ? 54  ALA A C   1 
ATOM   386  O  O   . ALA A 1 74  ? -3.616  0.959   4.755   1.00 34.99  ? 54  ALA A O   1 
ATOM   387  C  CB  . ALA A 1 74  ? -1.553  2.520   6.654   1.00 32.59  ? 54  ALA A CB  1 
ATOM   388  N  N   . PHE A 1 75  ? -2.604  -0.516  6.138   1.00 35.72  ? 55  PHE A N   1 
ATOM   389  C  CA  . PHE A 1 75  ? -2.722  -1.622  5.185   1.00 35.86  ? 55  PHE A CA  1 
ATOM   390  C  C   . PHE A 1 75  ? -4.195  -1.965  4.988   1.00 37.94  ? 55  PHE A C   1 
ATOM   391  O  O   . PHE A 1 75  ? -4.667  -2.172  3.855   1.00 39.01  ? 55  PHE A O   1 
ATOM   392  C  CB  . PHE A 1 75  ? -1.999  -2.894  5.668   1.00 31.95  ? 55  PHE A CB  1 
ATOM   393  C  CG  . PHE A 1 75  ? -0.539  -2.711  5.975   1.00 31.35  ? 55  PHE A CG  1 
ATOM   394  C  CD1 . PHE A 1 75  ? 0.219   -1.725  5.343   1.00 28.78  ? 55  PHE A CD1 1 
ATOM   395  C  CD2 . PHE A 1 75  ? 0.099   -3.579  6.869   1.00 28.69  ? 55  PHE A CD2 1 
ATOM   396  C  CE1 . PHE A 1 75  ? 1.600   -1.617  5.600   1.00 29.05  ? 55  PHE A CE1 1 
ATOM   397  C  CE2 . PHE A 1 75  ? 1.466   -3.475  7.129   1.00 27.60  ? 55  PHE A CE2 1 
ATOM   398  C  CZ  . PHE A 1 75  ? 2.221   -2.497  6.495   1.00 26.74  ? 55  PHE A CZ  1 
ATOM   399  N  N   . SER A 1 76  ? -4.907  -2.033  6.107   1.00 36.82  ? 56  SER A N   1 
ATOM   400  C  CA  . SER A 1 76  ? -6.318  -2.371  6.102   1.00 37.61  ? 56  SER A CA  1 
ATOM   401  C  C   . SER A 1 76  ? -7.156  -1.428  5.239   1.00 37.95  ? 56  SER A C   1 
ATOM   402  O  O   . SER A 1 76  ? -8.193  -1.825  4.717   1.00 38.81  ? 56  SER A O   1 
ATOM   403  C  CB  . SER A 1 76  ? -6.862  -2.356  7.532   1.00 37.80  ? 56  SER A CB  1 
ATOM   404  O  OG  . SER A 1 76  ? -6.946  -1.026  8.025   1.00 37.70  ? 56  SER A OG  1 
ATOM   405  N  N   . ALA A 1 77  ? -6.708  -0.187  5.077   1.00 36.49  ? 57  ALA A N   1 
ATOM   406  C  CA  . ALA A 1 77  ? -7.469  0.782   4.291   1.00 35.90  ? 57  ALA A CA  1 
ATOM   407  C  C   . ALA A 1 77  ? -7.563  0.460   2.801   1.00 37.06  ? 57  ALA A C   1 
ATOM   408  O  O   . ALA A 1 77  ? -8.333  1.100   2.066   1.00 38.64  ? 57  ALA A O   1 
ATOM   409  C  CB  . ALA A 1 77  ? -6.882  2.168   4.473   1.00 31.71  ? 57  ALA A CB  1 
ATOM   410  N  N   . HIS A 1 78  ? -6.795  -0.518  2.344   1.00 35.80  ? 58  HIS A N   1 
ATOM   411  C  CA  . HIS A 1 78  ? -6.812  -0.835  0.922   1.00 35.81  ? 58  HIS A CA  1 
ATOM   412  C  C   . HIS A 1 78  ? -7.664  -2.014  0.541   1.00 34.71  ? 58  HIS A C   1 
ATOM   413  O  O   . HIS A 1 78  ? -7.955  -2.888  1.352   1.00 34.92  ? 58  HIS A O   1 
ATOM   414  C  CB  . HIS A 1 78  ? -5.406  -1.166  0.397   1.00 34.31  ? 58  HIS A CB  1 
ATOM   415  C  CG  . HIS A 1 78  ? -4.399  -0.081  0.590   1.00 35.00  ? 58  HIS A CG  1 
ATOM   416  N  ND1 . HIS A 1 78  ? -4.337  1.030   -0.223  1.00 35.95  ? 58  HIS A ND1 1 
ATOM   417  C  CD2 . HIS A 1 78  ? -3.368  0.028   1.461   1.00 35.18  ? 58  HIS A CD2 1 
ATOM   418  C  CE1 . HIS A 1 78  ? -3.304  1.774   0.131   1.00 35.94  ? 58  HIS A CE1 1 
ATOM   419  N  NE2 . HIS A 1 78  ? -2.699  1.188   1.151   1.00 36.97  ? 58  HIS A NE2 1 
ATOM   420  N  N   . PRO A 1 79  ? -8.102  -2.029  -0.712  1.00 34.55  ? 59  PRO A N   1 
ATOM   421  C  CA  . PRO A 1 79  ? -8.904  -3.145  -1.204  1.00 35.31  ? 59  PRO A CA  1 
ATOM   422  C  C   . PRO A 1 79  ? -7.861  -4.222  -1.567  1.00 36.78  ? 59  PRO A C   1 
ATOM   423  O  O   . PRO A 1 79  ? -6.734  -3.899  -1.972  1.00 34.60  ? 59  PRO A O   1 
ATOM   424  C  CB  . PRO A 1 79  ? -9.587  -2.567  -2.447  1.00 34.04  ? 59  PRO A CB  1 
ATOM   425  C  CG  . PRO A 1 79  ? -8.620  -1.494  -2.900  1.00 36.26  ? 59  PRO A CG  1 
ATOM   426  C  CD  . PRO A 1 79  ? -8.217  -0.855  -1.596  1.00 33.76  ? 59  PRO A CD  1 
ATOM   427  N  N   . GLN A 1 80  ? -8.214  -5.495  -1.415  1.00 39.36  ? 60  GLN A N   1 
ATOM   428  C  CA  . GLN A 1 80  ? -7.278  -6.557  -1.764  1.00 41.93  ? 60  GLN A CA  1 
ATOM   429  C  C   . GLN A 1 80  ? -6.967  -6.461  -3.249  1.00 43.83  ? 60  GLN A C   1 
ATOM   430  O  O   . GLN A 1 80  ? -7.694  -5.805  -4.004  1.00 44.09  ? 60  GLN A O   1 
ATOM   431  C  CB  . GLN A 1 80  ? -7.890  -7.927  -1.516  1.00 42.91  ? 60  GLN A CB  1 
ATOM   432  C  CG  . GLN A 1 80  ? -8.449  -8.150  -0.142  1.00 46.95  ? 60  GLN A CG  1 
ATOM   433  C  CD  . GLN A 1 80  ? -8.854  -9.599  0.052   1.00 51.27  ? 60  GLN A CD  1 
ATOM   434  O  OE1 . GLN A 1 80  ? -9.582  -10.177 -0.774  1.00 53.19  ? 60  GLN A OE1 1 
ATOM   435  N  NE2 . GLN A 1 80  ? -8.379  -10.202 1.138   1.00 51.64  ? 60  GLN A NE2 1 
ATOM   436  N  N   . ILE A 1 81  ? -5.886  -7.109  -3.672  1.00 44.63  ? 61  ILE A N   1 
ATOM   437  C  CA  . ILE A 1 81  ? -5.539  -7.124  -5.084  1.00 44.84  ? 61  ILE A CA  1 
ATOM   438  C  C   . ILE A 1 81  ? -6.487  -8.120  -5.747  1.00 46.51  ? 61  ILE A C   1 
ATOM   439  O  O   . ILE A 1 81  ? -6.405  -9.329  -5.512  1.00 45.94  ? 61  ILE A O   1 
ATOM   440  C  CB  . ILE A 1 81  ? -4.083  -7.579  -5.307  1.00 43.12  ? 61  ILE A CB  1 
ATOM   441  C  CG1 . ILE A 1 81  ? -3.117  -6.499  -4.798  1.00 42.56  ? 61  ILE A CG1 1 
ATOM   442  C  CG2 . ILE A 1 81  ? -3.858  -7.882  -6.785  1.00 38.65  ? 61  ILE A CG2 1 
ATOM   443  C  CD1 . ILE A 1 81  ? -3.244  -5.140  -5.498  1.00 37.63  ? 61  ILE A CD1 1 
ATOM   444  N  N   . GLY A 1 82  ? -7.391  -7.606  -6.573  1.00 48.66  ? 62  GLY A N   1 
ATOM   445  C  CA  . GLY A 1 82  ? -8.358  -8.458  -7.241  1.00 50.37  ? 62  GLY A CA  1 
ATOM   446  C  C   . GLY A 1 82  ? -9.760  -7.951  -6.961  1.00 51.44  ? 62  GLY A C   1 
ATOM   447  O  O   . GLY A 1 82  ? -10.752 -8.506  -7.434  1.00 53.21  ? 62  GLY A O   1 
ATOM   448  N  N   . ASN A 1 83  ? -9.831  -6.891  -6.168  1.00 51.46  ? 63  ASN A N   1 
ATOM   449  C  CA  . ASN A 1 83  ? -11.086 -6.250  -5.827  1.00 52.55  ? 63  ASN A CA  1 
ATOM   450  C  C   . ASN A 1 83  ? -10.938 -4.775  -6.150  1.00 53.37  ? 63  ASN A C   1 
ATOM   451  O  O   . ASN A 1 83  ? -9.841  -4.298  -6.437  1.00 53.13  ? 63  ASN A O   1 
ATOM   452  C  CB  . ASN A 1 83  ? -11.403 -6.407  -4.337  1.00 53.14  ? 63  ASN A CB  1 
ATOM   453  C  CG  . ASN A 1 83  ? -11.778 -7.817  -3.976  1.00 53.57  ? 63  ASN A CG  1 
ATOM   454  O  OD1 . ASN A 1 83  ? -12.630 -8.418  -4.625  1.00 54.95  ? 63  ASN A OD1 1 
ATOM   455  N  ND2 . ASN A 1 83  ? -11.148 -8.360  -2.941  1.00 53.94  ? 63  ASN A ND2 1 
ATOM   456  N  N   . THR A 1 84  ? -12.052 -4.059  -6.109  1.00 54.57  ? 64  THR A N   1 
ATOM   457  C  CA  . THR A 1 84  ? -12.039 -2.632  -6.373  1.00 55.30  ? 64  THR A CA  1 
ATOM   458  C  C   . THR A 1 84  ? -12.529 -1.934  -5.108  1.00 55.52  ? 64  THR A C   1 
ATOM   459  O  O   . THR A 1 84  ? -13.113 -2.560  -4.222  1.00 55.25  ? 64  THR A O   1 
ATOM   460  C  CB  . THR A 1 84  ? -12.959 -2.284  -7.558  1.00 55.70  ? 64  THR A CB  1 
ATOM   461  O  OG1 . THR A 1 84  ? -14.299 -2.669  -7.240  1.00 57.22  ? 64  THR A OG1 1 
ATOM   462  C  CG2 . THR A 1 84  ? -12.510 -3.025  -8.824  1.00 54.56  ? 64  THR A CG2 1 
ATOM   463  N  N   . PRO A 1 85  ? -12.269 -0.630  -4.989  1.00 56.90  ? 65  PRO A N   1 
ATOM   464  C  CA  . PRO A 1 85  ? -12.739 0.046   -3.777  1.00 58.00  ? 65  PRO A CA  1 
ATOM   465  C  C   . PRO A 1 85  ? -14.190 0.527   -3.897  1.00 59.89  ? 65  PRO A C   1 
ATOM   466  O  O   . PRO A 1 85  ? -15.039 -0.128  -4.522  1.00 60.72  ? 65  PRO A O   1 
ATOM   467  C  CB  . PRO A 1 85  ? -11.742 1.189   -3.622  1.00 58.61  ? 65  PRO A CB  1 
ATOM   468  C  CG  . PRO A 1 85  ? -11.436 1.550   -5.056  1.00 58.51  ? 65  PRO A CG  1 
ATOM   469  C  CD  . PRO A 1 85  ? -11.304 0.200   -5.735  1.00 57.28  ? 65  PRO A CD  1 
ATOM   470  N  N   . SER A 1 99  ? -7.457  2.537   -8.352  1.00 43.73  ? 79  SER A N   1 
ATOM   471  C  CA  . SER A 1 99  ? -7.088  2.981   -9.689  1.00 44.57  ? 79  SER A CA  1 
ATOM   472  C  C   . SER A 1 99  ? -5.654  2.584   -10.050 1.00 43.83  ? 79  SER A C   1 
ATOM   473  O  O   . SER A 1 99  ? -5.255  2.621   -11.227 1.00 43.15  ? 79  SER A O   1 
ATOM   474  C  CB  . SER A 1 99  ? -7.258  4.499   -9.813  1.00 46.67  ? 79  SER A CB  1 
ATOM   475  O  OG  . SER A 1 99  ? -8.628  4.844   -9.955  1.00 47.87  ? 79  SER A OG  1 
ATOM   476  N  N   . GLU A 1 100 ? -4.866  2.233   -9.039  1.00 41.17  ? 80  GLU A N   1 
ATOM   477  C  CA  . GLU A 1 100 ? -3.509  1.785   -9.304  1.00 38.42  ? 80  GLU A CA  1 
ATOM   478  C  C   . GLU A 1 100 ? -3.681  0.448   -10.005 1.00 36.91  ? 80  GLU A C   1 
ATOM   479  O  O   . GLU A 1 100 ? -2.757  -0.054  -10.650 1.00 35.09  ? 80  GLU A O   1 
ATOM   480  C  CB  . GLU A 1 100 ? -2.731  1.565   -8.014  1.00 38.28  ? 80  GLU A CB  1 
ATOM   481  C  CG  . GLU A 1 100 ? -2.126  2.809   -7.418  1.00 37.20  ? 80  GLU A CG  1 
ATOM   482  C  CD  . GLU A 1 100 ? -3.030  3.494   -6.423  1.00 36.35  ? 80  GLU A CD  1 
ATOM   483  O  OE1 . GLU A 1 100 ? -3.877  2.804   -5.814  1.00 35.57  ? 80  GLU A OE1 1 
ATOM   484  O  OE2 . GLU A 1 100 ? -2.872  4.724   -6.233  1.00 35.44  ? 80  GLU A OE2 1 
ATOM   485  N  N   . GLN A 1 101 ? -4.887  -0.109  -9.874  1.00 34.67  ? 81  GLN A N   1 
ATOM   486  C  CA  . GLN A 1 101 ? -5.221  -1.389  -10.476 1.00 34.55  ? 81  GLN A CA  1 
ATOM   487  C  C   . GLN A 1 101 ? -5.867  -1.345  -11.874 1.00 36.23  ? 81  GLN A C   1 
ATOM   488  O  O   . GLN A 1 101 ? -6.300  -2.383  -12.406 1.00 36.76  ? 81  GLN A O   1 
ATOM   489  C  CB  . GLN A 1 101 ? -6.105  -2.178  -9.526  1.00 31.84  ? 81  GLN A CB  1 
ATOM   490  C  CG  . GLN A 1 101 ? -5.338  -3.096  -8.625  1.00 31.02  ? 81  GLN A CG  1 
ATOM   491  C  CD  . GLN A 1 101 ? -6.250  -4.039  -7.856  1.00 35.65  ? 81  GLN A CD  1 
ATOM   492  O  OE1 . GLN A 1 101 ? -6.931  -3.636  -6.912  1.00 37.09  ? 81  GLN A OE1 1 
ATOM   493  N  NE2 . GLN A 1 101 ? -6.279  -5.301  -8.266  1.00 35.84  ? 81  GLN A NE2 1 
ATOM   494  N  N   . SER A 1 102 ? -5.916  -0.162  -12.481 1.00 36.50  ? 82  SER A N   1 
ATOM   495  C  CA  . SER A 1 102 ? -6.500  -0.019  -13.812 1.00 37.20  ? 82  SER A CA  1 
ATOM   496  C  C   . SER A 1 102 ? -5.864  -0.954  -14.830 1.00 36.76  ? 82  SER A C   1 
ATOM   497  O  O   . SER A 1 102 ? -6.579  -1.672  -15.529 1.00 37.90  ? 82  SER A O   1 
ATOM   498  C  CB  . SER A 1 102 ? -6.381  1.425   -14.289 1.00 37.91  ? 82  SER A CB  1 
ATOM   499  O  OG  . SER A 1 102 ? -5.171  1.991   -13.836 1.00 44.19  ? 82  SER A OG  1 
ATOM   500  N  N   . THR A 1 103 ? -4.532  -0.945  -14.909 1.00 35.43  ? 83  THR A N   1 
ATOM   501  C  CA  . THR A 1 103 ? -3.785  -1.807  -15.828 1.00 33.49  ? 83  THR A CA  1 
ATOM   502  C  C   . THR A 1 103 ? -4.131  -3.282  -15.596 1.00 33.28  ? 83  THR A C   1 
ATOM   503  O  O   . THR A 1 103 ? -4.387  -4.037  -16.528 1.00 32.84  ? 83  THR A O   1 
ATOM   504  C  CB  . THR A 1 103 ? -2.266  -1.629  -15.630 1.00 33.79  ? 83  THR A CB  1 
ATOM   505  O  OG1 . THR A 1 103 ? -1.870  -0.340  -16.110 1.00 33.71  ? 83  THR A OG1 1 
ATOM   506  C  CG2 . THR A 1 103 ? -1.484  -2.707  -16.373 1.00 33.53  ? 83  THR A CG2 1 
ATOM   507  N  N   . ALA A 1 104 ? -4.152  -3.694  -14.343 1.00 33.65  ? 84  ALA A N   1 
ATOM   508  C  CA  . ALA A 1 104 ? -4.462  -5.072  -14.055 1.00 35.39  ? 84  ALA A CA  1 
ATOM   509  C  C   . ALA A 1 104 ? -5.898  -5.440  -14.475 1.00 37.68  ? 84  ALA A C   1 
ATOM   510  O  O   . ALA A 1 104 ? -6.146  -6.575  -14.898 1.00 37.23  ? 84  ALA A O   1 
ATOM   511  C  CB  . ALA A 1 104 ? -4.240  -5.352  -12.580 1.00 33.38  ? 84  ALA A CB  1 
ATOM   512  N  N   . PHE A 1 105 ? -6.845  -4.507  -14.356 1.00 39.25  ? 85  PHE A N   1 
ATOM   513  C  CA  . PHE A 1 105 ? -8.221  -4.825  -14.752 1.00 40.92  ? 85  PHE A CA  1 
ATOM   514  C  C   . PHE A 1 105 ? -8.425  -4.743  -16.255 1.00 42.10  ? 85  PHE A C   1 
ATOM   515  O  O   . PHE A 1 105 ? -9.235  -5.473  -16.815 1.00 44.10  ? 85  PHE A O   1 
ATOM   516  C  CB  . PHE A 1 105 ? -9.228  -3.959  -14.000 1.00 39.44  ? 85  PHE A CB  1 
ATOM   517  C  CG  . PHE A 1 105 ? -9.571  -4.507  -12.649 1.00 37.09  ? 85  PHE A CG  1 
ATOM   518  C  CD1 . PHE A 1 105 ? -10.180 -5.747  -12.538 1.00 34.63  ? 85  PHE A CD1 1 
ATOM   519  C  CD2 . PHE A 1 105 ? -9.215  -3.824  -11.488 1.00 36.98  ? 85  PHE A CD2 1 
ATOM   520  C  CE1 . PHE A 1 105 ? -10.422 -6.304  -11.304 1.00 35.34  ? 85  PHE A CE1 1 
ATOM   521  C  CE2 . PHE A 1 105 ? -9.453  -4.373  -10.242 1.00 35.49  ? 85  PHE A CE2 1 
ATOM   522  C  CZ  . PHE A 1 105 ? -10.056 -5.615  -10.148 1.00 36.30  ? 85  PHE A CZ  1 
ATOM   523  N  N   . ALA A 1 106 ? -7.664  -3.878  -16.909 1.00 42.41  ? 86  ALA A N   1 
ATOM   524  C  CA  . ALA A 1 106 ? -7.723  -3.768  -18.354 1.00 42.91  ? 86  ALA A CA  1 
ATOM   525  C  C   . ALA A 1 106 ? -6.999  -4.994  -18.963 1.00 44.45  ? 86  ALA A C   1 
ATOM   526  O  O   . ALA A 1 106 ? -6.877  -5.105  -20.186 1.00 46.32  ? 86  ALA A O   1 
ATOM   527  C  CB  . ALA A 1 106 ? -7.038  -2.479  -18.800 1.00 41.04  ? 86  ALA A CB  1 
ATOM   528  N  N   . THR A 1 107 ? -6.521  -5.909  -18.119 1.00 43.21  ? 87  THR A N   1 
ATOM   529  C  CA  . THR A 1 107 ? -5.807  -7.090  -18.612 1.00 43.47  ? 87  THR A CA  1 
ATOM   530  C  C   . THR A 1 107 ? -6.135  -8.339  -17.808 1.00 44.41  ? 87  THR A C   1 
ATOM   531  O  O   . THR A 1 107 ? -5.565  -9.402  -18.045 1.00 41.75  ? 87  THR A O   1 
ATOM   532  C  CB  . THR A 1 107 ? -4.256  -6.915  -18.529 1.00 43.98  ? 87  THR A CB  1 
ATOM   533  O  OG1 . THR A 1 107 ? -3.868  -6.716  -17.156 1.00 43.69  ? 87  THR A OG1 1 
ATOM   534  C  CG2 . THR A 1 107 ? -3.781  -5.733  -19.376 1.00 42.77  ? 87  THR A CG2 1 
ATOM   535  N  N   . THR A 1 108 ? -7.046  -8.219  -16.852 1.00 46.99  ? 88  THR A N   1 
ATOM   536  C  CA  . THR A 1 108 ? -7.367  -9.353  -16.004 1.00 48.96  ? 88  THR A CA  1 
ATOM   537  C  C   . THR A 1 108 ? -8.006  -10.526 -16.732 1.00 51.19  ? 88  THR A C   1 
ATOM   538  O  O   . THR A 1 108 ? -8.242  -10.479 -17.942 1.00 51.95  ? 88  THR A O   1 
ATOM   539  C  CB  . THR A 1 108 ? -8.292  -8.941  -14.860 1.00 49.52  ? 88  THR A CB  1 
ATOM   540  O  OG1 . THR A 1 108 ? -8.309  -9.973  -13.866 1.00 48.93  ? 88  THR A OG1 1 
ATOM   541  C  CG2 . THR A 1 108 ? -9.700  -8.730  -15.379 1.00 49.11  ? 88  THR A CG2 1 
ATOM   542  N  N   . SER A 1 109 ? -8.271  -11.579 -15.962 1.00 52.16  ? 89  SER A N   1 
ATOM   543  C  CA  . SER A 1 109 ? -8.894  -12.807 -16.440 1.00 52.52  ? 89  SER A CA  1 
ATOM   544  C  C   . SER A 1 109 ? -9.585  -13.446 -15.238 1.00 52.92  ? 89  SER A C   1 
ATOM   545  O  O   . SER A 1 109 ? -9.134  -13.302 -14.100 1.00 53.51  ? 89  SER A O   1 
ATOM   546  C  CB  . SER A 1 109 ? -7.842  -13.769 -16.998 1.00 52.58  ? 89  SER A CB  1 
ATOM   547  O  OG  . SER A 1 109 ? -7.011  -14.296 -15.977 1.00 53.15  ? 89  SER A OG  1 
ATOM   548  N  N   . ALA A 1 110 ? -10.686 -14.146 -15.488 1.00 53.41  ? 90  ALA A N   1 
ATOM   549  C  CA  . ALA A 1 110 ? -11.428 -14.795 -14.412 1.00 51.68  ? 90  ALA A CA  1 
ATOM   550  C  C   . ALA A 1 110 ? -10.521 -15.753 -13.628 1.00 51.10  ? 90  ALA A C   1 
ATOM   551  O  O   . ALA A 1 110 ? -10.650 -15.892 -12.410 1.00 49.05  ? 90  ALA A O   1 
ATOM   552  C  CB  . ALA A 1 110 ? -12.622 -15.542 -14.989 1.00 49.98  ? 90  ALA A CB  1 
ATOM   553  N  N   . SER A 1 111 ? -9.594  -16.403 -14.326 1.00 50.88  ? 91  SER A N   1 
ATOM   554  C  CA  . SER A 1 111 ? -8.692  -17.341 -13.668 1.00 51.92  ? 91  SER A CA  1 
ATOM   555  C  C   . SER A 1 111 ? -7.784  -16.635 -12.642 1.00 52.25  ? 91  SER A C   1 
ATOM   556  O  O   . SER A 1 111 ? -7.611  -17.113 -11.509 1.00 51.73  ? 91  SER A O   1 
ATOM   557  C  CB  . SER A 1 111 ? -7.843  -18.071 -14.710 1.00 51.98  ? 91  SER A CB  1 
ATOM   558  O  OG  . SER A 1 111 ? -7.162  -19.167 -14.119 1.00 53.30  ? 91  SER A OG  1 
ATOM   559  N  N   . ALA A 1 112 ? -7.205  -15.504 -13.049 1.00 51.23  ? 92  ALA A N   1 
ATOM   560  C  CA  . ALA A 1 112 ? -6.342  -14.726 -12.168 1.00 49.95  ? 92  ALA A CA  1 
ATOM   561  C  C   . ALA A 1 112 ? -7.166  -14.184 -10.988 1.00 49.52  ? 92  ALA A C   1 
ATOM   562  O  O   . ALA A 1 112 ? -6.743  -14.261 -9.828  1.00 48.00  ? 92  ALA A O   1 
ATOM   563  C  CB  . ALA A 1 112 ? -5.711  -13.584 -12.940 1.00 48.41  ? 92  ALA A CB  1 
ATOM   564  N  N   . LEU A 1 113 ? -8.347  -13.647 -11.282 1.00 48.61  ? 93  LEU A N   1 
ATOM   565  C  CA  . LEU A 1 113 ? -9.208  -13.117 -10.233 1.00 48.65  ? 93  LEU A CA  1 
ATOM   566  C  C   . LEU A 1 113 ? -9.621  -14.209 -9.267  1.00 49.99  ? 93  LEU A C   1 
ATOM   567  O  O   . LEU A 1 113 ? -9.954  -13.937 -8.118  1.00 50.93  ? 93  LEU A O   1 
ATOM   568  C  CB  . LEU A 1 113 ? -10.442 -12.467 -10.840 1.00 46.34  ? 93  LEU A CB  1 
ATOM   569  C  CG  . LEU A 1 113 ? -10.153 -11.029 -11.245 1.00 46.62  ? 93  LEU A CG  1 
ATOM   570  C  CD1 . LEU A 1 113 ? -11.026 -10.599 -12.401 1.00 46.19  ? 93  LEU A CD1 1 
ATOM   571  C  CD2 . LEU A 1 113 ? -10.352 -10.148 -10.030 1.00 46.73  ? 93  LEU A CD2 1 
ATOM   572  N  N   . GLN A 1 114 ? -9.579  -15.450 -9.739  1.00 51.47  ? 94  GLN A N   1 
ATOM   573  C  CA  . GLN A 1 114 ? -9.960  -16.590 -8.926  1.00 52.51  ? 94  GLN A CA  1 
ATOM   574  C  C   . GLN A 1 114 ? -8.885  -16.974 -7.926  1.00 52.96  ? 94  GLN A C   1 
ATOM   575  O  O   . GLN A 1 114 ? -9.116  -16.952 -6.709  1.00 54.32  ? 94  GLN A O   1 
ATOM   576  C  CB  . GLN A 1 114 ? -10.259 -17.786 -9.816  1.00 54.47  ? 94  GLN A CB  1 
ATOM   577  C  CG  . GLN A 1 114 ? -11.671 -18.310 -9.666  1.00 57.26  ? 94  GLN A CG  1 
ATOM   578  C  CD  . GLN A 1 114 ? -12.054 -18.567 -8.220  1.00 57.72  ? 94  GLN A CD  1 
ATOM   579  O  OE1 . GLN A 1 114 ? -12.445 -17.650 -7.487  1.00 57.84  ? 94  GLN A OE1 1 
ATOM   580  N  NE2 . GLN A 1 114 ? -11.937 -19.817 -7.800  1.00 58.12  ? 94  GLN A NE2 1 
ATOM   581  N  N   . GLU A 1 115 ? -7.718  -17.354 -8.428  1.00 51.11  ? 95  GLU A N   1 
ATOM   582  C  CA  . GLU A 1 115 ? -6.645  -17.716 -7.528  1.00 50.64  ? 95  GLU A CA  1 
ATOM   583  C  C   . GLU A 1 115 ? -6.421  -16.579 -6.535  1.00 49.27  ? 95  GLU A C   1 
ATOM   584  O  O   . GLU A 1 115 ? -6.262  -16.809 -5.338  1.00 47.72  ? 95  GLU A O   1 
ATOM   585  C  CB  . GLU A 1 115 ? -5.360  -17.995 -8.305  1.00 52.33  ? 95  GLU A CB  1 
ATOM   586  C  CG  . GLU A 1 115 ? -5.377  -19.323 -9.023  1.00 55.00  ? 95  GLU A CG  1 
ATOM   587  C  CD  . GLU A 1 115 ? -3.990  -19.789 -9.414  1.00 57.06  ? 95  GLU A CD  1 
ATOM   588  O  OE1 . GLU A 1 115 ? -3.127  -19.915 -8.516  1.00 57.18  ? 95  GLU A OE1 1 
ATOM   589  O  OE2 . GLU A 1 115 ? -3.764  -20.037 -10.618 1.00 58.51  ? 95  GLU A OE2 1 
ATOM   590  N  N   . LEU A 1 116 ? -6.434  -15.352 -7.047  1.00 48.21  ? 96  LEU A N   1 
ATOM   591  C  CA  . LEU A 1 116 ? -6.210  -14.167 -6.232  1.00 46.33  ? 96  LEU A CA  1 
ATOM   592  C  C   . LEU A 1 116 ? -7.121  -14.142 -5.019  1.00 47.38  ? 96  LEU A C   1 
ATOM   593  O  O   . LEU A 1 116 ? -6.645  -14.023 -3.879  1.00 47.16  ? 96  LEU A O   1 
ATOM   594  C  CB  . LEU A 1 116 ? -6.423  -12.908 -7.077  1.00 43.37  ? 96  LEU A CB  1 
ATOM   595  C  CG  . LEU A 1 116 ? -5.346  -11.810 -7.115  1.00 43.54  ? 96  LEU A CG  1 
ATOM   596  C  CD1 . LEU A 1 116 ? -4.072  -12.272 -6.447  1.00 41.28  ? 96  LEU A CD1 1 
ATOM   597  C  CD2 . LEU A 1 116 ? -5.063  -11.426 -8.572  1.00 41.31  ? 96  LEU A CD2 1 
ATOM   598  N  N   . ALA A 1 117 ? -8.426  -14.277 -5.261  1.00 47.99  ? 97  ALA A N   1 
ATOM   599  C  CA  . ALA A 1 117 ? -9.430  -14.245 -4.192  1.00 48.29  ? 97  ALA A CA  1 
ATOM   600  C  C   . ALA A 1 117 ? -9.210  -15.347 -3.171  1.00 49.39  ? 97  ALA A C   1 
ATOM   601  O  O   . ALA A 1 117 ? -9.612  -15.226 -2.011  1.00 48.72  ? 97  ALA A O   1 
ATOM   602  C  CB  . ALA A 1 117 ? -10.818 -14.356 -4.775  1.00 45.93  ? 97  ALA A CB  1 
ATOM   603  N  N   . GLU A 1 118 ? -8.566  -16.418 -3.614  1.00 50.74  ? 98  GLU A N   1 
ATOM   604  C  CA  . GLU A 1 118 ? -8.272  -17.548 -2.747  1.00 53.00  ? 98  GLU A CA  1 
ATOM   605  C  C   . GLU A 1 118 ? -6.984  -17.355 -1.951  1.00 51.62  ? 98  GLU A C   1 
ATOM   606  O  O   . GLU A 1 118 ? -6.973  -17.531 -0.732  1.00 51.29  ? 98  GLU A O   1 
ATOM   607  C  CB  . GLU A 1 118 ? -8.197  -18.829 -3.581  1.00 56.70  ? 98  GLU A CB  1 
ATOM   608  C  CG  . GLU A 1 118 ? -9.521  -19.574 -3.642  1.00 63.67  ? 98  GLU A CG  1 
ATOM   609  C  CD  . GLU A 1 118 ? -9.726  -20.330 -4.951  1.00 68.04  ? 98  GLU A CD  1 
ATOM   610  O  OE1 . GLU A 1 118 ? -8.790  -21.039 -5.405  1.00 68.45  ? 98  GLU A OE1 1 
ATOM   611  O  OE2 . GLU A 1 118 ? -10.841 -20.213 -5.515  1.00 70.31  ? 98  GLU A OE2 1 
ATOM   612  N  N   . TRP A 1 119 ? -5.901  -16.996 -2.633  1.00 50.58  ? 99  TRP A N   1 
ATOM   613  C  CA  . TRP A 1 119 ? -4.638  -16.786 -1.946  1.00 50.05  ? 99  TRP A CA  1 
ATOM   614  C  C   . TRP A 1 119 ? -4.661  -15.583 -0.999  1.00 48.59  ? 99  TRP A C   1 
ATOM   615  O  O   . TRP A 1 119 ? -3.893  -15.550 -0.030  1.00 47.85  ? 99  TRP A O   1 
ATOM   616  C  CB  . TRP A 1 119 ? -3.497  -16.641 -2.944  1.00 51.32  ? 99  TRP A CB  1 
ATOM   617  C  CG  . TRP A 1 119 ? -3.004  -17.949 -3.456  1.00 54.73  ? 99  TRP A CG  1 
ATOM   618  C  CD1 . TRP A 1 119 ? -3.493  -18.654 -4.518  1.00 56.37  ? 99  TRP A CD1 1 
ATOM   619  C  CD2 . TRP A 1 119 ? -1.908  -18.718 -2.934  1.00 55.93  ? 99  TRP A CD2 1 
ATOM   620  N  NE1 . TRP A 1 119 ? -2.766  -19.811 -4.698  1.00 57.06  ? 99  TRP A NE1 1 
ATOM   621  C  CE2 . TRP A 1 119 ? -1.788  -19.876 -3.739  1.00 56.96  ? 99  TRP A CE2 1 
ATOM   622  C  CE3 . TRP A 1 119 ? -1.016  -18.541 -1.868  1.00 55.72  ? 99  TRP A CE3 1 
ATOM   623  C  CZ2 . TRP A 1 119 ? -0.811  -20.851 -3.512  1.00 57.68  ? 99  TRP A CZ2 1 
ATOM   624  C  CZ3 . TRP A 1 119 ? -0.043  -19.507 -1.640  1.00 56.84  ? 99  TRP A CZ3 1 
ATOM   625  C  CH2 . TRP A 1 119 ? 0.051   -20.650 -2.461  1.00 58.06  ? 99  TRP A CH2 1 
ATOM   626  N  N   . ASN A 1 120 ? -5.528  -14.604 -1.272  1.00 46.22  ? 100 ASN A N   1 
ATOM   627  C  CA  . ASN A 1 120 ? -5.633  -13.431 -0.401  1.00 44.70  ? 100 ASN A CA  1 
ATOM   628  C  C   . ASN A 1 120 ? -6.134  -13.887 0.949   1.00 45.93  ? 100 ASN A C   1 
ATOM   629  O  O   . ASN A 1 120 ? -5.719  -13.374 1.995   1.00 46.40  ? 100 ASN A O   1 
ATOM   630  C  CB  . ASN A 1 120 ? -6.596  -12.396 -0.963  1.00 42.85  ? 100 ASN A CB  1 
ATOM   631  C  CG  . ASN A 1 120 ? -5.894  -11.350 -1.785  1.00 42.41  ? 100 ASN A CG  1 
ATOM   632  O  OD1 . ASN A 1 120 ? -5.027  -10.640 -1.282  1.00 44.66  ? 100 ASN A OD1 1 
ATOM   633  N  ND2 . ASN A 1 120 ? -6.259  -11.245 -3.057  1.00 40.81  ? 100 ASN A ND2 1 
ATOM   634  N  N   . VAL A 1 121 ? -7.036  -14.862 0.918   1.00 45.58  ? 101 VAL A N   1 
ATOM   635  C  CA  . VAL A 1 121 ? -7.585  -15.424 2.134   1.00 44.48  ? 101 VAL A CA  1 
ATOM   636  C  C   . VAL A 1 121 ? -6.475  -16.163 2.872   1.00 44.07  ? 101 VAL A C   1 
ATOM   637  O  O   . VAL A 1 121 ? -6.335  -16.015 4.086   1.00 44.42  ? 101 VAL A O   1 
ATOM   638  C  CB  . VAL A 1 121 ? -8.707  -16.420 1.824   1.00 44.69  ? 101 VAL A CB  1 
ATOM   639  C  CG1 . VAL A 1 121 ? -9.122  -17.142 3.102   1.00 43.97  ? 101 VAL A CG1 1 
ATOM   640  C  CG2 . VAL A 1 121 ? -9.884  -15.695 1.214   1.00 43.07  ? 101 VAL A CG2 1 
ATOM   641  N  N   . LEU A 1 122 ? -5.695  -16.959 2.134   1.00 43.30  ? 102 LEU A N   1 
ATOM   642  C  CA  . LEU A 1 122 ? -4.593  -17.724 2.721   1.00 43.11  ? 102 LEU A CA  1 
ATOM   643  C  C   . LEU A 1 122 ? -3.536  -16.816 3.336   1.00 42.55  ? 102 LEU A C   1 
ATOM   644  O  O   . LEU A 1 122 ? -3.014  -17.103 4.404   1.00 44.72  ? 102 LEU A O   1 
ATOM   645  C  CB  . LEU A 1 122 ? -3.894  -18.591 1.677   1.00 43.39  ? 102 LEU A CB  1 
ATOM   646  C  CG  . LEU A 1 122 ? -4.691  -19.566 0.818   1.00 45.53  ? 102 LEU A CG  1 
ATOM   647  C  CD1 . LEU A 1 122 ? -3.689  -20.452 0.079   1.00 45.66  ? 102 LEU A CD1 1 
ATOM   648  C  CD2 . LEU A 1 122 ? -5.630  -20.418 1.674   1.00 44.42  ? 102 LEU A CD2 1 
ATOM   649  N  N   . TYR A 1 123 ? -3.218  -15.728 2.644   1.00 40.72  ? 103 TYR A N   1 
ATOM   650  C  CA  . TYR A 1 123 ? -2.203  -14.792 3.102   1.00 40.04  ? 103 TYR A CA  1 
ATOM   651  C  C   . TYR A 1 123 ? -2.622  -14.046 4.370   1.00 40.59  ? 103 TYR A C   1 
ATOM   652  O  O   . TYR A 1 123 ? -1.813  -13.845 5.277   1.00 40.89  ? 103 TYR A O   1 
ATOM   653  C  CB  . TYR A 1 123 ? -1.883  -13.819 1.957   1.00 39.39  ? 103 TYR A CB  1 
ATOM   654  C  CG  . TYR A 1 123 ? -0.806  -12.794 2.229   1.00 35.76  ? 103 TYR A CG  1 
ATOM   655  C  CD1 . TYR A 1 123 ? -1.050  -11.699 3.066   1.00 36.46  ? 103 TYR A CD1 1 
ATOM   656  C  CD2 . TYR A 1 123 ? 0.445   -12.900 1.632   1.00 35.68  ? 103 TYR A CD2 1 
ATOM   657  C  CE1 . TYR A 1 123 ? -0.071  -10.730 3.303   1.00 35.05  ? 103 TYR A CE1 1 
ATOM   658  C  CE2 . TYR A 1 123 ? 1.438   -11.930 1.860   1.00 36.48  ? 103 TYR A CE2 1 
ATOM   659  C  CZ  . TYR A 1 123 ? 1.165   -10.857 2.697   1.00 34.91  ? 103 TYR A CZ  1 
ATOM   660  O  OH  . TYR A 1 123 ? 2.124   -9.919  2.942   1.00 34.11  ? 103 TYR A OH  1 
ATOM   661  N  N   . LYS A 1 124 ? -3.889  -13.655 4.438   1.00 41.51  ? 104 LYS A N   1 
ATOM   662  C  CA  . LYS A 1 124 ? -4.415  -12.928 5.587   1.00 42.58  ? 104 LYS A CA  1 
ATOM   663  C  C   . LYS A 1 124 ? -4.376  -13.813 6.815   1.00 44.14  ? 104 LYS A C   1 
ATOM   664  O  O   . LYS A 1 124 ? -4.076  -13.357 7.918   1.00 43.46  ? 104 LYS A O   1 
ATOM   665  C  CB  . LYS A 1 124 ? -5.849  -12.488 5.309   1.00 42.95  ? 104 LYS A CB  1 
ATOM   666  C  CG  . LYS A 1 124 ? -6.244  -11.194 5.987   1.00 44.58  ? 104 LYS A CG  1 
ATOM   667  C  CD  . LYS A 1 124 ? -6.426  -11.370 7.478   1.00 47.85  ? 104 LYS A CD  1 
ATOM   668  C  CE  . LYS A 1 124 ? -6.956  -10.088 8.109   1.00 49.32  ? 104 LYS A CE  1 
ATOM   669  N  NZ  . LYS A 1 124 ? -8.061  -9.486  7.297   1.00 49.60  ? 104 LYS A NZ  1 
ATOM   670  N  N   . LYS A 1 125 ? -4.687  -15.089 6.615   1.00 46.58  ? 105 LYS A N   1 
ATOM   671  C  CA  . LYS A 1 125 ? -4.671  -16.048 7.708   1.00 47.44  ? 105 LYS A CA  1 
ATOM   672  C  C   . LYS A 1 125 ? -3.239  -16.150 8.244   1.00 45.94  ? 105 LYS A C   1 
ATOM   673  O  O   . LYS A 1 125 ? -3.003  -16.038 9.452   1.00 46.57  ? 105 LYS A O   1 
ATOM   674  C  CB  . LYS A 1 125 ? -5.150  -17.432 7.229   1.00 48.99  ? 105 LYS A CB  1 
ATOM   675  C  CG  . LYS A 1 125 ? -5.104  -18.500 8.332   1.00 52.80  ? 105 LYS A CG  1 
ATOM   676  C  CD  . LYS A 1 125 ? -5.462  -19.925 7.861   1.00 55.65  ? 105 LYS A CD  1 
ATOM   677  C  CE  . LYS A 1 125 ? -5.461  -20.904 9.062   1.00 57.47  ? 105 LYS A CE  1 
ATOM   678  N  NZ  . LYS A 1 125 ? -5.736  -22.348 8.741   1.00 55.80  ? 105 LYS A NZ  1 
ATOM   679  N  N   . LYS A 1 126 ? -2.284  -16.348 7.341   1.00 42.58  ? 106 LYS A N   1 
ATOM   680  C  CA  . LYS A 1 126 ? -0.901  -16.481 7.753   1.00 42.25  ? 106 LYS A CA  1 
ATOM   681  C  C   . LYS A 1 126 ? -0.256  -15.224 8.337   1.00 41.68  ? 106 LYS A C   1 
ATOM   682  O  O   . LYS A 1 126 ? 0.313   -15.277 9.419   1.00 43.77  ? 106 LYS A O   1 
ATOM   683  C  CB  . LYS A 1 126 ? -0.049  -16.994 6.588   1.00 42.18  ? 106 LYS A CB  1 
ATOM   684  C  CG  . LYS A 1 126 ? 1.431   -17.273 6.933   1.00 41.33  ? 106 LYS A CG  1 
ATOM   685  C  CD  . LYS A 1 126 ? 2.077   -18.062 5.789   1.00 44.49  ? 106 LYS A CD  1 
ATOM   686  C  CE  . LYS A 1 126 ? 3.533   -18.452 6.038   1.00 44.80  ? 106 LYS A CE  1 
ATOM   687  N  NZ  . LYS A 1 126 ? 4.494   -17.327 5.853   1.00 47.33  ? 106 LYS A NZ  1 
ATOM   688  N  N   . PHE A 1 127 ? -0.363  -14.088 7.656   1.00 40.26  ? 107 PHE A N   1 
ATOM   689  C  CA  . PHE A 1 127 ? 0.305   -12.877 8.131   1.00 36.98  ? 107 PHE A CA  1 
ATOM   690  C  C   . PHE A 1 127 ? -0.454  -11.911 9.027   1.00 34.61  ? 107 PHE A C   1 
ATOM   691  O  O   . PHE A 1 127 ? 0.158   -11.108 9.725   1.00 35.11  ? 107 PHE A O   1 
ATOM   692  C  CB  . PHE A 1 127 ? 0.911   -12.145 6.926   1.00 34.21  ? 107 PHE A CB  1 
ATOM   693  C  CG  . PHE A 1 127 ? 1.977   -12.938 6.227   1.00 34.87  ? 107 PHE A CG  1 
ATOM   694  C  CD1 . PHE A 1 127 ? 3.262   -13.033 6.766   1.00 35.56  ? 107 PHE A CD1 1 
ATOM   695  C  CD2 . PHE A 1 127 ? 1.692   -13.644 5.061   1.00 34.86  ? 107 PHE A CD2 1 
ATOM   696  C  CE1 . PHE A 1 127 ? 4.250   -13.828 6.152   1.00 34.98  ? 107 PHE A CE1 1 
ATOM   697  C  CE2 . PHE A 1 127 ? 2.675   -14.442 4.438   1.00 35.06  ? 107 PHE A CE2 1 
ATOM   698  C  CZ  . PHE A 1 127 ? 3.955   -14.536 4.985   1.00 33.59  ? 107 PHE A CZ  1 
ATOM   699  N  N   . GLY A 1 128 ? -1.775  -11.969 9.023   1.00 33.66  ? 108 GLY A N   1 
ATOM   700  C  CA  . GLY A 1 128 ? -2.523  -11.073 9.892   1.00 32.53  ? 108 GLY A CA  1 
ATOM   701  C  C   . GLY A 1 128 ? -2.980  -9.772  9.268   1.00 32.10  ? 108 GLY A C   1 
ATOM   702  O  O   . GLY A 1 128 ? -3.703  -9.010  9.894   1.00 33.86  ? 108 GLY A O   1 
ATOM   703  N  N   . PHE A 1 129 ? -2.527  -9.486  8.057   1.00 31.90  ? 109 PHE A N   1 
ATOM   704  C  CA  . PHE A 1 129 ? -2.950  -8.289  7.337   1.00 30.92  ? 109 PHE A CA  1 
ATOM   705  C  C   . PHE A 1 129 ? -3.041  -8.734  5.883   1.00 30.25  ? 109 PHE A C   1 
ATOM   706  O  O   . PHE A 1 129 ? -2.528  -9.805  5.533   1.00 31.28  ? 109 PHE A O   1 
ATOM   707  C  CB  . PHE A 1 129 ? -1.950  -7.139  7.533   1.00 30.49  ? 109 PHE A CB  1 
ATOM   708  C  CG  . PHE A 1 129 ? -0.507  -7.557  7.446   1.00 32.97  ? 109 PHE A CG  1 
ATOM   709  C  CD1 . PHE A 1 129 ? 0.111   -7.757  6.198   1.00 32.37  ? 109 PHE A CD1 1 
ATOM   710  C  CD2 . PHE A 1 129 ? 0.245   -7.759  8.614   1.00 32.01  ? 109 PHE A CD2 1 
ATOM   711  C  CE1 . PHE A 1 129 ? 1.457   -8.153  6.115   1.00 32.37  ? 109 PHE A CE1 1 
ATOM   712  C  CE2 . PHE A 1 129 ? 1.602   -8.159  8.546   1.00 31.01  ? 109 PHE A CE2 1 
ATOM   713  C  CZ  . PHE A 1 129 ? 2.209   -8.358  7.295   1.00 30.96  ? 109 PHE A CZ  1 
ATOM   714  N  N   . ILE A 1 130 ? -3.704  -7.954  5.037   1.00 28.30  ? 110 ILE A N   1 
ATOM   715  C  CA  . ILE A 1 130 ? -3.838  -8.347  3.635   1.00 27.13  ? 110 ILE A CA  1 
ATOM   716  C  C   . ILE A 1 130 ? -2.537  -8.178  2.847   1.00 26.00  ? 110 ILE A C   1 
ATOM   717  O  O   . ILE A 1 130 ? -1.588  -7.548  3.312   1.00 26.19  ? 110 ILE A O   1 
ATOM   718  C  CB  . ILE A 1 130 ? -4.963  -7.540  2.907   1.00 26.23  ? 110 ILE A CB  1 
ATOM   719  C  CG1 . ILE A 1 130 ? -4.643  -6.051  2.921   1.00 26.53  ? 110 ILE A CG1 1 
ATOM   720  C  CG2 . ILE A 1 130 ? -6.292  -7.757  3.598   1.00 24.57  ? 110 ILE A CG2 1 
ATOM   721  C  CD1 . ILE A 1 130 ? -5.508  -5.267  1.965   1.00 25.71  ? 110 ILE A CD1 1 
ATOM   722  N  N   . PHE A 1 131 ? -2.503  -8.758  1.653   1.00 25.46  ? 111 PHE A N   1 
ATOM   723  C  CA  . PHE A 1 131 ? -1.344  -8.664  0.777   1.00 25.70  ? 111 PHE A CA  1 
ATOM   724  C  C   . PHE A 1 131 ? -1.253  -7.225  0.200   1.00 25.79  ? 111 PHE A C   1 
ATOM   725  O  O   . PHE A 1 131 ? -2.161  -6.765  -0.504  1.00 26.45  ? 111 PHE A O   1 
ATOM   726  C  CB  . PHE A 1 131 ? -1.488  -9.696  -0.342  1.00 23.73  ? 111 PHE A CB  1 
ATOM   727  C  CG  . PHE A 1 131 ? -0.414  -9.613  -1.384  1.00 26.23  ? 111 PHE A CG  1 
ATOM   728  C  CD1 . PHE A 1 131 ? 0.912   -9.912  -1.068  1.00 25.97  ? 111 PHE A CD1 1 
ATOM   729  C  CD2 . PHE A 1 131 ? -0.727  -9.249  -2.699  1.00 25.76  ? 111 PHE A CD2 1 
ATOM   730  C  CE1 . PHE A 1 131 ? 1.917   -9.853  -2.061  1.00 27.20  ? 111 PHE A CE1 1 
ATOM   731  C  CE2 . PHE A 1 131 ? 0.270   -9.187  -3.696  1.00 25.86  ? 111 PHE A CE2 1 
ATOM   732  C  CZ  . PHE A 1 131 ? 1.591   -9.489  -3.375  1.00 22.91  ? 111 PHE A CZ  1 
ATOM   733  N  N   . ILE A 1 132 ? -0.160  -6.530  0.507   1.00 24.44  ? 112 ILE A N   1 
ATOM   734  C  CA  . ILE A 1 132 ? 0.066   -5.148  0.060   1.00 23.49  ? 112 ILE A CA  1 
ATOM   735  C  C   . ILE A 1 132 ? 1.182   -5.068  -0.979  1.00 24.96  ? 112 ILE A C   1 
ATOM   736  O  O   . ILE A 1 132 ? 2.286   -5.562  -0.769  1.00 24.85  ? 112 ILE A O   1 
ATOM   737  C  CB  . ILE A 1 132 ? 0.466   -4.230  1.238   1.00 23.02  ? 112 ILE A CB  1 
ATOM   738  C  CG1 . ILE A 1 132 ? -0.589  -4.322  2.352   1.00 22.73  ? 112 ILE A CG1 1 
ATOM   739  C  CG2 . ILE A 1 132 ? 0.598   -2.770  0.754   1.00 20.19  ? 112 ILE A CG2 1 
ATOM   740  C  CD1 . ILE A 1 132 ? -1.974  -3.805  1.938   1.00 22.09  ? 112 ILE A CD1 1 
ATOM   741  N  N   . ILE A 1 133 ? 0.888   -4.440  -2.103  1.00 25.95  ? 113 ILE A N   1 
ATOM   742  C  CA  . ILE A 1 133 ? 1.864   -4.299  -3.168  1.00 27.68  ? 113 ILE A CA  1 
ATOM   743  C  C   . ILE A 1 133 ? 1.423   -3.112  -3.990  1.00 29.40  ? 113 ILE A C   1 
ATOM   744  O  O   . ILE A 1 133 ? 0.221   -2.926  -4.215  1.00 30.01  ? 113 ILE A O   1 
ATOM   745  C  CB  . ILE A 1 133 ? 1.881   -5.544  -4.090  1.00 27.14  ? 113 ILE A CB  1 
ATOM   746  C  CG1 . ILE A 1 133 ? 3.129   -5.537  -4.981  1.00 27.00  ? 113 ILE A CG1 1 
ATOM   747  C  CG2 . ILE A 1 133 ? 0.648   -5.545  -4.990  1.00 25.56  ? 113 ILE A CG2 1 
ATOM   748  C  CD1 . ILE A 1 133 ? 3.193   -6.719  -6.014  1.00 23.64  ? 113 ILE A CD1 1 
ATOM   749  N  N   . CYS A 1 134 ? 2.381   -2.300  -4.414  1.00 29.74  ? 114 CYS A N   1 
ATOM   750  C  CA  . CYS A 1 134 ? 2.072   -1.157  -5.247  1.00 31.77  ? 114 CYS A CA  1 
ATOM   751  C  C   . CYS A 1 134 ? 1.754   -1.769  -6.613  1.00 32.89  ? 114 CYS A C   1 
ATOM   752  O  O   . CYS A 1 134 ? 2.607   -2.395  -7.229  1.00 32.88  ? 114 CYS A O   1 
ATOM   753  C  CB  . CYS A 1 134 ? 3.287   -0.225  -5.334  1.00 32.67  ? 114 CYS A CB  1 
ATOM   754  S  SG  . CYS A 1 134 ? 3.044   1.309   -6.287  1.00 38.03  ? 114 CYS A SG  1 
ATOM   755  N  N   . ALA A 1 135 ? 0.505   -1.637  -7.051  1.00 35.31  ? 115 ALA A N   1 
ATOM   756  C  CA  . ALA A 1 135 ? 0.061   -2.155  -8.352  1.00 37.62  ? 115 ALA A CA  1 
ATOM   757  C  C   . ALA A 1 135 ? 0.206   -0.991  -9.328  1.00 40.08  ? 115 ALA A C   1 
ATOM   758  O  O   . ALA A 1 135 ? 0.250   0.168   -8.899  1.00 44.24  ? 115 ALA A O   1 
ATOM   759  C  CB  . ALA A 1 135 ? -1.383  -2.572  -8.262  1.00 34.93  ? 115 ALA A CB  1 
ATOM   760  N  N   . SER A 1 136 ? 0.295   -1.244  -10.621 1.00 40.56  ? 116 SER A N   1 
ATOM   761  C  CA  . SER A 1 136 ? 0.428   -0.092  -11.520 1.00 43.15  ? 116 SER A CA  1 
ATOM   762  C  C   . SER A 1 136 ? 0.528   -0.453  -12.974 1.00 45.31  ? 116 SER A C   1 
ATOM   763  O  O   . SER A 1 136 ? -0.354  -0.135  -13.779 1.00 49.19  ? 116 SER A O   1 
ATOM   764  C  CB  . SER A 1 136 ? 1.635   0.752   -11.146 1.00 40.83  ? 116 SER A CB  1 
ATOM   765  O  OG  . SER A 1 136 ? 1.201   2.042   -10.753 1.00 37.44  ? 116 SER A OG  1 
ATOM   766  N  N   . GLY A 1 137 ? 1.636   -1.073  -13.325 1.00 45.59  ? 117 GLY A N   1 
ATOM   767  C  CA  . GLY A 1 137 ? 1.803   -1.524  -14.684 1.00 44.39  ? 117 GLY A CA  1 
ATOM   768  C  C   . GLY A 1 137 ? 1.751   -3.012  -14.444 1.00 43.91  ? 117 GLY A C   1 
ATOM   769  O  O   . GLY A 1 137 ? 2.088   -3.820  -15.302 1.00 46.76  ? 117 GLY A O   1 
ATOM   770  N  N   . ARG A 1 138 ? 1.315   -3.377  -13.248 1.00 42.01  ? 118 ARG A N   1 
ATOM   771  C  CA  . ARG A 1 138 ? 1.261   -4.771  -12.896 1.00 42.53  ? 118 ARG A CA  1 
ATOM   772  C  C   . ARG A 1 138 ? -0.054  -5.416  -13.279 1.00 42.82  ? 118 ARG A C   1 
ATOM   773  O  O   . ARG A 1 138 ? -1.116  -4.784  -13.303 1.00 40.89  ? 118 ARG A O   1 
ATOM   774  C  CB  . ARG A 1 138 ? 1.518   -4.933  -11.401 1.00 44.11  ? 118 ARG A CB  1 
ATOM   775  C  CG  . ARG A 1 138 ? 2.629   -4.024  -10.880 1.00 47.59  ? 118 ARG A CG  1 
ATOM   776  C  CD  . ARG A 1 138 ? 3.930   -4.754  -10.591 1.00 51.50  ? 118 ARG A CD  1 
ATOM   777  N  NE  . ARG A 1 138 ? 4.386   -4.460  -9.228  1.00 55.51  ? 118 ARG A NE  1 
ATOM   778  C  CZ  . ARG A 1 138 ? 4.898   -3.292  -8.833  1.00 56.89  ? 118 ARG A CZ  1 
ATOM   779  N  NH1 . ARG A 1 138 ? 5.042   -2.288  -9.705  1.00 54.90  ? 118 ARG A NH1 1 
ATOM   780  N  NH2 . ARG A 1 138 ? 5.227   -3.115  -7.546  1.00 56.49  ? 118 ARG A NH2 1 
ATOM   781  N  N   . THR A 1 139 ? 0.056   -6.697  -13.596 1.00 43.74  ? 119 THR A N   1 
ATOM   782  C  CA  . THR A 1 139 ? -1.061  -7.540  -13.970 1.00 43.83  ? 119 THR A CA  1 
ATOM   783  C  C   . THR A 1 139 ? -1.486  -8.313  -12.723 1.00 43.85  ? 119 THR A C   1 
ATOM   784  O  O   . THR A 1 139 ? -0.720  -8.411  -11.759 1.00 41.97  ? 119 THR A O   1 
ATOM   785  C  CB  . THR A 1 139 ? -0.606  -8.522  -15.049 1.00 44.94  ? 119 THR A CB  1 
ATOM   786  O  OG1 . THR A 1 139 ? -0.482  -7.823  -16.296 1.00 44.34  ? 119 THR A OG1 1 
ATOM   787  C  CG2 . THR A 1 139 ? -1.588  -9.664  -15.189 1.00 48.20  ? 119 THR A CG2 1 
ATOM   788  N  N   . HIS A 1 140 ? -2.709  -8.836  -12.716 1.00 43.98  ? 120 HIS A N   1 
ATOM   789  C  CA  . HIS A 1 140 ? -3.154  -9.625  -11.573 1.00 44.06  ? 120 HIS A CA  1 
ATOM   790  C  C   . HIS A 1 140 ? -2.315  -10.895 -11.522 1.00 43.56  ? 120 HIS A C   1 
ATOM   791  O  O   . HIS A 1 140 ? -2.040  -11.444 -10.447 1.00 44.07  ? 120 HIS A O   1 
ATOM   792  C  CB  . HIS A 1 140 ? -4.634  -9.978  -11.693 1.00 44.12  ? 120 HIS A CB  1 
ATOM   793  C  CG  . HIS A 1 140 ? -5.542  -8.829  -11.402 1.00 46.08  ? 120 HIS A CG  1 
ATOM   794  N  ND1 . HIS A 1 140 ? -6.258  -8.180  -12.382 1.00 47.64  ? 120 HIS A ND1 1 
ATOM   795  C  CD2 . HIS A 1 140 ? -5.826  -8.195  -10.241 1.00 46.48  ? 120 HIS A CD2 1 
ATOM   796  C  CE1 . HIS A 1 140 ? -6.947  -7.193  -11.837 1.00 48.99  ? 120 HIS A CE1 1 
ATOM   797  N  NE2 . HIS A 1 140 ? -6.702  -7.181  -10.538 1.00 48.68  ? 120 HIS A NE2 1 
ATOM   798  N  N   . ALA A 1 141 ? -1.896  -11.342 -12.701 1.00 42.53  ? 121 ALA A N   1 
ATOM   799  C  CA  . ALA A 1 141 ? -1.075  -12.533 -12.840 1.00 41.50  ? 121 ALA A CA  1 
ATOM   800  C  C   . ALA A 1 141 ? 0.307   -12.328 -12.191 1.00 41.76  ? 121 ALA A C   1 
ATOM   801  O  O   . ALA A 1 141 ? 0.778   -13.180 -11.421 1.00 41.69  ? 121 ALA A O   1 
ATOM   802  C  CB  . ALA A 1 141 ? -0.926  -12.881 -14.318 1.00 39.58  ? 121 ALA A CB  1 
ATOM   803  N  N   . GLU A 1 142 ? 0.962   -11.209 -12.498 1.00 39.99  ? 122 GLU A N   1 
ATOM   804  C  CA  . GLU A 1 142 ? 2.268   -10.945 -11.915 1.00 39.90  ? 122 GLU A CA  1 
ATOM   805  C  C   . GLU A 1 142 ? 2.115   -10.792 -10.410 1.00 41.67  ? 122 GLU A C   1 
ATOM   806  O  O   . GLU A 1 142 ? 2.927   -11.306 -9.634  1.00 42.13  ? 122 GLU A O   1 
ATOM   807  C  CB  . GLU A 1 142 ? 2.871   -9.673  -12.488 1.00 38.23  ? 122 GLU A CB  1 
ATOM   808  C  CG  . GLU A 1 142 ? 2.927   -9.660  -13.994 1.00 38.97  ? 122 GLU A CG  1 
ATOM   809  C  CD  . GLU A 1 142 ? 3.319   -8.311  -14.531 1.00 39.00  ? 122 GLU A CD  1 
ATOM   810  O  OE1 . GLU A 1 142 ? 3.111   -7.312  -13.812 1.00 41.33  ? 122 GLU A OE1 1 
ATOM   811  O  OE2 . GLU A 1 142 ? 3.822   -8.237  -15.668 1.00 38.46  ? 122 GLU A OE2 1 
HETATM 812  N  N   . MSE A 1 143 ? 1.060   -10.095 -9.996  1.00 42.16  ? 123 MSE A N   1 
HETATM 813  C  CA  . MSE A 1 143 ? 0.818   -9.874  -8.579  1.00 42.27  ? 123 MSE A CA  1 
HETATM 814  C  C   . MSE A 1 143 ? 0.433   -11.147 -7.844  1.00 41.39  ? 123 MSE A C   1 
HETATM 815  O  O   . MSE A 1 143 ? 0.767   -11.302 -6.681  1.00 41.34  ? 123 MSE A O   1 
HETATM 816  C  CB  . MSE A 1 143 ? -0.243  -8.797  -8.389  1.00 44.65  ? 123 MSE A CB  1 
HETATM 817  C  CG  . MSE A 1 143 ? 0.233   -7.426  -8.839  1.00 47.39  ? 123 MSE A CG  1 
HETATM 818  SE SE  . MSE A 1 143 ? -0.902  -5.989  -8.192  1.00 55.94  ? 123 MSE A SE  1 
HETATM 819  C  CE  . MSE A 1 143 ? -1.944  -5.621  -9.813  1.00 50.92  ? 123 MSE A CE  1 
ATOM   820  N  N   . LEU A 1 144 ? -0.270  -12.056 -8.518  1.00 41.60  ? 124 LEU A N   1 
ATOM   821  C  CA  . LEU A 1 144 ? -0.651  -13.334 -7.909  1.00 40.42  ? 124 LEU A CA  1 
ATOM   822  C  C   . LEU A 1 144 ? 0.659   -14.108 -7.665  1.00 40.45  ? 124 LEU A C   1 
ATOM   823  O  O   . LEU A 1 144 ? 0.845   -14.761 -6.639  1.00 40.74  ? 124 LEU A O   1 
ATOM   824  C  CB  . LEU A 1 144 ? -1.573  -14.097 -8.866  1.00 40.81  ? 124 LEU A CB  1 
ATOM   825  C  CG  . LEU A 1 144 ? -2.208  -15.460 -8.549  1.00 41.67  ? 124 LEU A CG  1 
ATOM   826  C  CD1 . LEU A 1 144 ? -1.185  -16.551 -8.730  1.00 44.04  ? 124 LEU A CD1 1 
ATOM   827  C  CD2 . LEU A 1 144 ? -2.776  -15.466 -7.138  1.00 42.82  ? 124 LEU A CD2 1 
ATOM   828  N  N   . HIS A 1 145 ? 1.582   -13.991 -8.607  1.00 39.48  ? 125 HIS A N   1 
ATOM   829  C  CA  . HIS A 1 145 ? 2.868   -14.653 -8.503  1.00 39.44  ? 125 HIS A CA  1 
ATOM   830  C  C   . HIS A 1 145 ? 3.719   -14.034 -7.389  1.00 40.00  ? 125 HIS A C   1 
ATOM   831  O  O   . HIS A 1 145 ? 4.424   -14.753 -6.667  1.00 40.89  ? 125 HIS A O   1 
ATOM   832  C  CB  . HIS A 1 145 ? 3.609   -14.557 -9.835  1.00 39.17  ? 125 HIS A CB  1 
ATOM   833  C  CG  . HIS A 1 145 ? 5.006   -15.088 -9.784  1.00 41.26  ? 125 HIS A CG  1 
ATOM   834  N  ND1 . HIS A 1 145 ? 5.289   -16.434 -9.685  1.00 41.31  ? 125 HIS A ND1 1 
ATOM   835  C  CD2 . HIS A 1 145 ? 6.201   -14.448 -9.764  1.00 41.07  ? 125 HIS A CD2 1 
ATOM   836  C  CE1 . HIS A 1 145 ? 6.597   -16.600 -9.603  1.00 42.18  ? 125 HIS A CE1 1 
ATOM   837  N  NE2 . HIS A 1 145 ? 7.174   -15.411 -9.647  1.00 41.86  ? 125 HIS A NE2 1 
ATOM   838  N  N   . ALA A 1 146 ? 3.673   -12.708 -7.257  1.00 39.10  ? 126 ALA A N   1 
ATOM   839  C  CA  . ALA A 1 146 ? 4.435   -12.029 -6.205  1.00 38.06  ? 126 ALA A CA  1 
ATOM   840  C  C   . ALA A 1 146 ? 3.845   -12.399 -4.843  1.00 39.27  ? 126 ALA A C   1 
ATOM   841  O  O   . ALA A 1 146 ? 4.573   -12.468 -3.848  1.00 38.81  ? 126 ALA A O   1 
ATOM   842  C  CB  . ALA A 1 146 ? 4.401   -10.526 -6.397  1.00 34.50  ? 126 ALA A CB  1 
ATOM   843  N  N   . LEU A 1 147 ? 2.532   -12.638 -4.809  1.00 38.79  ? 127 LEU A N   1 
ATOM   844  C  CA  . LEU A 1 147 ? 1.849   -13.028 -3.578  1.00 41.08  ? 127 LEU A CA  1 
ATOM   845  C  C   . LEU A 1 147 ? 2.285   -14.442 -3.170  1.00 42.28  ? 127 LEU A C   1 
ATOM   846  O  O   . LEU A 1 147 ? 2.716   -14.648 -2.036  1.00 42.89  ? 127 LEU A O   1 
ATOM   847  C  CB  . LEU A 1 147 ? 0.324   -12.946 -3.770  1.00 40.02  ? 127 LEU A CB  1 
ATOM   848  C  CG  . LEU A 1 147 ? -0.746  -13.548 -2.839  1.00 39.10  ? 127 LEU A CG  1 
ATOM   849  C  CD1 . LEU A 1 147 ? -0.161  -14.117 -1.570  1.00 37.76  ? 127 LEU A CD1 1 
ATOM   850  C  CD2 . LEU A 1 147 ? -1.774  -12.467 -2.540  1.00 37.72  ? 127 LEU A CD2 1 
ATOM   851  N  N   . LYS A 1 148 ? 2.179   -15.405 -4.086  1.00 43.58  ? 128 LYS A N   1 
ATOM   852  C  CA  . LYS A 1 148 ? 2.595   -16.786 -3.807  1.00 44.44  ? 128 LYS A CA  1 
ATOM   853  C  C   . LYS A 1 148 ? 4.049   -16.805 -3.338  1.00 45.68  ? 128 LYS A C   1 
ATOM   854  O  O   . LYS A 1 148 ? 4.414   -17.525 -2.401  1.00 46.63  ? 128 LYS A O   1 
ATOM   855  C  CB  . LYS A 1 148 ? 2.490   -17.655 -5.060  1.00 43.85  ? 128 LYS A CB  1 
ATOM   856  C  CG  . LYS A 1 148 ? 1.106   -18.153 -5.386  1.00 44.27  ? 128 LYS A CG  1 
ATOM   857  C  CD  . LYS A 1 148 ? 1.139   -18.934 -6.685  1.00 43.64  ? 128 LYS A CD  1 
ATOM   858  C  CE  . LYS A 1 148 ? -0.247  -19.411 -7.067  1.00 45.15  ? 128 LYS A CE  1 
ATOM   859  N  NZ  . LYS A 1 148 ? -0.375  -19.497 -8.556  1.00 44.53  ? 128 LYS A NZ  1 
ATOM   860  N  N   . GLU A 1 149 ? 4.877   -16.017 -4.010  1.00 45.90  ? 129 GLU A N   1 
ATOM   861  C  CA  . GLU A 1 149 ? 6.284   -15.923 -3.673  1.00 46.47  ? 129 GLU A CA  1 
ATOM   862  C  C   . GLU A 1 149 ? 6.384   -15.444 -2.218  1.00 46.57  ? 129 GLU A C   1 
ATOM   863  O  O   . GLU A 1 149 ? 6.915   -16.143 -1.352  1.00 46.91  ? 129 GLU A O   1 
ATOM   864  C  CB  . GLU A 1 149 ? 6.963   -14.910 -4.605  1.00 48.97  ? 129 GLU A CB  1 
ATOM   865  C  CG  . GLU A 1 149 ? 8.442   -15.115 -4.832  1.00 55.80  ? 129 GLU A CG  1 
ATOM   866  C  CD  . GLU A 1 149 ? 8.741   -16.128 -5.945  1.00 61.31  ? 129 GLU A CD  1 
ATOM   867  O  OE1 . GLU A 1 149 ? 8.197   -17.261 -5.893  1.00 62.41  ? 129 GLU A OE1 1 
ATOM   868  O  OE2 . GLU A 1 149 ? 9.528   -15.793 -6.869  1.00 62.56  ? 129 GLU A OE2 1 
ATOM   869  N  N   . ARG A 1 150 ? 5.837   -14.259 -1.947  1.00 44.75  ? 130 ARG A N   1 
ATOM   870  C  CA  . ARG A 1 150 ? 5.902   -13.664 -0.613  1.00 43.12  ? 130 ARG A CA  1 
ATOM   871  C  C   . ARG A 1 150 ? 5.280   -14.475 0.510   1.00 42.59  ? 130 ARG A C   1 
ATOM   872  O  O   . ARG A 1 150 ? 5.610   -14.274 1.683   1.00 40.98  ? 130 ARG A O   1 
ATOM   873  C  CB  . ARG A 1 150 ? 5.299   -12.257 -0.646  1.00 41.28  ? 130 ARG A CB  1 
ATOM   874  C  CG  . ARG A 1 150 ? 6.214   -11.245 -1.331  1.00 38.61  ? 130 ARG A CG  1 
ATOM   875  C  CD  . ARG A 1 150 ? 5.511   -9.936  -1.623  1.00 36.74  ? 130 ARG A CD  1 
ATOM   876  N  NE  . ARG A 1 150 ? 4.888   -9.379  -0.431  1.00 34.26  ? 130 ARG A NE  1 
ATOM   877  C  CZ  . ARG A 1 150 ? 4.311   -8.189  -0.391  1.00 33.07  ? 130 ARG A CZ  1 
ATOM   878  N  NH1 . ARG A 1 150 ? 4.286   -7.428  -1.481  1.00 30.70  ? 130 ARG A NH1 1 
ATOM   879  N  NH2 . ARG A 1 150 ? 3.745   -7.772  0.736   1.00 33.00  ? 130 ARG A NH2 1 
ATOM   880  N  N   . TYR A 1 151 ? 4.399   -15.398 0.152   1.00 41.76  ? 131 TYR A N   1 
ATOM   881  C  CA  . TYR A 1 151 ? 3.739   -16.232 1.135   1.00 43.20  ? 131 TYR A CA  1 
ATOM   882  C  C   . TYR A 1 151 ? 4.748   -17.045 1.978   1.00 43.92  ? 131 TYR A C   1 
ATOM   883  O  O   . TYR A 1 151 ? 4.483   -17.392 3.136   1.00 44.02  ? 131 TYR A O   1 
ATOM   884  C  CB  . TYR A 1 151 ? 2.770   -17.176 0.426   1.00 43.95  ? 131 TYR A CB  1 
ATOM   885  C  CG  . TYR A 1 151 ? 1.863   -17.925 1.378   1.00 45.48  ? 131 TYR A CG  1 
ATOM   886  C  CD1 . TYR A 1 151 ? 0.809   -17.280 2.015   1.00 45.19  ? 131 TYR A CD1 1 
ATOM   887  C  CD2 . TYR A 1 151 ? 2.073   -19.271 1.656   1.00 45.59  ? 131 TYR A CD2 1 
ATOM   888  C  CE1 . TYR A 1 151 ? -0.013  -17.958 2.903   1.00 46.74  ? 131 TYR A CE1 1 
ATOM   889  C  CE2 . TYR A 1 151 ? 1.257   -19.956 2.545   1.00 46.24  ? 131 TYR A CE2 1 
ATOM   890  C  CZ  . TYR A 1 151 ? 0.221   -19.294 3.162   1.00 46.47  ? 131 TYR A CZ  1 
ATOM   891  O  OH  . TYR A 1 151 ? -0.576  -19.960 4.054   1.00 48.64  ? 131 TYR A OH  1 
ATOM   892  N  N   . GLU A 1 152 ? 5.903   -17.334 1.396   1.00 43.70  ? 132 GLU A N   1 
ATOM   893  C  CA  . GLU A 1 152 ? 6.943   -18.109 2.067   1.00 44.80  ? 132 GLU A CA  1 
ATOM   894  C  C   . GLU A 1 152 ? 7.905   -17.299 2.944   1.00 43.32  ? 132 GLU A C   1 
ATOM   895  O  O   . GLU A 1 152 ? 8.924   -17.826 3.396   1.00 44.40  ? 132 GLU A O   1 
ATOM   896  C  CB  . GLU A 1 152 ? 7.768   -18.883 1.029   1.00 46.43  ? 132 GLU A CB  1 
ATOM   897  C  CG  . GLU A 1 152 ? 7.530   -20.382 1.012   1.00 52.34  ? 132 GLU A CG  1 
ATOM   898  C  CD  . GLU A 1 152 ? 6.122   -20.753 0.599   1.00 54.87  ? 132 GLU A CD  1 
ATOM   899  O  OE1 . GLU A 1 152 ? 5.659   -20.225 -0.437  1.00 57.50  ? 132 GLU A OE1 1 
ATOM   900  O  OE2 . GLU A 1 152 ? 5.487   -21.576 1.302   1.00 56.46  ? 132 GLU A OE2 1 
ATOM   901  N  N   . ASN A 1 153 ? 7.606   -16.026 3.168   1.00 39.89  ? 133 ASN A N   1 
ATOM   902  C  CA  . ASN A 1 153 ? 8.466   -15.183 3.987   1.00 36.12  ? 133 ASN A CA  1 
ATOM   903  C  C   . ASN A 1 153 ? 8.048   -15.302 5.445   1.00 34.33  ? 133 ASN A C   1 
ATOM   904  O  O   . ASN A 1 153 ? 6.940   -15.744 5.744   1.00 33.36  ? 133 ASN A O   1 
ATOM   905  C  CB  . ASN A 1 153 ? 8.335   -13.718 3.550   1.00 37.34  ? 133 ASN A CB  1 
ATOM   906  C  CG  . ASN A 1 153 ? 9.006   -13.437 2.217   1.00 38.45  ? 133 ASN A CG  1 
ATOM   907  O  OD1 . ASN A 1 153 ? 8.628   -12.508 1.499   1.00 39.76  ? 133 ASN A OD1 1 
ATOM   908  N  ND2 . ASN A 1 153 ? 10.015  -14.224 1.885   1.00 38.75  ? 133 ASN A ND2 1 
ATOM   909  N  N   . ARG A 1 154 ? 8.938   -14.918 6.352   1.00 33.66  ? 134 ARG A N   1 
ATOM   910  C  CA  . ARG A 1 154 ? 8.624   -14.937 7.780   1.00 33.46  ? 134 ARG A CA  1 
ATOM   911  C  C   . ARG A 1 154 ? 7.663   -13.760 7.998   1.00 32.62  ? 134 ARG A C   1 
ATOM   912  O  O   . ARG A 1 154 ? 7.811   -12.716 7.373   1.00 30.97  ? 134 ARG A O   1 
ATOM   913  C  CB  . ARG A 1 154 ? 9.880   -14.666 8.626   1.00 34.83  ? 134 ARG A CB  1 
ATOM   914  C  CG  . ARG A 1 154 ? 11.086  -15.602 8.466   1.00 31.73  ? 134 ARG A CG  1 
ATOM   915  C  CD  . ARG A 1 154 ? 12.248  -15.054 9.318   1.00 31.69  ? 134 ARG A CD  1 
ATOM   916  N  NE  . ARG A 1 154 ? 11.810  -14.779 10.695  1.00 32.51  ? 134 ARG A NE  1 
ATOM   917  C  CZ  . ARG A 1 154 ? 12.309  -13.823 11.483  1.00 31.97  ? 134 ARG A CZ  1 
ATOM   918  N  NH1 . ARG A 1 154 ? 13.283  -13.027 11.048  1.00 30.61  ? 134 ARG A NH1 1 
ATOM   919  N  NH2 . ARG A 1 154 ? 11.812  -13.648 12.702  1.00 28.19  ? 134 ARG A NH2 1 
ATOM   920  N  N   . PRO A 1 155 ? 6.674   -13.905 8.890   1.00 32.99  ? 135 PRO A N   1 
ATOM   921  C  CA  . PRO A 1 155 ? 5.752   -12.786 9.116   1.00 32.64  ? 135 PRO A CA  1 
ATOM   922  C  C   . PRO A 1 155 ? 6.436   -11.431 9.367   1.00 33.65  ? 135 PRO A C   1 
ATOM   923  O  O   . PRO A 1 155 ? 5.957   -10.396 8.896   1.00 35.44  ? 135 PRO A O   1 
ATOM   924  C  CB  . PRO A 1 155 ? 4.942   -13.251 10.322  1.00 30.71  ? 135 PRO A CB  1 
ATOM   925  C  CG  . PRO A 1 155 ? 4.827   -14.730 10.075  1.00 30.02  ? 135 PRO A CG  1 
ATOM   926  C  CD  . PRO A 1 155 ? 6.251   -15.092 9.658   1.00 33.36  ? 135 PRO A CD  1 
ATOM   927  N  N   . ILE A 1 156 ? 7.553   -11.424 10.088  1.00 32.24  ? 136 ILE A N   1 
ATOM   928  C  CA  . ILE A 1 156 ? 8.211   -10.154 10.385  1.00 32.21  ? 136 ILE A CA  1 
ATOM   929  C  C   . ILE A 1 156 ? 8.728   -9.503  9.116   1.00 32.29  ? 136 ILE A C   1 
ATOM   930  O  O   . ILE A 1 156 ? 8.650   -8.283  8.994   1.00 31.83  ? 136 ILE A O   1 
ATOM   931  C  CB  . ILE A 1 156 ? 9.387   -10.311 11.435  1.00 32.37  ? 136 ILE A CB  1 
ATOM   932  C  CG1 . ILE A 1 156 ? 10.036  -8.956  11.721  1.00 32.16  ? 136 ILE A CG1 1 
ATOM   933  C  CG2 . ILE A 1 156 ? 10.470  -11.249 10.912  1.00 32.63  ? 136 ILE A CG2 1 
ATOM   934  C  CD1 . ILE A 1 156 ? 9.181   -8.011  12.504  1.00 31.77  ? 136 ILE A CD1 1 
ATOM   935  N  N   . VAL A 1 157 ? 9.246   -10.307 8.179   1.00 31.13  ? 137 VAL A N   1 
ATOM   936  C  CA  . VAL A 1 157 ? 9.766   -9.769  6.922   1.00 31.67  ? 137 VAL A CA  1 
ATOM   937  C  C   . VAL A 1 157 ? 8.632   -9.324  6.010   1.00 31.85  ? 137 VAL A C   1 
ATOM   938  O  O   . VAL A 1 157 ? 8.765   -8.323  5.295   1.00 33.32  ? 137 VAL A O   1 
ATOM   939  C  CB  . VAL A 1 157 ? 10.669  -10.782 6.138   1.00 32.71  ? 137 VAL A CB  1 
ATOM   940  C  CG1 . VAL A 1 157 ? 11.872  -11.183 6.981   1.00 31.04  ? 137 VAL A CG1 1 
ATOM   941  C  CG2 . VAL A 1 157 ? 9.881   -11.980 5.746   1.00 33.65  ? 137 VAL A CG2 1 
ATOM   942  N  N   . GLU A 1 158 ? 7.523   -10.055 6.016   1.00 29.43  ? 138 GLU A N   1 
ATOM   943  C  CA  . GLU A 1 158 ? 6.404   -9.622  5.204   1.00 31.13  ? 138 GLU A CA  1 
ATOM   944  C  C   . GLU A 1 158 ? 5.934   -8.242  5.690   1.00 31.57  ? 138 GLU A C   1 
ATOM   945  O  O   . GLU A 1 158 ? 5.479   -7.421  4.902   1.00 31.18  ? 138 GLU A O   1 
ATOM   946  C  CB  . GLU A 1 158 ? 5.244   -10.627 5.259   1.00 31.33  ? 138 GLU A CB  1 
ATOM   947  C  CG  . GLU A 1 158 ? 5.251   -11.573 4.073   1.00 31.98  ? 138 GLU A CG  1 
ATOM   948  C  CD  . GLU A 1 158 ? 5.461   -10.842 2.754   1.00 32.39  ? 138 GLU A CD  1 
ATOM   949  O  OE1 . GLU A 1 158 ? 4.530   -10.159 2.258   1.00 32.10  ? 138 GLU A OE1 1 
ATOM   950  O  OE2 . GLU A 1 158 ? 6.582   -10.933 2.219   1.00 34.09  ? 138 GLU A OE2 1 
ATOM   951  N  N   . LEU A 1 159 ? 6.068   -7.993  6.987   1.00 31.79  ? 139 LEU A N   1 
ATOM   952  C  CA  . LEU A 1 159 ? 5.665   -6.726  7.566   1.00 31.75  ? 139 LEU A CA  1 
ATOM   953  C  C   . LEU A 1 159 ? 6.561   -5.584  7.056   1.00 33.74  ? 139 LEU A C   1 
ATOM   954  O  O   . LEU A 1 159 ? 6.110   -4.444  6.966   1.00 35.14  ? 139 LEU A O   1 
ATOM   955  C  CB  . LEU A 1 159 ? 5.736   -6.832  9.087   1.00 29.57  ? 139 LEU A CB  1 
ATOM   956  C  CG  . LEU A 1 159 ? 5.106   -5.795  10.019  1.00 31.27  ? 139 LEU A CG  1 
ATOM   957  C  CD1 . LEU A 1 159 ? 6.184   -4.943  10.571  1.00 30.50  ? 139 LEU A CD1 1 
ATOM   958  C  CD2 . LEU A 1 159 ? 4.023   -4.963  9.299   1.00 30.04  ? 139 LEU A CD2 1 
ATOM   959  N  N   . GLU A 1 160 ? 7.816   -5.875  6.713   1.00 32.18  ? 140 GLU A N   1 
ATOM   960  C  CA  . GLU A 1 160 ? 8.699   -4.817  6.226   1.00 33.27  ? 140 GLU A CA  1 
ATOM   961  C  C   . GLU A 1 160 ? 8.427   -4.501  4.773   1.00 30.39  ? 140 GLU A C   1 
ATOM   962  O  O   . GLU A 1 160 ? 8.433   -3.341  4.375   1.00 29.08  ? 140 GLU A O   1 
ATOM   963  C  CB  . GLU A 1 160 ? 10.166  -5.201  6.346   1.00 37.44  ? 140 GLU A CB  1 
ATOM   964  C  CG  . GLU A 1 160 ? 10.779  -4.922  7.686   1.00 47.24  ? 140 GLU A CG  1 
ATOM   965  C  CD  . GLU A 1 160 ? 12.291  -4.807  7.586   1.00 51.91  ? 140 GLU A CD  1 
ATOM   966  O  OE1 . GLU A 1 160 ? 12.896  -5.669  6.898   1.00 53.16  ? 140 GLU A OE1 1 
ATOM   967  O  OE2 . GLU A 1 160 ? 12.860  -3.857  8.188   1.00 52.54  ? 140 GLU A OE2 1 
ATOM   968  N  N   . ILE A 1 161 ? 8.220   -5.554  3.996   1.00 27.08  ? 141 ILE A N   1 
ATOM   969  C  CA  . ILE A 1 161 ? 7.938   -5.440  2.584   1.00 25.97  ? 141 ILE A CA  1 
ATOM   970  C  C   . ILE A 1 161 ? 6.607   -4.693  2.382   1.00 25.34  ? 141 ILE A C   1 
ATOM   971  O  O   . ILE A 1 161 ? 6.514   -3.793  1.556   1.00 25.15  ? 141 ILE A O   1 
ATOM   972  C  CB  . ILE A 1 161 ? 7.881   -6.853  1.934   1.00 25.26  ? 141 ILE A CB  1 
ATOM   973  C  CG1 . ILE A 1 161 ? 9.262   -7.516  2.012   1.00 24.01  ? 141 ILE A CG1 1 
ATOM   974  C  CG2 . ILE A 1 161 ? 7.428   -6.751  0.480   1.00 22.35  ? 141 ILE A CG2 1 
ATOM   975  C  CD1 . ILE A 1 161 ? 9.286   -8.973  1.524   1.00 22.68  ? 141 ILE A CD1 1 
ATOM   976  N  N   . ALA A 1 162 ? 5.586   -5.057  3.145   1.00 23.95  ? 142 ALA A N   1 
ATOM   977  C  CA  . ALA A 1 162 ? 4.310   -4.380  3.030   1.00 24.57  ? 142 ALA A CA  1 
ATOM   978  C  C   . ALA A 1 162 ? 4.478   -2.896  3.359   1.00 25.48  ? 142 ALA A C   1 
ATOM   979  O  O   . ALA A 1 162 ? 3.868   -2.040  2.702   1.00 24.60  ? 142 ALA A O   1 
ATOM   980  C  CB  . ALA A 1 162 ? 3.287   -5.007  3.963   1.00 22.66  ? 142 ALA A CB  1 
ATOM   981  N  N   . ALA A 1 163 ? 5.296   -2.592  4.363   1.00 24.86  ? 143 ALA A N   1 
ATOM   982  C  CA  . ALA A 1 163 ? 5.511   -1.203  4.782   1.00 28.70  ? 143 ALA A CA  1 
ATOM   983  C  C   . ALA A 1 163 ? 6.117   -0.394  3.648   1.00 31.77  ? 143 ALA A C   1 
ATOM   984  O  O   . ALA A 1 163 ? 5.778   0.773   3.442   1.00 31.69  ? 143 ALA A O   1 
ATOM   985  C  CB  . ALA A 1 163 ? 6.436   -1.140  6.030   1.00 26.27  ? 143 ALA A CB  1 
HETATM 986  N  N   . MSE A 1 164 ? 7.021   -1.035  2.921   1.00 35.39  ? 144 MSE A N   1 
HETATM 987  C  CA  . MSE A 1 164 ? 7.704   -0.427  1.795   1.00 39.54  ? 144 MSE A CA  1 
HETATM 988  C  C   . MSE A 1 164 ? 6.752   -0.278  0.594   1.00 36.86  ? 144 MSE A C   1 
HETATM 989  O  O   . MSE A 1 164 ? 6.720   0.766   -0.061  1.00 34.10  ? 144 MSE A O   1 
HETATM 990  C  CB  . MSE A 1 164 ? 8.897   -1.295  1.420   1.00 47.98  ? 144 MSE A CB  1 
HETATM 991  C  CG  . MSE A 1 164 ? 9.710   -0.762  0.276   1.00 61.96  ? 144 MSE A CG  1 
HETATM 992  SE SE  . MSE A 1 164 ? 10.959  -2.120  -0.272  1.00 84.61  ? 144 MSE A SE  1 
HETATM 993  C  CE  . MSE A 1 164 ? 11.587  -2.713  1.504   1.00 72.47  ? 144 MSE A CE  1 
ATOM   994  N  N   . GLU A 1 165 ? 6.002   -1.334  0.296   1.00 33.96  ? 145 GLU A N   1 
ATOM   995  C  CA  . GLU A 1 165 ? 5.034   -1.278  -0.787  1.00 33.31  ? 145 GLU A CA  1 
ATOM   996  C  C   . GLU A 1 165 ? 4.027   -0.132  -0.501  1.00 33.95  ? 145 GLU A C   1 
ATOM   997  O  O   . GLU A 1 165 ? 3.675   0.646   -1.390  1.00 31.97  ? 145 GLU A O   1 
ATOM   998  C  CB  . GLU A 1 165 ? 4.300   -2.606  -0.892  1.00 30.83  ? 145 GLU A CB  1 
ATOM   999  C  CG  . GLU A 1 165 ? 5.149   -3.705  -1.459  1.00 30.67  ? 145 GLU A CG  1 
ATOM   1000 C  CD  . GLU A 1 165 ? 5.741   -3.316  -2.790  1.00 32.80  ? 145 GLU A CD  1 
ATOM   1001 O  OE1 . GLU A 1 165 ? 4.963   -2.944  -3.687  1.00 30.04  ? 145 GLU A OE1 1 
ATOM   1002 O  OE2 . GLU A 1 165 ? 6.985   -3.374  -2.945  1.00 37.77  ? 145 GLU A OE2 1 
ATOM   1003 N  N   . GLN A 1 166 ? 3.590   -0.030  0.753   1.00 32.88  ? 146 GLN A N   1 
ATOM   1004 C  CA  . GLN A 1 166 ? 2.654   0.999   1.182   1.00 32.30  ? 146 GLN A CA  1 
ATOM   1005 C  C   . GLN A 1 166 ? 3.254   2.379   0.958   1.00 33.22  ? 146 GLN A C   1 
ATOM   1006 O  O   . GLN A 1 166 ? 2.571   3.303   0.529   1.00 33.05  ? 146 GLN A O   1 
ATOM   1007 C  CB  . GLN A 1 166 ? 2.333   0.791   2.664   1.00 31.32  ? 146 GLN A CB  1 
ATOM   1008 C  CG  . GLN A 1 166 ? 1.704   1.941   3.387   1.00 30.83  ? 146 GLN A CG  1 
ATOM   1009 C  CD  . GLN A 1 166 ? 0.310   2.243   2.893   1.00 35.57  ? 146 GLN A CD  1 
ATOM   1010 O  OE1 . GLN A 1 166 ? -0.517  1.345   2.716   1.00 32.09  ? 146 GLN A OE1 1 
ATOM   1011 N  NE2 . GLN A 1 166 ? 0.032   3.527   2.672   1.00 38.02  ? 146 GLN A NE2 1 
HETATM 1012 N  N   . MSE A 1 167 ? 4.538   2.516   1.247   1.00 33.94  ? 147 MSE A N   1 
HETATM 1013 C  CA  . MSE A 1 167 ? 5.188   3.801   1.082   1.00 35.25  ? 147 MSE A CA  1 
HETATM 1014 C  C   . MSE A 1 167 ? 5.270   4.160   -0.386  1.00 34.09  ? 147 MSE A C   1 
HETATM 1015 O  O   . MSE A 1 167 ? 5.112   5.320   -0.747  1.00 35.46  ? 147 MSE A O   1 
HETATM 1016 C  CB  . MSE A 1 167 ? 6.589   3.781   1.683   1.00 39.74  ? 147 MSE A CB  1 
HETATM 1017 C  CG  . MSE A 1 167 ? 7.267   5.137   1.682   1.00 46.22  ? 147 MSE A CG  1 
HETATM 1018 SE SE  . MSE A 1 167 ? 6.337   6.476   2.761   1.00 60.43  ? 147 MSE A SE  1 
HETATM 1019 C  CE  . MSE A 1 167 ? 5.827   7.738   1.336   1.00 55.48  ? 147 MSE A CE  1 
ATOM   1020 N  N   . LYS A 1 168 ? 5.527   3.174   -1.239  1.00 31.54  ? 148 LYS A N   1 
ATOM   1021 C  CA  . LYS A 1 168 ? 5.586   3.462   -2.665  1.00 31.85  ? 148 LYS A CA  1 
ATOM   1022 C  C   . LYS A 1 168 ? 4.217   3.975   -3.159  1.00 31.50  ? 148 LYS A C   1 
ATOM   1023 O  O   . LYS A 1 168 ? 4.150   4.920   -3.936  1.00 32.92  ? 148 LYS A O   1 
ATOM   1024 C  CB  . LYS A 1 168 ? 5.991   2.217   -3.463  1.00 30.98  ? 148 LYS A CB  1 
ATOM   1025 C  CG  . LYS A 1 168 ? 7.435   1.762   -3.250  1.00 32.77  ? 148 LYS A CG  1 
ATOM   1026 C  CD  . LYS A 1 168 ? 7.828   0.747   -4.314  1.00 34.24  ? 148 LYS A CD  1 
ATOM   1027 C  CE  . LYS A 1 168 ? 8.358   -0.527  -3.705  1.00 35.93  ? 148 LYS A CE  1 
ATOM   1028 N  NZ  . LYS A 1 168 ? 8.668   -1.548  -4.749  1.00 38.62  ? 148 LYS A NZ  1 
ATOM   1029 N  N   . ILE A 1 169 ? 3.139   3.350   -2.693  1.00 29.48  ? 149 ILE A N   1 
ATOM   1030 C  CA  . ILE A 1 169 ? 1.787   3.724   -3.078  1.00 28.65  ? 149 ILE A CA  1 
ATOM   1031 C  C   . ILE A 1 169 ? 1.523   5.169   -2.666  1.00 30.57  ? 149 ILE A C   1 
ATOM   1032 O  O   . ILE A 1 169 ? 0.942   5.957   -3.419  1.00 28.79  ? 149 ILE A O   1 
ATOM   1033 C  CB  . ILE A 1 169 ? 0.747   2.836   -2.367  1.00 25.29  ? 149 ILE A CB  1 
ATOM   1034 C  CG1 . ILE A 1 169 ? 0.815   1.414   -2.920  1.00 23.70  ? 149 ILE A CG1 1 
ATOM   1035 C  CG2 . ILE A 1 169 ? -0.649  3.446   -2.527  1.00 25.26  ? 149 ILE A CG2 1 
ATOM   1036 C  CD1 . ILE A 1 169 ? 0.052   0.385   -2.110  1.00 20.24  ? 149 ILE A CD1 1 
ATOM   1037 N  N   . THR A 1 170 ? 1.955   5.483   -1.450  1.00 30.31  ? 150 THR A N   1 
ATOM   1038 C  CA  . THR A 1 170 ? 1.792   6.789   -0.879  1.00 31.50  ? 150 THR A CA  1 
ATOM   1039 C  C   . THR A 1 170 ? 2.559   7.807   -1.696  1.00 34.15  ? 150 THR A C   1 
ATOM   1040 O  O   . THR A 1 170 ? 2.013   8.859   -2.011  1.00 33.85  ? 150 THR A O   1 
ATOM   1041 C  CB  . THR A 1 170 ? 2.243   6.778   0.590   1.00 32.32  ? 150 THR A CB  1 
ATOM   1042 O  OG1 . THR A 1 170 ? 1.241   6.111   1.373   1.00 32.95  ? 150 THR A OG1 1 
ATOM   1043 C  CG2 . THR A 1 170 ? 2.446   8.179   1.121   1.00 30.66  ? 150 THR A CG2 1 
ATOM   1044 N  N   . GLU A 1 171 ? 3.802   7.494   -2.063  1.00 36.38  ? 151 GLU A N   1 
ATOM   1045 C  CA  . GLU A 1 171 ? 4.620   8.409   -2.871  1.00 40.18  ? 151 GLU A CA  1 
ATOM   1046 C  C   . GLU A 1 171 ? 3.954   8.693   -4.203  1.00 41.51  ? 151 GLU A C   1 
ATOM   1047 O  O   . GLU A 1 171 ? 3.998   9.812   -4.716  1.00 43.06  ? 151 GLU A O   1 
ATOM   1048 C  CB  . GLU A 1 171 ? 5.971   7.800   -3.190  1.00 41.70  ? 151 GLU A CB  1 
ATOM   1049 C  CG  . GLU A 1 171 ? 7.029   7.932   -2.132  1.00 47.57  ? 151 GLU A CG  1 
ATOM   1050 C  CD  . GLU A 1 171 ? 8.318   7.272   -2.589  1.00 49.68  ? 151 GLU A CD  1 
ATOM   1051 O  OE1 . GLU A 1 171 ? 8.807   7.670   -3.676  1.00 49.38  ? 151 GLU A OE1 1 
ATOM   1052 O  OE2 . GLU A 1 171 ? 8.823   6.365   -1.877  1.00 49.23  ? 151 GLU A OE2 1 
ATOM   1053 N  N   . LEU A 1 172 ? 3.371   7.642   -4.761  1.00 42.87  ? 152 LEU A N   1 
ATOM   1054 C  CA  . LEU A 1 172 ? 2.686   7.672   -6.039  1.00 44.44  ? 152 LEU A CA  1 
ATOM   1055 C  C   . LEU A 1 172 ? 1.504   8.628   -5.981  1.00 45.32  ? 152 LEU A C   1 
ATOM   1056 O  O   . LEU A 1 172 ? 1.264   9.401   -6.915  1.00 44.47  ? 152 LEU A O   1 
ATOM   1057 C  CB  . LEU A 1 172 ? 2.200   6.258   -6.359  1.00 46.30  ? 152 LEU A CB  1 
ATOM   1058 C  CG  . LEU A 1 172 ? 2.271   5.782   -7.806  1.00 49.81  ? 152 LEU A CG  1 
ATOM   1059 C  CD1 . LEU A 1 172 ? 1.081   6.314   -8.583  1.00 52.30  ? 152 LEU A CD1 1 
ATOM   1060 C  CD2 . LEU A 1 172 ? 3.599   6.233   -8.428  1.00 49.51  ? 152 LEU A CD2 1 
ATOM   1061 N  N   . ARG A 1 173 ? 0.770   8.568   -4.873  1.00 44.55  ? 153 ARG A N   1 
ATOM   1062 C  CA  . ARG A 1 173 ? -0.395  9.409   -4.682  1.00 46.17  ? 153 ARG A CA  1 
ATOM   1063 C  C   . ARG A 1 173 ? -0.047  10.835  -4.300  1.00 50.50  ? 153 ARG A C   1 
ATOM   1064 O  O   . ARG A 1 173 ? -0.836  11.746  -4.532  1.00 52.04  ? 153 ARG A O   1 
ATOM   1065 C  CB  . ARG A 1 173 ? -1.313  8.805   -3.622  1.00 41.89  ? 153 ARG A CB  1 
ATOM   1066 C  CG  . ARG A 1 173 ? -1.901  7.483   -4.050  1.00 36.73  ? 153 ARG A CG  1 
ATOM   1067 C  CD  . ARG A 1 173 ? -2.773  6.879   -2.992  1.00 33.49  ? 153 ARG A CD  1 
ATOM   1068 N  NE  . ARG A 1 173 ? -3.283  5.598   -3.450  1.00 33.41  ? 153 ARG A NE  1 
ATOM   1069 C  CZ  . ARG A 1 173 ? -4.157  4.848   -2.785  1.00 33.17  ? 153 ARG A CZ  1 
ATOM   1070 N  NH1 . ARG A 1 173 ? -4.625  5.254   -1.610  1.00 29.13  ? 153 ARG A NH1 1 
ATOM   1071 N  NH2 . ARG A 1 173 ? -4.581  3.701   -3.314  1.00 31.93  ? 153 ARG A NH2 1 
HETATM 1072 N  N   . MSE A 1 174 ? 1.125   11.039  -3.711  1.00 54.12  ? 154 MSE A N   1 
HETATM 1073 C  CA  . MSE A 1 174 ? 1.526   12.385  -3.321  1.00 56.86  ? 154 MSE A CA  1 
HETATM 1074 C  C   . MSE A 1 174 ? 1.931   13.164  -4.560  1.00 56.89  ? 154 MSE A C   1 
HETATM 1075 O  O   . MSE A 1 174 ? 1.733   14.372  -4.639  1.00 55.02  ? 154 MSE A O   1 
HETATM 1076 C  CB  . MSE A 1 174 ? 2.693   12.343  -2.334  1.00 59.70  ? 154 MSE A CB  1 
HETATM 1077 C  CG  . MSE A 1 174 ? 2.382   11.636  -1.021  1.00 64.97  ? 154 MSE A CG  1 
HETATM 1078 SE SE  . MSE A 1 174 ? 3.676   12.013  0.388   1.00 69.40  ? 154 MSE A SE  1 
HETATM 1079 C  CE  . MSE A 1 174 ? 5.262   11.349  -0.469  1.00 68.50  ? 154 MSE A CE  1 
ATOM   1080 N  N   . ALA A 1 175 ? 2.512   12.463  -5.523  1.00 57.83  ? 155 ALA A N   1 
ATOM   1081 C  CA  . ALA A 1 175 ? 2.926   13.103  -6.751  1.00 61.27  ? 155 ALA A CA  1 
ATOM   1082 C  C   . ALA A 1 175 ? 1.665   13.610  -7.449  1.00 64.42  ? 155 ALA A C   1 
ATOM   1083 O  O   . ALA A 1 175 ? 1.661   14.689  -8.044  1.00 64.53  ? 155 ALA A O   1 
ATOM   1084 C  CB  . ALA A 1 175 ? 3.664   12.113  -7.633  1.00 59.13  ? 155 ALA A CB  1 
ATOM   1085 N  N   . LYS A 1 176 ? 0.589   12.832  -7.344  1.00 68.11  ? 156 LYS A N   1 
ATOM   1086 C  CA  . LYS A 1 176 ? -0.690  13.168  -7.967  1.00 71.42  ? 156 LYS A CA  1 
ATOM   1087 C  C   . LYS A 1 176 ? -1.352  14.391  -7.335  1.00 73.50  ? 156 LYS A C   1 
ATOM   1088 O  O   . LYS A 1 176 ? -2.215  15.020  -7.949  1.00 74.17  ? 156 LYS A O   1 
ATOM   1089 C  CB  . LYS A 1 176 ? -1.650  11.971  -7.888  1.00 71.93  ? 156 LYS A CB  1 
ATOM   1090 C  CG  . LYS A 1 176 ? -2.978  12.182  -8.610  1.00 72.31  ? 156 LYS A CG  1 
ATOM   1091 C  CD  . LYS A 1 176 ? -2.843  11.907  -10.101 1.00 74.14  ? 156 LYS A CD  1 
ATOM   1092 C  CE  . LYS A 1 176 ? -3.960  12.560  -10.910 1.00 74.64  ? 156 LYS A CE  1 
ATOM   1093 N  NZ  . LYS A 1 176 ? -3.795  14.047  -11.022 1.00 74.15  ? 156 LYS A NZ  1 
ATOM   1094 N  N   . LEU A 1 177 ? -0.962  14.727  -6.109  1.00 76.15  ? 157 LEU A N   1 
ATOM   1095 C  CA  . LEU A 1 177 ? -1.536  15.882  -5.431  1.00 79.31  ? 157 LEU A CA  1 
ATOM   1096 C  C   . LEU A 1 177 ? -0.706  17.131  -5.698  1.00 81.24  ? 157 LEU A C   1 
ATOM   1097 O  O   . LEU A 1 177 ? -1.231  18.237  -5.749  1.00 82.16  ? 157 LEU A O   1 
ATOM   1098 C  CB  . LEU A 1 177 ? -1.620  15.640  -3.920  1.00 80.21  ? 157 LEU A CB  1 
ATOM   1099 C  CG  . LEU A 1 177 ? -2.562  14.549  -3.389  1.00 81.44  ? 157 LEU A CG  1 
ATOM   1100 C  CD1 . LEU A 1 177 ? -2.502  14.540  -1.870  1.00 81.07  ? 157 LEU A CD1 1 
ATOM   1101 C  CD2 . LEU A 1 177 ? -3.991  14.803  -3.849  1.00 81.90  ? 157 LEU A CD2 1 
ATOM   1102 N  N   . PHE A 1 178 ? 0.595   16.947  -5.876  1.00 83.84  ? 158 PHE A N   1 
ATOM   1103 C  CA  . PHE A 1 178 ? 1.495   18.065  -6.130  1.00 86.21  ? 158 PHE A CA  1 
ATOM   1104 C  C   . PHE A 1 178 ? 1.647   18.359  -7.612  1.00 88.29  ? 158 PHE A C   1 
ATOM   1105 O  O   . PHE A 1 178 ? 2.028   19.463  -7.991  1.00 89.17  ? 158 PHE A O   1 
ATOM   1106 C  CB  . PHE A 1 178 ? 2.868   17.788  -5.507  1.00 85.21  ? 158 PHE A CB  1 
ATOM   1107 C  CG  . PHE A 1 178 ? 2.905   17.991  -4.020  1.00 84.11  ? 158 PHE A CG  1 
ATOM   1108 C  CD1 . PHE A 1 178 ? 3.016   19.271  -3.486  1.00 84.07  ? 158 PHE A CD1 1 
ATOM   1109 C  CD2 . PHE A 1 178 ? 2.793   16.910  -3.154  1.00 83.52  ? 158 PHE A CD2 1 
ATOM   1110 C  CE1 . PHE A 1 178 ? 3.013   19.475  -2.107  1.00 83.74  ? 158 PHE A CE1 1 
ATOM   1111 C  CE2 . PHE A 1 178 ? 2.788   17.099  -1.774  1.00 83.47  ? 158 PHE A CE2 1 
ATOM   1112 C  CZ  . PHE A 1 178 ? 2.899   18.385  -1.248  1.00 83.90  ? 158 PHE A CZ  1 
ATOM   1113 N  N   . SER A 1 179 ? 1.358   17.373  -8.453  1.00 90.83  ? 159 SER A N   1 
ATOM   1114 C  CA  . SER A 1 179 ? 1.462   17.581  -9.889  1.00 93.37  ? 159 SER A CA  1 
ATOM   1115 C  C   . SER A 1 179 ? 0.207   18.332  -10.308 1.00 95.30  ? 159 SER A C   1 
ATOM   1116 O  O   . SER A 1 179 ? 0.115   18.855  -11.420 1.00 96.28  ? 159 SER A O   1 
ATOM   1117 C  CB  . SER A 1 179 ? 1.546   16.245  -10.632 1.00 93.10  ? 159 SER A CB  1 
ATOM   1118 O  OG  . SER A 1 179 ? 1.880   16.444  -11.996 1.00 92.56  ? 159 SER A OG  1 
ATOM   1119 N  N   . ASP A 1 180 ? -0.753  18.389  -9.390  1.00 96.81  ? 160 ASP A N   1 
ATOM   1120 C  CA  . ASP A 1 180 ? -2.017  19.068  -9.631  1.00 98.78  ? 160 ASP A CA  1 
ATOM   1121 C  C   . ASP A 1 180 ? -2.146  20.309  -8.752  1.00 99.49  ? 160 ASP A C   1 
ATOM   1122 O  O   . ASP A 1 180 ? -2.197  21.422  -9.321  1.00 100.22 ? 160 ASP A O   1 
ATOM   1123 C  CB  . ASP A 1 180 ? -3.184  18.112  -9.359  1.00 100.17 ? 160 ASP A CB  1 
ATOM   1124 C  CG  . ASP A 1 180 ? -3.261  16.977  -10.371 1.00 101.52 ? 160 ASP A CG  1 
ATOM   1125 O  OD1 . ASP A 1 180 ? -2.255  16.255  -10.550 1.00 101.54 ? 160 ASP A OD1 1 
ATOM   1126 O  OD2 . ASP A 1 180 ? -4.336  16.806  -10.987 1.00 102.87 ? 160 ASP A OD2 1 
HETATM 1127 C  C4  . 3AL B 2 .   ? -3.254  -1.417  -2.801  1.00 34.92  ? 200 3AL A C4  1 
HETATM 1128 C  C5  . 3AL B 2 .   ? -4.136  -0.371  -3.267  1.00 34.46  ? 200 3AL A C5  1 
HETATM 1129 O  O5  . 3AL B 2 .   ? -5.215  0.041   -2.926  1.00 37.63  ? 200 3AL A O5  1 
HETATM 1130 N  N7  . 3AL B 2 .   ? -3.552  0.287   -4.368  1.00 36.27  ? 200 3AL A N7  1 
HETATM 1131 C  C8  . 3AL B 2 .   ? -2.341  -0.351  -4.584  1.00 36.27  ? 200 3AL A C8  1 
HETATM 1132 O  O8  . 3AL B 2 .   ? -1.572  -0.021  -5.479  1.00 34.99  ? 200 3AL A O8  1 
HETATM 1133 N  N9  . 3AL B 2 .   ? -2.132  -1.382  -3.670  1.00 36.03  ? 200 3AL A N9  1 
HETATM 1134 N  N3  . 3AL B 2 .   ? -3.952  -2.697  -2.693  1.00 32.20  ? 200 3AL A N3  1 
HETATM 1135 C  C2  . 3AL B 2 .   ? -3.151  -3.836  -2.198  1.00 28.33  ? 200 3AL A C2  1 
HETATM 1136 N  N1  . 3AL B 2 .   ? -3.740  -4.885  -2.094  1.00 30.29  ? 200 3AL A N1  1 
HETATM 1137 O  O2  . 3AL B 2 .   ? -1.880  -3.649  -1.896  1.00 26.49  ? 200 3AL A O2  1 
HETATM 1138 O  O   . HOH C 3 .   ? -4.279  -8.608  -15.287 1.00 25.41  ? 201 HOH A O   1 
HETATM 1139 O  O   . HOH C 3 .   ? 1.142   -7.197  2.616   1.00 21.78  ? 202 HOH A O   1 
HETATM 1140 O  O   . HOH C 3 .   ? -2.472  0.905   -13.199 1.00 27.23  ? 203 HOH A O   1 
HETATM 1141 O  O   . HOH C 3 .   ? -2.316  -2.395  -12.083 1.00 29.89  ? 204 HOH A O   1 
HETATM 1142 O  O   . HOH C 3 .   ? -4.334  -8.093  -1.502  1.00 28.80  ? 205 HOH A O   1 
HETATM 1143 O  O   . HOH C 3 .   ? 6.700   1.156   12.362  1.00 36.48  ? 206 HOH A O   1 
HETATM 1144 O  O   . HOH C 3 .   ? 2.445   -10.609 10.630  1.00 25.46  ? 207 HOH A O   1 
HETATM 1145 O  O   . HOH C 3 .   ? -5.240  -5.940  6.420   1.00 35.46  ? 208 HOH A O   1 
HETATM 1146 O  O   . HOH C 3 .   ? -6.665  2.864   -1.265  1.00 43.41  ? 209 HOH A O   1 
HETATM 1147 O  O   . HOH C 3 .   ? 2.545   9.478   -9.534  1.00 41.65  ? 210 HOH A O   1 
HETATM 1148 O  O   . HOH C 3 .   ? -5.243  -13.542 10.662  1.00 37.05  ? 211 HOH A O   1 
HETATM 1149 O  O   . HOH C 3 .   ? 12.374  -11.832 14.260  1.00 29.37  ? 212 HOH A O   1 
HETATM 1150 O  O   . HOH C 3 .   ? 9.411   1.410   12.253  1.00 36.47  ? 213 HOH A O   1 
HETATM 1151 O  O   . HOH C 3 .   ? -7.235  1.430   -4.426  1.00 40.52  ? 214 HOH A O   1 
HETATM 1152 O  O   . HOH C 3 .   ? -11.269 -1.378  1.753   1.00 53.26  ? 215 HOH A O   1 
HETATM 1153 O  O   . HOH C 3 .   ? -4.943  -23.341 -2.752  1.00 44.29  ? 216 HOH A O   1 
HETATM 1154 O  O   . HOH C 3 .   ? -2.445  -24.610 -3.022  1.00 42.50  ? 217 HOH A O   1 
HETATM 1155 O  O   . HOH C 3 .   ? -5.380  18.510  -13.242 1.00 50.26  ? 218 HOH A O   1 
HETATM 1156 O  O   . HOH C 3 .   ? 6.362   -7.453  -3.382  1.00 44.60  ? 219 HOH A O   1 
HETATM 1157 O  O   . HOH C 3 .   ? 5.156   1.542   -8.099  1.00 29.09  ? 220 HOH A O   1 
HETATM 1158 O  O   . HOH C 3 .   ? 10.397  4.402   -2.656  1.00 41.87  ? 221 HOH A O   1 
# 
